data_3EDL
#
_entry.id   3EDL
#
loop_
_entity.id
_entity.type
_entity.pdbx_description
1 polymer 'Tubulin alpha-1A chain'
2 polymer 'Beta tubulin'
3 polymer 'Kinesin-like protein KIF2C'
4 polymer 'Tubulin alpha-1A chain'
5 non-polymer 'ZINC ION'
6 non-polymer 'MAGNESIUM ION'
7 non-polymer "GUANOSINE-5'-TRIPHOSPHATE"
8 non-polymer "GUANOSINE-5'-DIPHOSPHATE"
9 non-polymer TAXOL
10 non-polymer 'PHOSPHOAMINOPHOSPHONIC ACID-ADENYLATE ESTER'
11 non-polymer 2-MERCAPTO-N-[1,2,3,10-TETRAMETHOXY-9-OXO-5,6,7,9-TETRAHYDRO-BENZO[A]HEPTALEN-7-YL]ACETAMIDE
12 water water
#
loop_
_entity_poly.entity_id
_entity_poly.type
_entity_poly.pdbx_seq_one_letter_code
_entity_poly.pdbx_strand_id
1 'polypeptide(L)'
;MRECISIHVGQAGVQIGNACWELYCLEHGIQPDGQMPSDKTIGGGDDSFNTFFSETGAGKHVPRAVFVDLEPTVIDEVRT
GTYRQLFHPEQLITGKEDAANNYARGHYTIGKEIIDLVLDRIRKLADQCTGLQGFSVFHSFGGGTGSGFTSLLMERLSVD
YGKKSKLEFSIYPAPQVSTAVVEPYNSILTTHTTLEHSDCAFMVDNEAIYDICRRNLDIERPTYTNLNRLIGQIVSSITA
SLRFDGALNVDLTEFQTNLVPYPRGHFPLATYAPVISAEKAYHEQLSVAEITNACFEPANQMVKCDPRHGKYMACCLLYR
GDVVPKDVNAAIATIKTKRTIQFVDWCPTGFKVGINYEPPTVVPGGDLAKVQRAVCMLSNTTAIAEAWARLDHKFDLMYA
KRAFVHWYVGEGMEEGEFSEAREDMAALEKDYEEVGVDSVEGEGEEEGEEY
;
A
2 'polypeptide(L)'
;MREIVHIQAGQCGNQIGAKFWEVISDEHGIDPTGSYHGDSDLQLERINVYYNEAAGNKYVPRAILVDLEPGTMDSVRSGP
FGQIFRPDNFVFGQSGAGNNWAKGHYTEGAELVDSVLDVVRKESESCDCLQGFQLTHSLGGGTGSGMGTLLISKIREEYP
DRIMNTFSVVPSPKVSDTVVEPYNATLSVHQLVENTDETYCIDNEALYDICFRTLKLTTPTYGDLNHLVSATMSGVTTCL
RFPGQLNADLRKLAVNMVPFPRLHFFMPGFAPLTSRGSQQYRALTVPELTQQMFDAKNMMAACDPRHGRYLTVAAVFRGR
MSMKEVDEQMLNVQNKNSSYFVEWIPNNVKTAVCDIPPRGLKMSATFIGNSTAIQELFKRISEQFTAMFRRKAFLHWYTG
EGMDEMEFTEAESNMNDLVSEYQQYQDATADEQGEFEEEGEEDEA
;
B,G
3 'polypeptide(L)'
;ICVCVRKRPLNKQELAKKEIDVISVPSKCLLLVHEPKLKVDLTKYLENQAFCFDFAFDETASNEVVYRFTARPLVQTIFE
GGKATCFAYGQTGSGKTHTMGGDLSGKSQNASKGIYAMASRDVFLLKNQPRYRNLNLEVYVTFFEIYNGKVFDLLNKKAK
LRVLEDSRQQVQVVGLQEYLVTCADDVIKMINMGSACRTSGQTFANSNSSRSHACFQILLRTKGRLHGKFSLVDLAGNER
GADTSSADRQTRMEGAEINKSLLALKECIRALGQNKAHTPFRESKLTQVLRDSFIGENSRTCMIAMISPGISSCEYTLNT
LRYADRVKELS
;
D
4 'polypeptide(L)'
;MRECISIHVGQAGVQIGNACWELYCLEHGIQPDGQMPSDKTIGGGDDSFNTFFSETGAGKHVPRAVFVDLEPTVIDEVRT
GTYRQLFHPEQLITGKEDAANNYARGHYTIGKEIIDLVLDRIRKLADQCTGLQGFSVFHSFGGGTGSGFTSLLMERLSVD
YGKKSKLEFSIYPAPQVSTAVVEPYNSILTTHTTLEHSDCAFMVDNEAIYDICRRNLDIERPTYTNLNRLIGQIVSSITA
SLRFDGALNVDLTEFQTNLVPYPRIHFPLATYAPVISAEKAYHEQLSVAEITNACFEPANQMVKCDPRHGKYMACCLLYR
GDVVPKDVNAAIATIKTKRTIQFVDWCPTGFKVGINYEPPTVVPGGDLAKVQRAVCMLSNTTAIAEAWARLDHKFDLMYA
KRAFVHWYVGEGMEEGEFSEAREDMAALEKDYEEVGVDSVEGEGEEEGEEY
;
F
#
# COMPACT_ATOMS: atom_id res chain seq x y z
N ARG A 2 64.99 18.21 -3.35
CA ARG A 2 65.39 19.58 -2.94
C ARG A 2 64.29 20.62 -3.15
N GLU A 3 63.66 20.61 -4.32
CA GLU A 3 62.62 21.58 -4.61
C GLU A 3 61.25 21.12 -4.15
N CYS A 4 60.25 21.94 -4.45
CA CYS A 4 58.85 21.68 -4.09
C CYS A 4 57.95 22.41 -5.05
N ILE A 5 57.40 21.71 -6.03
CA ILE A 5 56.49 22.36 -6.98
C ILE A 5 55.27 22.86 -6.23
N SER A 6 54.45 23.65 -6.89
CA SER A 6 53.24 24.18 -6.29
C SER A 6 52.14 24.32 -7.33
N ILE A 7 50.96 23.88 -6.96
CA ILE A 7 49.81 23.93 -7.84
C ILE A 7 48.71 24.74 -7.20
N HIS A 8 48.57 25.97 -7.67
CA HIS A 8 47.56 26.89 -7.15
C HIS A 8 46.24 26.63 -7.86
N VAL A 9 45.31 25.98 -7.18
CA VAL A 9 44.02 25.65 -7.78
C VAL A 9 42.83 26.44 -7.22
N GLY A 10 41.98 26.89 -8.16
CA GLY A 10 40.80 27.67 -7.81
C GLY A 10 41.13 29.15 -7.85
N GLN A 11 40.18 29.99 -8.27
CA GLN A 11 40.45 31.42 -8.31
C GLN A 11 41.22 31.81 -7.08
N ALA A 12 40.64 31.54 -5.91
CA ALA A 12 41.29 31.90 -4.67
C ALA A 12 42.74 31.42 -4.59
N GLY A 13 42.91 30.11 -4.68
CA GLY A 13 44.24 29.52 -4.61
C GLY A 13 45.18 30.20 -5.59
N VAL A 14 44.59 30.89 -6.55
CA VAL A 14 45.33 31.59 -7.58
C VAL A 14 45.61 33.04 -7.15
N GLN A 15 44.66 33.64 -6.45
CA GLN A 15 44.80 35.01 -5.94
C GLN A 15 45.87 34.97 -4.86
N ILE A 16 45.71 34.01 -3.96
CA ILE A 16 46.65 33.78 -2.88
C ILE A 16 47.98 33.44 -3.55
N GLY A 17 47.89 32.70 -4.65
CA GLY A 17 49.07 32.31 -5.38
C GLY A 17 49.81 33.52 -5.89
N ASN A 18 49.11 34.40 -6.60
CA ASN A 18 49.73 35.58 -7.14
C ASN A 18 50.43 36.34 -6.00
N ALA A 19 49.82 36.29 -4.82
CA ALA A 19 50.34 36.97 -3.63
C ALA A 19 51.60 36.34 -3.07
N CYS A 20 51.49 35.05 -2.71
CA CYS A 20 52.63 34.31 -2.20
C CYS A 20 53.71 34.38 -3.24
N TRP A 21 53.31 34.36 -4.51
CA TRP A 21 54.28 34.42 -5.56
C TRP A 21 54.93 35.78 -5.66
N GLU A 22 54.20 36.79 -5.21
CA GLU A 22 54.73 38.14 -5.23
C GLU A 22 55.81 38.24 -4.15
N LEU A 23 55.39 38.08 -2.90
CA LEU A 23 56.31 38.17 -1.79
C LEU A 23 57.63 37.53 -2.17
N TYR A 24 57.57 36.42 -2.91
CA TYR A 24 58.79 35.73 -3.30
C TYR A 24 59.86 36.59 -3.96
N CYS A 25 59.69 36.86 -5.24
CA CYS A 25 60.67 37.66 -5.97
C CYS A 25 61.08 38.86 -5.14
N LEU A 26 60.10 39.43 -4.45
CA LEU A 26 60.29 40.61 -3.62
C LEU A 26 61.44 40.47 -2.61
N GLU A 27 61.66 39.26 -2.13
CA GLU A 27 62.72 39.00 -1.16
C GLU A 27 63.82 38.16 -1.77
N HIS A 28 63.88 38.14 -3.10
CA HIS A 28 64.90 37.40 -3.82
C HIS A 28 65.52 38.25 -4.94
N GLY A 29 65.17 39.53 -4.94
CA GLY A 29 65.70 40.47 -5.91
C GLY A 29 65.48 40.13 -7.38
N ILE A 30 64.36 39.51 -7.68
CA ILE A 30 64.03 39.13 -9.04
C ILE A 30 62.74 39.86 -9.47
N GLN A 31 62.92 41.07 -10.00
CA GLN A 31 61.87 41.94 -10.48
C GLN A 31 60.93 41.26 -11.48
N PRO A 32 59.91 42.01 -11.97
CA PRO A 32 58.92 41.50 -12.95
C PRO A 32 59.41 40.44 -13.88
N ASP A 33 60.44 40.80 -14.64
CA ASP A 33 61.05 39.94 -15.63
C ASP A 33 62.51 39.59 -15.25
N GLY A 34 62.70 38.44 -14.61
CA GLY A 34 64.04 38.03 -14.21
C GLY A 34 64.55 36.79 -14.95
N HIS A 61 63.47 35.03 -13.24
CA HIS A 61 64.05 33.81 -13.80
C HIS A 61 62.92 33.02 -14.46
N VAL A 62 62.37 32.09 -13.69
CA VAL A 62 61.28 31.21 -14.11
C VAL A 62 60.68 30.63 -12.82
N PRO A 63 59.35 30.72 -12.68
CA PRO A 63 58.70 30.17 -11.46
C PRO A 63 58.97 28.69 -11.31
N ARG A 64 58.07 27.99 -10.64
CA ARG A 64 58.23 26.56 -10.46
C ARG A 64 56.90 26.02 -9.98
N ALA A 65 55.83 26.48 -10.62
CA ALA A 65 54.48 26.07 -10.25
C ALA A 65 53.51 26.15 -11.41
N VAL A 66 52.24 25.91 -11.10
CA VAL A 66 51.22 26.01 -12.13
C VAL A 66 49.95 26.64 -11.60
N PHE A 67 49.06 27.01 -12.52
CA PHE A 67 47.80 27.65 -12.16
C PHE A 67 46.59 27.02 -12.84
N VAL A 68 45.68 26.49 -12.04
CA VAL A 68 44.48 25.83 -12.57
C VAL A 68 43.15 26.49 -12.18
N ASP A 69 42.25 26.59 -13.15
CA ASP A 69 40.93 27.19 -12.93
C ASP A 69 40.02 26.90 -14.13
N LEU A 70 38.74 26.72 -13.84
CA LEU A 70 37.75 26.44 -14.86
C LEU A 70 36.97 27.70 -15.22
N GLU A 71 37.51 28.84 -14.80
CA GLU A 71 36.94 30.15 -15.11
C GLU A 71 38.14 30.92 -15.62
N PRO A 72 38.18 31.16 -16.94
CA PRO A 72 39.30 31.88 -17.54
C PRO A 72 39.62 33.24 -16.95
N THR A 73 38.62 34.11 -16.88
CA THR A 73 38.83 35.46 -16.37
C THR A 73 39.75 35.64 -15.16
N VAL A 74 39.86 34.63 -14.29
CA VAL A 74 40.72 34.76 -13.11
C VAL A 74 42.21 34.51 -13.31
N ILE A 75 42.53 33.44 -14.05
CA ILE A 75 43.91 33.09 -14.37
C ILE A 75 44.36 34.16 -15.34
N ASP A 76 43.39 34.73 -16.03
CA ASP A 76 43.67 35.80 -16.97
C ASP A 76 44.27 36.96 -16.18
N GLU A 77 43.81 37.15 -14.95
CA GLU A 77 44.33 38.24 -14.11
C GLU A 77 45.81 38.10 -13.89
N VAL A 78 46.32 36.88 -14.05
CA VAL A 78 47.73 36.62 -13.89
C VAL A 78 48.34 36.79 -15.27
N ARG A 79 47.48 36.80 -16.26
CA ARG A 79 47.88 36.97 -17.66
C ARG A 79 47.77 38.44 -18.09
N THR A 80 47.03 39.24 -17.33
CA THR A 80 46.83 40.64 -17.64
C THR A 80 47.56 41.54 -16.63
N GLY A 81 47.32 41.28 -15.36
CA GLY A 81 47.94 42.08 -14.30
C GLY A 81 49.42 41.89 -14.06
N THR A 82 49.84 42.30 -12.86
CA THR A 82 51.24 42.21 -12.45
C THR A 82 51.76 40.79 -12.60
N TYR A 83 53.08 40.64 -12.53
CA TYR A 83 53.73 39.33 -12.66
C TYR A 83 53.15 38.61 -13.86
N ARG A 84 53.01 39.38 -14.93
CA ARG A 84 52.46 38.91 -16.20
C ARG A 84 53.41 38.01 -16.99
N GLN A 85 54.62 38.50 -17.22
CA GLN A 85 55.62 37.73 -17.99
C GLN A 85 56.57 36.87 -17.16
N LEU A 86 56.29 36.73 -15.88
CA LEU A 86 57.16 35.91 -15.03
C LEU A 86 56.67 34.47 -15.10
N PHE A 87 55.66 34.20 -15.92
CA PHE A 87 55.12 32.86 -16.06
C PHE A 87 55.10 32.42 -17.51
N HIS A 88 55.02 31.11 -17.69
CA HIS A 88 54.95 30.51 -19.00
C HIS A 88 53.51 30.16 -19.26
N PRO A 89 52.96 30.63 -20.38
CA PRO A 89 51.57 30.33 -20.70
C PRO A 89 51.32 28.82 -20.64
N GLU A 90 52.35 28.09 -20.25
CA GLU A 90 52.26 26.64 -20.16
C GLU A 90 51.92 26.20 -18.74
N GLN A 91 52.31 27.02 -17.75
CA GLN A 91 52.02 26.70 -16.33
C GLN A 91 50.78 27.46 -15.88
N LEU A 92 49.98 27.87 -16.86
CA LEU A 92 48.72 28.58 -16.63
C LEU A 92 47.62 27.82 -17.35
N ILE A 93 46.99 26.88 -16.64
CA ILE A 93 45.91 26.07 -17.19
C ILE A 93 44.54 26.70 -16.94
N THR A 94 43.70 26.68 -17.97
CA THR A 94 42.36 27.23 -17.90
C THR A 94 41.37 26.38 -18.69
N GLY A 95 40.12 26.39 -18.26
CA GLY A 95 39.08 25.65 -18.94
C GLY A 95 37.96 26.65 -19.22
N LYS A 96 38.11 27.42 -20.28
CA LYS A 96 37.15 28.45 -20.69
C LYS A 96 35.71 28.15 -20.27
N GLU A 97 35.44 26.86 -20.12
CA GLU A 97 34.13 26.39 -19.75
C GLU A 97 33.55 27.05 -18.52
N ASP A 98 33.04 26.23 -17.61
CA ASP A 98 32.40 26.78 -16.43
C ASP A 98 32.98 26.31 -15.10
N ALA A 99 33.08 27.23 -14.16
CA ALA A 99 33.61 26.94 -12.83
C ALA A 99 32.64 26.08 -12.01
N ALA A 100 31.51 26.68 -11.66
CA ALA A 100 30.45 26.01 -10.89
C ALA A 100 30.82 25.83 -9.45
N ASN A 101 30.14 26.53 -8.56
CA ASN A 101 30.50 26.40 -7.16
C ASN A 101 30.07 25.09 -6.57
N ASN A 102 30.30 24.03 -7.33
CA ASN A 102 29.94 22.73 -6.85
C ASN A 102 31.00 21.68 -7.14
N TYR A 103 31.41 21.03 -6.06
CA TYR A 103 32.39 19.96 -6.06
C TYR A 103 32.19 19.08 -7.29
N ALA A 104 31.22 18.19 -7.21
CA ALA A 104 30.89 17.27 -8.29
C ALA A 104 31.35 17.70 -9.67
N ARG A 105 30.72 18.74 -10.18
CA ARG A 105 31.03 19.28 -11.49
C ARG A 105 32.53 19.53 -11.64
N GLY A 106 33.12 20.19 -10.66
CA GLY A 106 34.54 20.46 -10.75
C GLY A 106 35.43 19.22 -10.65
N HIS A 107 35.03 18.26 -9.83
CA HIS A 107 35.81 17.05 -9.67
C HIS A 107 35.53 16.14 -10.85
N TYR A 108 34.31 15.60 -10.88
CA TYR A 108 33.87 14.69 -11.93
C TYR A 108 33.68 15.42 -13.26
N THR A 109 32.44 15.42 -13.74
CA THR A 109 32.05 16.08 -14.99
C THR A 109 33.08 17.00 -15.64
N ILE A 110 33.01 18.31 -15.38
CA ILE A 110 33.93 19.20 -16.03
C ILE A 110 35.39 19.05 -15.62
N GLY A 111 35.71 19.44 -14.40
CA GLY A 111 37.09 19.34 -13.93
C GLY A 111 37.91 18.20 -14.51
N LYS A 112 37.26 17.09 -14.82
CA LYS A 112 37.94 15.93 -15.38
C LYS A 112 38.71 16.25 -16.65
N GLU A 113 38.00 16.76 -17.64
CA GLU A 113 38.58 17.12 -18.93
C GLU A 113 39.96 17.77 -18.87
N ILE A 114 40.16 18.65 -17.90
CA ILE A 114 41.42 19.38 -17.77
C ILE A 114 42.56 18.63 -17.07
N ILE A 115 42.21 17.91 -16.02
CA ILE A 115 43.16 17.17 -15.21
C ILE A 115 44.36 16.61 -15.96
N ASP A 116 44.13 15.76 -16.97
CA ASP A 116 45.24 15.20 -17.75
C ASP A 116 46.23 16.33 -17.95
N LEU A 117 45.83 17.25 -18.82
CA LEU A 117 46.61 18.42 -19.16
C LEU A 117 47.27 18.99 -17.91
N VAL A 118 46.49 19.19 -16.86
CA VAL A 118 47.03 19.73 -15.61
C VAL A 118 48.22 18.89 -15.21
N LEU A 119 47.94 17.61 -14.93
CA LEU A 119 48.99 16.68 -14.54
C LEU A 119 50.22 16.86 -15.41
N ASP A 120 50.02 16.74 -16.72
CA ASP A 120 51.11 16.87 -17.67
C ASP A 120 52.14 17.91 -17.25
N ARG A 121 51.69 19.06 -16.77
CA ARG A 121 52.65 20.08 -16.35
C ARG A 121 53.36 19.69 -15.07
N ILE A 122 52.63 19.12 -14.12
CA ILE A 122 53.23 18.72 -12.85
C ILE A 122 54.01 17.43 -13.02
N ARG A 123 54.19 17.03 -14.27
CA ARG A 123 54.96 15.84 -14.65
C ARG A 123 56.05 16.32 -15.61
N LYS A 124 55.77 17.46 -16.24
CA LYS A 124 56.69 18.09 -17.18
C LYS A 124 57.58 19.03 -16.39
N LEU A 125 57.01 19.62 -15.34
CA LEU A 125 57.73 20.56 -14.45
C LEU A 125 58.43 19.74 -13.36
N ALA A 126 57.91 18.54 -13.12
CA ALA A 126 58.46 17.67 -12.09
C ALA A 126 59.68 16.91 -12.59
N ASP A 127 59.81 16.85 -13.91
CA ASP A 127 60.92 16.15 -14.54
C ASP A 127 62.12 17.07 -14.66
N GLN A 128 61.90 18.21 -15.30
CA GLN A 128 62.93 19.21 -15.52
C GLN A 128 63.87 19.46 -14.34
N CYS A 129 63.33 19.40 -13.12
CA CYS A 129 64.11 19.65 -11.90
C CYS A 129 65.19 18.60 -11.55
N THR A 130 65.66 18.66 -10.30
CA THR A 130 66.70 17.75 -9.79
C THR A 130 66.27 17.24 -8.40
N GLY A 131 65.93 15.95 -8.32
CA GLY A 131 65.50 15.38 -7.06
C GLY A 131 64.66 16.36 -6.25
N LEU A 132 63.35 16.38 -6.52
CA LEU A 132 62.41 17.27 -5.83
C LEU A 132 61.97 16.66 -4.49
N GLN A 133 61.12 17.37 -3.77
CA GLN A 133 60.63 16.90 -2.48
C GLN A 133 59.10 16.82 -2.43
N GLY A 134 58.43 17.58 -3.28
CA GLY A 134 56.98 17.55 -3.27
C GLY A 134 56.32 18.74 -3.94
N PHE A 135 54.98 18.80 -3.82
CA PHE A 135 54.18 19.87 -4.41
C PHE A 135 53.36 20.65 -3.40
N SER A 136 53.69 21.91 -3.20
CA SER A 136 52.92 22.74 -2.30
C SER A 136 51.67 23.12 -3.08
N VAL A 137 50.55 22.52 -2.73
CA VAL A 137 49.25 22.75 -3.38
C VAL A 137 48.48 23.92 -2.74
N PHE A 138 47.90 24.80 -3.54
CA PHE A 138 47.14 25.92 -2.98
C PHE A 138 45.69 25.92 -3.44
N HIS A 139 44.78 25.55 -2.55
CA HIS A 139 43.35 25.53 -2.90
C HIS A 139 42.47 26.12 -1.82
N SER A 140 41.23 26.42 -2.21
CA SER A 140 40.25 27.01 -1.30
C SER A 140 39.07 26.15 -0.92
N PHE A 141 39.35 25.08 -0.19
CA PHE A 141 38.35 24.15 0.29
C PHE A 141 36.93 24.25 -0.24
N GLY A 142 36.24 25.34 0.10
CA GLY A 142 34.85 25.49 -0.34
C GLY A 142 34.57 26.19 -1.65
N GLY A 143 35.09 25.64 -2.74
CA GLY A 143 34.85 26.23 -4.05
C GLY A 143 34.48 25.13 -5.01
N GLY A 144 34.46 25.43 -6.30
CA GLY A 144 34.13 24.44 -7.28
C GLY A 144 35.44 23.89 -7.85
N THR A 145 36.24 24.77 -8.42
CA THR A 145 37.51 24.41 -9.00
C THR A 145 38.50 24.12 -7.91
N GLY A 146 38.29 24.69 -6.74
CA GLY A 146 39.22 24.49 -5.64
C GLY A 146 39.03 23.22 -4.82
N SER A 147 37.78 22.86 -4.57
CA SER A 147 37.47 21.69 -3.79
C SER A 147 37.55 20.48 -4.71
N GLY A 148 36.58 20.39 -5.61
CA GLY A 148 36.50 19.28 -6.55
C GLY A 148 37.79 18.99 -7.25
N PHE A 149 38.06 19.71 -8.33
CA PHE A 149 39.28 19.50 -9.10
C PHE A 149 40.45 18.94 -8.29
N THR A 150 41.06 19.77 -7.47
CA THR A 150 42.20 19.35 -6.67
C THR A 150 41.95 17.97 -6.15
N SER A 151 40.78 17.80 -5.54
CA SER A 151 40.44 16.50 -5.00
C SER A 151 41.04 15.40 -5.86
N LEU A 152 40.81 15.48 -7.17
CA LEU A 152 41.38 14.46 -8.04
C LEU A 152 42.81 14.76 -8.49
N LEU A 153 43.24 16.01 -8.37
CA LEU A 153 44.60 16.37 -8.74
C LEU A 153 45.51 15.74 -7.71
N MET A 154 45.28 16.07 -6.45
CA MET A 154 46.06 15.49 -5.36
C MET A 154 45.86 14.00 -5.46
N GLU A 155 44.67 13.62 -5.88
CA GLU A 155 44.31 12.21 -6.01
C GLU A 155 45.27 11.56 -6.97
N ARG A 156 45.32 12.07 -8.19
CA ARG A 156 46.23 11.52 -9.21
C ARG A 156 47.73 11.65 -8.87
N LEU A 157 48.07 12.47 -7.89
CA LEU A 157 49.46 12.67 -7.46
C LEU A 157 49.88 11.56 -6.50
N SER A 158 49.09 11.36 -5.46
CA SER A 158 49.37 10.34 -4.48
C SER A 158 49.69 9.00 -5.11
N VAL A 159 49.31 8.82 -6.36
CA VAL A 159 49.59 7.57 -7.05
C VAL A 159 50.79 7.68 -7.98
N ASP A 160 50.93 8.84 -8.62
CA ASP A 160 52.03 9.05 -9.54
C ASP A 160 53.33 9.39 -8.84
N TYR A 161 53.26 9.83 -7.60
CA TYR A 161 54.47 10.15 -6.85
C TYR A 161 54.27 9.85 -5.38
N GLY A 162 53.67 8.71 -5.05
CA GLY A 162 53.45 8.40 -3.65
C GLY A 162 54.70 8.65 -2.83
N LYS A 163 55.84 8.56 -3.50
CA LYS A 163 57.16 8.72 -2.90
C LYS A 163 57.61 10.17 -2.72
N LYS A 164 56.72 11.04 -2.24
CA LYS A 164 57.08 12.44 -2.03
C LYS A 164 56.21 13.09 -0.98
N SER A 165 56.32 14.41 -0.88
CA SER A 165 55.53 15.17 0.07
C SER A 165 54.36 15.85 -0.62
N LYS A 166 53.22 15.79 0.04
CA LYS A 166 52.00 16.39 -0.46
C LYS A 166 51.43 17.31 0.62
N LEU A 167 52.01 18.49 0.72
CA LEU A 167 51.55 19.45 1.70
C LEU A 167 50.61 20.39 0.98
N GLU A 168 49.33 20.31 1.32
CA GLU A 168 48.37 21.18 0.68
C GLU A 168 47.99 22.32 1.61
N PHE A 169 48.20 23.53 1.11
CA PHE A 169 47.90 24.73 1.86
C PHE A 169 46.49 25.22 1.56
N SER A 170 45.57 24.93 2.47
CA SER A 170 44.16 25.30 2.30
C SER A 170 43.67 26.55 3.03
N ILE A 171 42.53 27.06 2.57
CA ILE A 171 41.87 28.24 3.12
C ILE A 171 40.47 27.74 3.40
N TYR A 172 40.33 27.00 4.48
CA TYR A 172 39.07 26.40 4.83
C TYR A 172 38.02 27.39 5.36
N PRO A 173 36.73 27.16 5.01
CA PRO A 173 35.48 27.87 5.30
C PRO A 173 35.40 28.75 6.54
N ALA A 174 35.13 30.04 6.33
CA ALA A 174 35.01 30.98 7.44
C ALA A 174 33.92 30.44 8.34
N PRO A 175 34.20 30.35 9.65
CA PRO A 175 33.29 29.83 10.67
C PRO A 175 31.84 30.36 10.68
N GLN A 176 31.63 31.59 10.23
CA GLN A 176 30.29 32.18 10.20
C GLN A 176 30.12 33.05 8.98
N VAL A 177 31.25 33.48 8.43
CA VAL A 177 31.26 34.35 7.28
C VAL A 177 31.63 33.59 6.02
N SER A 178 30.86 32.55 5.69
CA SER A 178 31.15 31.79 4.48
C SER A 178 30.60 32.61 3.33
N THR A 179 30.84 32.15 2.11
CA THR A 179 30.36 32.86 0.95
C THR A 179 29.34 31.99 0.22
N ALA A 180 29.84 31.01 -0.53
CA ALA A 180 28.99 30.10 -1.27
C ALA A 180 27.90 29.61 -0.34
N VAL A 181 26.74 29.31 -0.92
CA VAL A 181 25.62 28.83 -0.15
C VAL A 181 25.83 27.40 0.24
N VAL A 182 26.52 26.68 -0.62
CA VAL A 182 26.80 25.27 -0.41
C VAL A 182 28.10 24.94 0.31
N GLU A 183 29.08 25.84 0.24
CA GLU A 183 30.39 25.70 0.88
C GLU A 183 30.68 24.36 1.55
N PRO A 184 29.92 23.99 2.61
CA PRO A 184 30.16 22.70 3.25
C PRO A 184 30.13 21.50 2.31
N TYR A 185 29.14 21.45 1.43
CA TYR A 185 29.08 20.35 0.48
C TYR A 185 30.45 20.26 -0.17
N ASN A 186 30.96 21.39 -0.63
CA ASN A 186 32.25 21.43 -1.29
C ASN A 186 33.46 21.18 -0.41
N SER A 187 33.32 21.35 0.90
CA SER A 187 34.45 21.17 1.81
C SER A 187 34.44 19.88 2.59
N ILE A 188 33.30 19.21 2.63
CA ILE A 188 33.28 17.95 3.33
C ILE A 188 33.74 16.96 2.27
N LEU A 189 33.64 17.41 1.01
CA LEU A 189 34.03 16.60 -0.13
C LEU A 189 35.47 16.73 -0.56
N THR A 190 36.08 17.87 -0.28
CA THR A 190 37.47 18.02 -0.65
C THR A 190 38.34 17.43 0.46
N THR A 191 37.76 17.31 1.65
CA THR A 191 38.49 16.77 2.78
C THR A 191 38.58 15.25 2.68
N HIS A 192 37.46 14.60 2.39
CA HIS A 192 37.41 13.15 2.32
C HIS A 192 38.16 12.53 1.17
N THR A 193 38.21 13.27 0.07
CA THR A 193 38.88 12.80 -1.13
C THR A 193 40.38 13.09 -1.10
N THR A 194 40.77 14.13 -0.38
CA THR A 194 42.17 14.51 -0.30
C THR A 194 42.84 13.86 0.91
N LEU A 195 42.04 13.60 1.95
CA LEU A 195 42.51 13.02 3.20
C LEU A 195 43.47 11.86 3.04
N GLU A 196 43.10 10.95 2.17
CA GLU A 196 43.88 9.76 1.92
C GLU A 196 44.94 9.99 0.85
N HIS A 197 45.33 11.25 0.68
CA HIS A 197 46.30 11.62 -0.34
C HIS A 197 47.34 12.68 0.04
N SER A 198 47.01 13.52 1.01
CA SER A 198 47.94 14.57 1.42
C SER A 198 48.91 14.09 2.48
N ASP A 199 49.98 14.86 2.65
CA ASP A 199 51.00 14.55 3.63
C ASP A 199 50.77 15.40 4.87
N CYS A 200 50.60 16.69 4.66
CA CYS A 200 50.34 17.66 5.70
C CYS A 200 49.52 18.75 5.06
N ALA A 201 48.36 19.04 5.63
CA ALA A 201 47.51 20.08 5.08
C ALA A 201 47.52 21.31 5.98
N PHE A 202 48.12 22.39 5.50
CA PHE A 202 48.16 23.62 6.26
C PHE A 202 46.82 24.31 6.12
N MET A 203 46.40 24.98 7.18
CA MET A 203 45.11 25.65 7.15
C MET A 203 45.18 27.08 7.63
N VAL A 204 44.55 27.95 6.85
CA VAL A 204 44.49 29.38 7.13
C VAL A 204 43.03 29.81 6.94
N ASP A 205 42.40 30.19 8.05
CA ASP A 205 41.00 30.58 8.07
C ASP A 205 40.80 32.00 7.58
N ASN A 206 40.05 32.16 6.50
CA ASN A 206 39.80 33.48 5.93
C ASN A 206 39.27 34.50 6.94
N GLU A 207 38.23 34.15 7.70
CA GLU A 207 37.67 35.07 8.71
C GLU A 207 38.65 35.38 9.84
N ALA A 208 39.10 34.34 10.53
CA ALA A 208 40.04 34.50 11.63
C ALA A 208 41.30 35.28 11.24
N ILE A 209 41.44 35.62 9.97
CA ILE A 209 42.57 36.42 9.51
C ILE A 209 42.10 37.87 9.52
N TYR A 210 40.80 38.07 9.30
CA TYR A 210 40.25 39.40 9.31
C TYR A 210 40.44 39.98 10.69
N ASP A 211 40.15 39.18 11.70
CA ASP A 211 40.29 39.63 13.06
C ASP A 211 41.66 40.22 13.18
N ILE A 212 42.66 39.49 12.73
CA ILE A 212 44.02 39.97 12.79
C ILE A 212 44.16 41.33 12.10
N CYS A 213 43.37 41.55 11.05
CA CYS A 213 43.42 42.81 10.31
C CYS A 213 42.67 43.92 11.01
N ARG A 214 41.79 43.52 11.93
CA ARG A 214 41.01 44.47 12.68
C ARG A 214 41.70 44.73 14.01
N ARG A 215 42.02 43.65 14.72
CA ARG A 215 42.65 43.70 16.04
C ARG A 215 44.16 43.86 16.10
N ASN A 216 44.88 43.31 15.13
CA ASN A 216 46.33 43.40 15.15
C ASN A 216 46.93 44.11 13.97
N LEU A 217 46.35 45.23 13.58
CA LEU A 217 46.87 45.95 12.44
C LEU A 217 45.94 47.13 12.18
N ASP A 218 44.71 46.97 12.66
CA ASP A 218 43.70 48.00 12.53
C ASP A 218 43.43 48.46 11.10
N ILE A 219 42.31 47.99 10.55
CA ILE A 219 41.86 48.34 9.20
C ILE A 219 40.56 47.62 8.92
N GLU A 220 39.49 48.37 8.66
CA GLU A 220 38.20 47.75 8.35
C GLU A 220 38.09 47.72 6.84
N ARG A 221 39.21 48.03 6.19
CA ARG A 221 39.32 48.05 4.73
C ARG A 221 40.29 46.93 4.28
N PRO A 222 40.01 45.68 4.66
CA PRO A 222 40.94 44.63 4.23
C PRO A 222 40.49 44.01 2.90
N THR A 223 41.22 44.31 1.84
CA THR A 223 40.90 43.75 0.54
C THR A 223 41.43 42.33 0.54
N TYR A 224 40.84 41.48 -0.29
CA TYR A 224 41.29 40.10 -0.39
C TYR A 224 42.79 40.19 -0.61
N THR A 225 43.19 41.17 -1.40
CA THR A 225 44.59 41.39 -1.71
C THR A 225 45.47 41.51 -0.45
N ASN A 226 44.84 41.59 0.72
CA ASN A 226 45.61 41.69 1.94
C ASN A 226 45.77 40.32 2.57
N LEU A 227 44.66 39.66 2.83
CA LEU A 227 44.71 38.35 3.43
C LEU A 227 45.73 37.57 2.66
N ASN A 228 45.77 37.81 1.35
CA ASN A 228 46.72 37.13 0.51
C ASN A 228 48.17 37.51 0.86
N ARG A 229 48.38 38.78 1.18
CA ARG A 229 49.71 39.26 1.55
C ARG A 229 50.14 38.59 2.82
N LEU A 230 49.15 38.30 3.65
CA LEU A 230 49.40 37.65 4.90
C LEU A 230 49.80 36.21 4.70
N ILE A 231 48.89 35.40 4.21
CA ILE A 231 49.27 34.00 3.98
C ILE A 231 50.53 34.09 3.15
N GLY A 232 50.51 35.07 2.23
CA GLY A 232 51.64 35.31 1.35
C GLY A 232 52.89 35.47 2.18
N GLN A 233 52.72 35.68 3.47
CA GLN A 233 53.83 35.85 4.40
C GLN A 233 54.11 34.53 5.10
N ILE A 234 53.12 34.06 5.85
CA ILE A 234 53.22 32.81 6.58
C ILE A 234 53.76 31.71 5.66
N VAL A 235 53.36 31.74 4.40
CA VAL A 235 53.81 30.75 3.44
C VAL A 235 55.28 30.95 3.13
N SER A 236 55.70 32.21 3.02
CA SER A 236 57.09 32.50 2.71
C SER A 236 58.00 31.91 3.75
N SER A 237 57.46 31.77 4.95
CA SER A 237 58.20 31.22 6.08
C SER A 237 58.32 29.70 5.98
N ILE A 238 57.37 29.10 5.29
CA ILE A 238 57.36 27.68 5.10
C ILE A 238 58.46 27.35 4.10
N THR A 239 58.11 27.38 2.81
CA THR A 239 59.05 27.05 1.74
C THR A 239 60.19 28.05 1.63
N ALA A 240 59.95 29.10 0.85
CA ALA A 240 60.96 30.13 0.61
C ALA A 240 62.20 30.03 1.49
N SER A 241 62.13 30.72 2.63
CA SER A 241 63.21 30.79 3.61
C SER A 241 63.71 29.47 4.18
N LEU A 242 62.83 28.53 4.40
CA LEU A 242 63.25 27.26 4.97
C LEU A 242 64.12 26.47 4.01
N ARG A 243 63.67 26.36 2.76
CA ARG A 243 64.43 25.66 1.74
C ARG A 243 65.70 26.46 1.53
N PHE A 244 65.79 27.57 2.26
CA PHE A 244 66.92 28.50 2.24
C PHE A 244 67.79 28.21 3.48
N ASP A 245 69.11 28.11 3.27
CA ASP A 245 70.10 27.85 4.32
C ASP A 245 69.80 28.58 5.61
N GLY A 246 70.33 28.08 6.72
CA GLY A 246 70.09 28.71 8.01
C GLY A 246 70.80 27.99 9.12
N ALA A 247 70.58 28.45 10.35
CA ALA A 247 71.24 27.86 11.51
C ALA A 247 70.54 26.61 12.05
N LEU A 248 69.36 26.30 11.50
CA LEU A 248 68.61 25.12 11.92
C LEU A 248 67.62 24.60 10.87
N ASN A 249 68.07 24.55 9.62
CA ASN A 249 67.26 24.10 8.49
C ASN A 249 66.19 23.08 8.81
N VAL A 250 65.11 23.14 8.05
CA VAL A 250 63.97 22.25 8.17
C VAL A 250 63.40 21.93 6.79
N ASP A 251 63.66 20.71 6.33
CA ASP A 251 63.21 20.22 5.03
C ASP A 251 61.66 20.05 5.01
N LEU A 252 61.08 19.91 3.83
CA LEU A 252 59.63 19.74 3.77
C LEU A 252 59.27 18.45 4.45
N THR A 253 59.97 17.39 4.10
CA THR A 253 59.70 16.11 4.73
C THR A 253 59.63 16.41 6.22
N GLU A 254 60.71 17.00 6.75
CA GLU A 254 60.80 17.36 8.17
C GLU A 254 59.42 17.63 8.75
N PHE A 255 58.69 18.52 8.10
CA PHE A 255 57.35 18.85 8.56
C PHE A 255 56.56 17.62 8.85
N GLN A 256 55.89 17.11 7.82
CA GLN A 256 55.07 15.94 7.97
C GLN A 256 55.61 14.98 9.03
N THR A 257 56.93 14.79 9.09
CA THR A 257 57.51 13.90 10.08
C THR A 257 57.30 14.46 11.48
N ASN A 258 57.86 15.64 11.73
CA ASN A 258 57.75 16.28 13.03
C ASN A 258 56.37 16.87 13.28
N LEU A 259 55.52 16.89 12.25
CA LEU A 259 54.18 17.49 12.36
C LEU A 259 52.93 16.60 12.32
N VAL A 260 53.01 15.42 11.73
CA VAL A 260 51.81 14.58 11.72
C VAL A 260 52.03 13.34 12.57
N PRO A 261 51.17 13.14 13.57
CA PRO A 261 51.33 11.97 14.42
C PRO A 261 50.65 10.81 13.75
N TYR A 262 49.68 11.10 12.88
CA TYR A 262 48.95 10.02 12.22
C TYR A 262 48.54 10.26 10.77
N PRO A 263 48.65 9.20 9.95
CA PRO A 263 48.33 9.18 8.52
C PRO A 263 47.25 10.09 8.02
N ARG A 264 46.23 10.40 8.82
CA ARG A 264 45.21 11.31 8.33
C ARG A 264 46.06 12.51 7.90
N GLY A 265 45.87 12.96 6.65
CA GLY A 265 46.62 14.08 6.10
C GLY A 265 46.63 15.31 7.00
N HIS A 266 46.58 15.02 8.30
CA HIS A 266 46.52 16.00 9.37
C HIS A 266 46.80 17.42 8.97
N PHE A 267 45.95 18.27 9.53
CA PHE A 267 45.95 19.66 9.22
C PHE A 267 46.42 20.59 10.32
N PRO A 268 47.67 21.04 10.24
CA PRO A 268 48.09 21.97 11.30
C PRO A 268 47.53 23.37 10.96
N LEU A 269 47.80 24.36 11.81
CA LEU A 269 47.32 25.74 11.61
C LEU A 269 48.50 26.67 11.44
N ALA A 270 48.38 27.68 10.58
CA ALA A 270 49.47 28.63 10.40
C ALA A 270 49.30 29.84 11.29
N THR A 271 50.41 30.33 11.84
CA THR A 271 50.38 31.47 12.74
C THR A 271 51.63 32.32 12.49
N TYR A 272 51.51 33.62 12.62
CA TYR A 272 52.69 34.45 12.41
C TYR A 272 52.84 35.33 13.63
N ALA A 273 54.07 35.74 13.96
CA ALA A 273 54.21 36.55 15.16
C ALA A 273 54.19 38.07 14.99
N PRO A 274 55.25 38.66 14.43
CA PRO A 274 55.20 40.13 14.29
C PRO A 274 54.19 40.60 13.29
N VAL A 275 52.92 40.57 13.68
CA VAL A 275 51.86 41.02 12.78
C VAL A 275 51.52 42.41 13.26
N ILE A 276 52.53 43.24 13.41
CA ILE A 276 52.29 44.60 13.86
C ILE A 276 52.12 45.54 12.66
N SER A 277 51.38 46.63 12.86
CA SER A 277 51.09 47.61 11.82
C SER A 277 52.23 48.56 11.46
N ALA A 278 52.54 48.70 10.18
CA ALA A 278 53.62 49.59 9.78
C ALA A 278 53.18 51.04 9.67
N GLU A 279 52.58 51.55 10.73
CA GLU A 279 52.13 52.93 10.73
C GLU A 279 51.75 53.32 12.12
N LYS A 280 50.75 52.62 12.64
CA LYS A 280 50.23 52.89 13.97
C LYS A 280 51.29 52.80 15.03
N ALA A 281 51.19 51.73 15.82
CA ALA A 281 52.10 51.47 16.92
C ALA A 281 53.48 51.14 16.42
N TYR A 282 54.44 51.27 17.33
CA TYR A 282 55.82 50.94 17.02
C TYR A 282 56.66 50.58 18.18
N HIS A 283 56.65 49.29 18.46
CA HIS A 283 57.45 48.77 19.53
C HIS A 283 58.29 47.72 18.79
N GLU A 284 58.07 47.61 17.47
CA GLU A 284 58.80 46.67 16.60
C GLU A 284 59.81 45.81 17.37
N GLN A 285 60.90 46.42 17.84
CA GLN A 285 61.94 45.73 18.61
C GLN A 285 61.31 44.94 19.72
N LEU A 286 60.81 43.77 19.35
CA LEU A 286 60.12 42.91 20.28
C LEU A 286 60.86 41.57 20.40
N SER A 287 62.00 41.59 21.07
CA SER A 287 62.83 40.40 21.22
C SER A 287 62.04 39.11 21.23
N VAL A 288 62.70 38.07 20.75
CA VAL A 288 62.15 36.73 20.67
C VAL A 288 61.15 36.48 21.80
N ALA A 289 61.68 36.49 23.02
CA ALA A 289 60.89 36.26 24.21
C ALA A 289 59.45 36.76 24.06
N GLU A 290 59.24 37.76 23.21
CA GLU A 290 57.90 38.32 23.01
C GLU A 290 57.16 37.72 21.83
N ILE A 291 57.76 37.79 20.66
CA ILE A 291 57.14 37.27 19.43
C ILE A 291 56.70 35.79 19.51
N THR A 292 57.32 35.03 20.40
CA THR A 292 56.97 33.62 20.53
C THR A 292 55.76 33.45 21.42
N ASN A 293 55.61 34.35 22.37
CA ASN A 293 54.48 34.24 23.25
C ASN A 293 53.26 34.70 22.47
N ALA A 294 53.52 35.57 21.49
CA ALA A 294 52.46 36.14 20.65
C ALA A 294 51.91 35.17 19.65
N CYS A 295 52.40 33.93 19.67
CA CYS A 295 51.92 32.94 18.74
C CYS A 295 50.83 32.12 19.36
N PHE A 296 50.97 31.83 20.65
CA PHE A 296 49.97 31.01 21.33
C PHE A 296 48.72 31.72 21.80
N GLU A 297 48.73 33.05 21.83
CA GLU A 297 47.51 33.74 22.20
C GLU A 297 46.63 33.49 20.99
N PRO A 298 45.43 32.96 21.20
CA PRO A 298 44.51 32.65 20.11
C PRO A 298 44.14 33.77 19.13
N ALA A 299 44.36 35.02 19.50
CA ALA A 299 43.99 36.11 18.61
C ALA A 299 45.10 36.43 17.64
N ASN A 300 45.70 35.43 17.04
CA ASN A 300 46.77 35.72 16.11
C ASN A 300 47.15 34.48 15.32
N GLN A 301 46.16 33.67 14.99
CA GLN A 301 46.50 32.44 14.33
C GLN A 301 45.91 32.06 12.99
N MET A 302 45.41 33.04 12.26
CA MET A 302 44.87 32.73 10.95
C MET A 302 43.97 31.50 10.96
N VAL A 303 43.13 31.36 11.98
CA VAL A 303 42.21 30.23 12.08
C VAL A 303 41.29 30.38 13.28
N LYS A 304 39.99 30.34 13.03
CA LYS A 304 38.96 30.48 14.05
C LYS A 304 38.84 29.18 14.84
N CYS A 305 39.98 28.66 15.27
CA CYS A 305 40.00 27.42 16.02
C CYS A 305 40.62 27.68 17.39
N ASP A 306 40.32 28.86 17.93
CA ASP A 306 40.83 29.28 19.24
C ASP A 306 41.07 28.03 20.09
N PRO A 307 42.29 27.89 20.67
CA PRO A 307 42.58 26.70 21.49
C PRO A 307 41.60 26.55 22.65
N ARG A 308 40.34 26.42 22.27
CA ARG A 308 39.19 26.26 23.16
C ARG A 308 39.33 25.02 24.04
N HIS A 309 40.32 24.19 23.73
CA HIS A 309 40.58 22.96 24.49
C HIS A 309 41.61 22.14 23.76
N GLY A 310 41.64 22.31 22.45
CA GLY A 310 42.57 21.58 21.61
C GLY A 310 44.00 21.61 22.09
N LYS A 311 44.47 20.45 22.56
CA LYS A 311 45.83 20.32 23.04
C LYS A 311 46.75 20.25 21.86
N TYR A 312 47.80 21.06 21.85
CA TYR A 312 48.74 21.01 20.75
C TYR A 312 49.33 19.60 20.83
N MET A 313 49.89 19.11 19.74
CA MET A 313 50.50 17.80 19.74
C MET A 313 51.78 17.84 18.94
N ALA A 314 52.14 19.02 18.48
CA ALA A 314 53.36 19.21 17.71
C ALA A 314 53.33 20.57 17.04
N CYS A 315 54.36 21.36 17.30
CA CYS A 315 54.46 22.69 16.72
C CYS A 315 55.83 22.82 16.05
N CYS A 316 55.85 23.50 14.92
CA CYS A 316 57.09 23.69 14.17
C CYS A 316 57.39 25.17 14.18
N LEU A 317 58.07 25.63 15.21
CA LEU A 317 58.38 27.03 15.30
C LEU A 317 59.44 27.48 14.33
N LEU A 318 59.01 28.00 13.19
CA LEU A 318 59.96 28.48 12.20
C LEU A 318 60.26 29.95 12.47
N TYR A 319 61.50 30.22 12.84
CA TYR A 319 61.94 31.57 13.12
C TYR A 319 62.77 32.01 11.95
N ARG A 320 62.91 33.33 11.80
CA ARG A 320 63.69 33.88 10.71
C ARG A 320 64.19 35.23 11.19
N GLY A 321 65.41 35.59 10.78
CA GLY A 321 65.97 36.87 11.21
C GLY A 321 66.99 36.66 12.29
N ASP A 322 67.29 37.71 13.06
CA ASP A 322 68.29 37.62 14.12
C ASP A 322 67.76 36.95 15.39
N VAL A 323 68.07 35.67 15.53
CA VAL A 323 67.63 34.88 16.67
C VAL A 323 68.73 33.96 17.25
N VAL A 324 68.98 34.11 18.54
CA VAL A 324 69.97 33.31 19.24
C VAL A 324 69.32 32.03 19.72
N PRO A 325 69.83 30.89 19.26
CA PRO A 325 69.31 29.58 19.63
C PRO A 325 68.98 29.39 21.09
N LYS A 326 69.71 30.08 21.98
CA LYS A 326 69.43 29.97 23.41
C LYS A 326 68.17 30.75 23.67
N ASP A 327 68.05 31.92 23.04
CA ASP A 327 66.86 32.74 23.19
C ASP A 327 65.65 31.87 22.96
N VAL A 328 65.75 31.01 21.95
CA VAL A 328 64.66 30.10 21.61
C VAL A 328 64.61 28.97 22.61
N ASN A 329 65.74 28.26 22.72
CA ASN A 329 65.86 27.15 23.65
C ASN A 329 65.83 27.73 25.06
N ALA A 330 64.80 28.54 25.30
CA ALA A 330 64.56 29.21 26.58
C ALA A 330 63.16 29.81 26.52
N ALA A 331 62.92 30.55 25.44
CA ALA A 331 61.63 31.18 25.22
C ALA A 331 60.61 30.05 25.10
N ILE A 332 61.06 28.93 24.55
CA ILE A 332 60.22 27.76 24.38
C ILE A 332 60.13 27.01 25.71
N ALA A 333 61.23 27.00 26.44
CA ALA A 333 61.30 26.33 27.73
C ALA A 333 60.26 26.97 28.63
N THR A 334 60.27 28.30 28.67
CA THR A 334 59.32 29.06 29.49
C THR A 334 57.89 28.61 29.13
N ILE A 335 57.64 28.44 27.84
CA ILE A 335 56.34 28.02 27.37
C ILE A 335 56.04 26.60 27.85
N LYS A 336 56.93 25.67 27.55
CA LYS A 336 56.72 24.27 27.94
C LYS A 336 56.24 24.15 29.39
N THR A 337 56.42 25.20 30.16
CA THR A 337 56.02 25.17 31.56
C THR A 337 54.96 26.18 31.94
N LYS A 338 54.10 26.54 30.99
CA LYS A 338 53.02 27.50 31.24
C LYS A 338 51.76 26.68 31.54
N ARG A 339 51.84 25.39 31.25
CA ARG A 339 50.77 24.43 31.48
C ARG A 339 49.39 24.79 30.91
N THR A 340 48.99 26.04 31.05
CA THR A 340 47.71 26.49 30.53
C THR A 340 47.76 26.34 29.00
N ILE A 341 48.91 25.88 28.51
CA ILE A 341 49.13 25.65 27.09
C ILE A 341 49.15 24.15 26.81
N GLN A 342 48.71 23.39 27.81
CA GLN A 342 48.62 21.93 27.79
C GLN A 342 48.86 21.23 26.44
N PHE A 343 49.97 20.48 26.36
CA PHE A 343 50.33 19.70 25.18
C PHE A 343 49.81 18.29 25.38
N VAL A 344 49.67 17.54 24.30
CA VAL A 344 49.16 16.18 24.46
C VAL A 344 49.99 15.39 25.47
N ASP A 345 49.41 14.29 25.91
CA ASP A 345 50.06 13.40 26.88
C ASP A 345 51.18 12.63 26.22
N TRP A 346 50.79 11.73 25.32
CA TRP A 346 51.72 10.88 24.59
C TRP A 346 52.81 11.65 23.90
N CYS A 347 52.93 12.92 24.20
CA CYS A 347 53.95 13.71 23.57
C CYS A 347 54.77 14.47 24.59
N PRO A 348 55.99 14.01 24.84
CA PRO A 348 56.90 14.64 25.78
C PRO A 348 57.19 16.03 25.32
N THR A 349 57.95 16.07 24.24
CA THR A 349 58.37 17.31 23.59
C THR A 349 57.92 17.31 22.13
N GLY A 350 57.18 18.34 21.79
CA GLY A 350 56.65 18.53 20.44
C GLY A 350 56.89 19.97 20.00
N PHE A 351 58.18 20.27 19.82
CA PHE A 351 58.62 21.62 19.44
C PHE A 351 59.81 21.54 18.48
N LYS A 352 59.48 21.62 17.20
CA LYS A 352 60.48 21.62 16.12
C LYS A 352 60.91 23.07 15.87
N VAL A 353 62.10 23.38 16.38
CA VAL A 353 62.66 24.73 16.27
C VAL A 353 63.42 24.87 14.95
N GLY A 354 62.83 25.65 14.08
CA GLY A 354 63.38 25.95 12.74
C GLY A 354 63.88 27.39 12.73
N ILE A 355 65.19 27.52 12.57
CA ILE A 355 65.85 28.82 12.53
C ILE A 355 66.45 29.10 11.15
N ASN A 356 66.05 30.23 10.64
CA ASN A 356 66.53 30.75 9.36
C ASN A 356 67.32 32.02 9.67
N TYR A 357 68.00 32.53 8.67
CA TYR A 357 68.84 33.74 8.86
C TYR A 357 68.11 35.00 8.42
N GLU A 358 68.04 35.18 7.12
CA GLU A 358 67.41 36.35 6.50
C GLU A 358 66.09 36.72 7.19
N PRO A 359 65.96 37.94 7.74
CA PRO A 359 64.73 38.37 8.39
C PRO A 359 63.60 38.36 7.38
N PRO A 360 62.33 38.59 7.81
CA PRO A 360 61.19 38.60 6.87
C PRO A 360 61.38 39.71 5.83
N THR A 361 60.41 39.82 4.92
CA THR A 361 60.48 40.84 3.88
C THR A 361 59.08 41.31 3.56
N VAL A 362 58.74 42.46 4.13
CA VAL A 362 57.44 43.07 3.99
C VAL A 362 57.27 43.87 2.70
N VAL A 363 56.06 43.84 2.19
CA VAL A 363 55.71 44.58 0.99
C VAL A 363 56.16 46.02 1.22
N PRO A 364 56.79 46.63 0.21
CA PRO A 364 57.30 48.01 0.26
C PRO A 364 56.39 48.98 1.00
N GLY A 365 55.10 48.89 0.72
CA GLY A 365 54.17 49.80 1.35
C GLY A 365 52.76 49.30 1.53
N GLY A 366 52.62 48.06 1.98
CA GLY A 366 51.29 47.51 2.20
C GLY A 366 50.79 48.03 3.55
N ASP A 367 50.90 47.19 4.57
CA ASP A 367 50.47 47.54 5.91
C ASP A 367 51.14 46.67 6.95
N LEU A 368 52.11 45.87 6.52
CA LEU A 368 52.85 44.97 7.41
C LEU A 368 54.01 45.74 8.02
N ALA A 369 54.09 45.72 9.34
CA ALA A 369 55.14 46.41 10.09
C ALA A 369 56.50 46.44 9.41
N LYS A 370 57.19 45.31 9.50
CA LYS A 370 58.54 45.07 8.97
C LYS A 370 59.54 45.05 10.13
N VAL A 371 59.57 43.89 10.78
CA VAL A 371 60.42 43.65 11.93
C VAL A 371 61.71 42.98 11.44
N GLN A 372 62.60 42.66 12.36
CA GLN A 372 63.84 41.99 12.03
C GLN A 372 63.88 40.62 12.68
N ARG A 373 62.73 39.96 12.65
CA ARG A 373 62.60 38.62 13.21
C ARG A 373 61.10 38.32 13.33
N ALA A 374 60.74 37.07 13.04
CA ALA A 374 59.35 36.63 13.10
C ALA A 374 59.26 35.16 13.42
N VAL A 375 58.06 34.74 13.80
CA VAL A 375 57.78 33.34 14.17
C VAL A 375 56.54 32.81 13.48
N CYS A 376 56.75 32.01 12.44
CA CYS A 376 55.66 31.40 11.70
C CYS A 376 55.52 30.00 12.26
N MET A 377 54.75 29.88 13.33
CA MET A 377 54.57 28.62 13.99
C MET A 377 53.29 28.00 13.50
N LEU A 378 53.38 26.74 13.12
CA LEU A 378 52.25 26.00 12.64
C LEU A 378 52.16 24.79 13.54
N SER A 379 50.99 24.18 13.62
CA SER A 379 50.83 23.04 14.52
C SER A 379 49.54 22.27 14.36
N ASN A 380 49.55 21.06 14.91
CA ASN A 380 48.38 20.20 14.90
C ASN A 380 47.83 20.39 16.31
N THR A 381 46.57 20.79 16.38
CA THR A 381 45.94 21.04 17.67
C THR A 381 44.62 20.29 17.71
N THR A 382 44.40 19.59 18.81
CA THR A 382 43.15 18.85 19.01
C THR A 382 42.01 19.85 18.89
N ALA A 383 42.37 21.09 18.63
CA ALA A 383 41.40 22.15 18.51
C ALA A 383 40.51 21.99 17.32
N ILE A 384 41.07 21.67 16.17
CA ILE A 384 40.25 21.53 14.98
C ILE A 384 39.09 20.56 15.20
N ALA A 385 39.14 19.80 16.30
CA ALA A 385 38.05 18.88 16.63
C ALA A 385 36.82 19.73 16.46
N GLU A 386 36.97 21.00 16.83
CA GLU A 386 35.91 21.98 16.69
C GLU A 386 35.70 22.22 15.21
N ALA A 387 36.43 23.20 14.68
CA ALA A 387 36.35 23.60 13.28
C ALA A 387 35.78 22.56 12.30
N TRP A 388 36.17 21.30 12.45
CA TRP A 388 35.65 20.25 11.59
C TRP A 388 34.21 20.01 11.99
N ALA A 389 34.01 19.83 13.29
CA ALA A 389 32.68 19.62 13.85
C ALA A 389 31.73 20.64 13.25
N ARG A 390 31.91 21.90 13.64
CA ARG A 390 31.10 23.02 13.17
C ARG A 390 30.89 23.08 11.66
N LEU A 391 31.75 22.44 10.90
CA LEU A 391 31.65 22.49 9.45
C LEU A 391 30.93 21.28 8.94
N ASP A 392 30.97 20.23 9.74
CA ASP A 392 30.32 18.98 9.41
C ASP A 392 28.83 19.17 9.63
N HIS A 393 28.50 19.65 10.82
CA HIS A 393 27.13 19.92 11.23
C HIS A 393 26.46 20.68 10.10
N LYS A 394 27.07 21.78 9.68
CA LYS A 394 26.56 22.59 8.56
C LYS A 394 25.97 21.66 7.50
N PHE A 395 26.89 20.90 6.92
CA PHE A 395 26.61 19.92 5.87
C PHE A 395 25.28 19.19 6.10
N ASP A 396 25.20 18.46 7.21
CA ASP A 396 24.01 17.71 7.55
C ASP A 396 22.75 18.53 7.34
N LEU A 397 22.67 19.63 8.05
CA LEU A 397 21.50 20.46 7.95
C LEU A 397 20.95 20.50 6.53
N MET A 398 21.82 20.79 5.57
CA MET A 398 21.41 20.87 4.17
C MET A 398 21.15 19.51 3.55
N TYR A 399 22.10 18.61 3.73
CA TYR A 399 21.94 17.27 3.19
C TYR A 399 20.63 16.70 3.73
N ALA A 400 20.38 16.99 5.00
CA ALA A 400 19.18 16.52 5.65
C ALA A 400 17.94 16.85 4.82
N LYS A 401 18.09 17.79 3.89
CA LYS A 401 16.98 18.20 3.02
C LYS A 401 17.38 18.14 1.55
N ARG A 402 18.56 17.60 1.32
CA ARG A 402 19.09 17.46 -0.02
C ARG A 402 19.44 18.79 -0.64
N ALA A 403 18.99 19.87 -0.03
CA ALA A 403 19.24 21.20 -0.56
C ALA A 403 19.76 21.13 -1.99
N PHE A 404 20.91 21.73 -2.25
CA PHE A 404 21.46 21.75 -3.59
C PHE A 404 22.06 20.45 -4.04
N VAL A 405 21.38 19.34 -3.75
CA VAL A 405 21.93 18.06 -4.14
C VAL A 405 21.76 17.84 -5.63
N HIS A 406 20.58 18.16 -6.16
CA HIS A 406 20.38 17.93 -7.58
C HIS A 406 21.43 18.55 -8.45
N TRP A 407 22.24 19.44 -7.87
CA TRP A 407 23.26 20.10 -8.64
C TRP A 407 24.47 19.27 -8.82
N TYR A 408 24.66 18.30 -7.95
CA TYR A 408 25.83 17.42 -8.06
C TYR A 408 25.45 16.15 -8.76
N VAL A 409 24.35 15.55 -8.32
CA VAL A 409 23.89 14.30 -8.91
C VAL A 409 23.93 14.46 -10.41
N GLY A 410 23.27 15.52 -10.89
CA GLY A 410 23.23 15.78 -12.31
C GLY A 410 24.61 16.10 -12.83
N GLU A 411 25.62 15.83 -12.03
CA GLU A 411 26.98 16.10 -12.43
C GLU A 411 27.89 14.91 -12.15
N GLY A 412 27.32 13.71 -12.23
CA GLY A 412 28.12 12.52 -12.01
C GLY A 412 28.63 12.28 -10.61
N MET A 413 27.68 12.18 -9.68
CA MET A 413 27.92 11.93 -8.28
C MET A 413 26.73 11.11 -7.85
N GLU A 414 26.62 10.78 -6.58
CA GLU A 414 25.50 9.97 -6.15
C GLU A 414 25.22 10.17 -4.68
N GLU A 415 24.13 9.57 -4.20
CA GLU A 415 23.81 9.66 -2.78
C GLU A 415 24.99 9.03 -2.05
N GLY A 416 25.75 8.25 -2.80
CA GLY A 416 26.90 7.59 -2.22
C GLY A 416 27.93 8.62 -1.79
N GLU A 417 28.64 9.18 -2.75
CA GLU A 417 29.68 10.14 -2.45
C GLU A 417 29.38 11.11 -1.33
N PHE A 418 28.14 11.57 -1.20
CA PHE A 418 27.84 12.48 -0.11
C PHE A 418 27.82 11.68 1.19
N SER A 419 26.77 10.88 1.36
CA SER A 419 26.62 10.07 2.57
C SER A 419 27.88 9.32 2.94
N GLU A 420 28.63 8.87 1.95
CA GLU A 420 29.83 8.11 2.23
C GLU A 420 31.07 8.96 2.49
N ALA A 421 30.93 10.28 2.34
CA ALA A 421 32.04 11.21 2.61
C ALA A 421 31.72 11.93 3.91
N ARG A 422 30.49 11.74 4.34
CA ARG A 422 30.03 12.31 5.57
C ARG A 422 30.55 11.34 6.62
N GLU A 423 30.23 10.05 6.43
CA GLU A 423 30.71 9.01 7.33
C GLU A 423 32.22 9.19 7.45
N ASP A 424 32.85 9.55 6.33
CA ASP A 424 34.29 9.75 6.27
C ASP A 424 34.72 10.69 7.38
N MET A 425 34.35 11.96 7.25
CA MET A 425 34.72 12.93 8.23
C MET A 425 34.27 12.53 9.63
N ALA A 426 33.15 11.84 9.74
CA ALA A 426 32.68 11.41 11.05
C ALA A 426 33.87 10.85 11.84
N ALA A 427 34.62 9.94 11.22
CA ALA A 427 35.78 9.31 11.84
C ALA A 427 36.99 10.25 11.84
N LEU A 428 36.73 11.53 11.63
CA LEU A 428 37.77 12.54 11.63
C LEU A 428 37.45 13.40 12.85
N GLU A 429 36.21 13.26 13.32
CA GLU A 429 35.72 13.95 14.48
C GLU A 429 36.04 13.05 15.68
N LYS A 430 36.14 11.75 15.41
CA LYS A 430 36.47 10.76 16.43
C LYS A 430 37.98 10.68 16.53
N ASP A 431 38.62 10.76 15.37
CA ASP A 431 40.07 10.70 15.29
C ASP A 431 40.69 11.83 16.09
N TYR A 432 40.38 13.07 15.69
CA TYR A 432 40.88 14.25 16.36
C TYR A 432 40.45 14.33 17.80
N GLU A 433 39.60 13.40 18.21
CA GLU A 433 39.09 13.33 19.57
C GLU A 433 39.90 12.30 20.35
N GLU A 434 40.10 11.14 19.74
CA GLU A 434 40.85 10.08 20.39
C GLU A 434 42.33 10.39 20.57
N VAL A 435 42.97 10.92 19.54
CA VAL A 435 44.39 11.24 19.62
C VAL A 435 44.65 12.28 20.69
N GLY A 436 43.59 12.68 21.38
CA GLY A 436 43.73 13.66 22.44
C GLY A 436 42.61 13.50 23.45
N VAL A 437 42.47 14.46 24.35
CA VAL A 437 41.42 14.45 25.37
C VAL A 437 41.54 13.20 26.27
N ASP A 438 42.36 12.24 25.84
CA ASP A 438 42.52 11.00 26.60
C ASP A 438 44.00 10.68 26.89
N SER A 439 44.25 9.96 27.99
CA SER A 439 45.61 9.61 28.36
C SER A 439 45.80 8.11 28.58
N ARG B 2 32.90 32.90 -22.18
CA ARG B 2 31.49 32.45 -22.02
C ARG B 2 30.57 33.35 -22.83
N GLU B 3 29.28 33.00 -22.91
CA GLU B 3 28.30 33.78 -23.68
C GLU B 3 26.84 33.58 -23.23
N ILE B 4 25.95 34.35 -23.85
CA ILE B 4 24.50 34.31 -23.61
C ILE B 4 23.81 34.93 -24.83
N VAL B 5 22.52 34.62 -25.02
CA VAL B 5 21.77 35.21 -26.12
C VAL B 5 20.37 35.66 -25.66
N HIS B 6 20.25 36.97 -25.47
CA HIS B 6 19.04 37.60 -25.01
C HIS B 6 17.86 37.23 -25.88
N ILE B 7 16.66 37.30 -25.31
CA ILE B 7 15.43 36.99 -26.04
C ILE B 7 14.28 37.95 -25.67
N GLN B 8 13.92 38.83 -26.61
CA GLN B 8 12.85 39.83 -26.42
C GLN B 8 11.46 39.35 -26.84
N ALA B 9 10.88 38.44 -26.06
CA ALA B 9 9.54 37.91 -26.37
C ALA B 9 8.39 38.87 -26.12
N GLY B 10 7.52 39.02 -27.11
CA GLY B 10 6.38 39.91 -26.94
C GLY B 10 6.73 41.37 -27.08
N GLN B 11 5.79 42.26 -26.76
CA GLN B 11 6.03 43.70 -26.84
C GLN B 11 6.81 44.11 -25.62
N CYS B 12 6.22 43.88 -24.45
CA CYS B 12 6.88 44.24 -23.22
C CYS B 12 8.30 43.76 -23.25
N GLY B 13 8.47 42.45 -23.21
CA GLY B 13 9.80 41.87 -23.24
C GLY B 13 10.63 42.58 -24.28
N ASN B 14 9.95 43.10 -25.30
CA ASN B 14 10.63 43.80 -26.36
C ASN B 14 10.94 45.23 -25.91
N GLN B 15 9.91 45.98 -25.53
CA GLN B 15 10.06 47.36 -25.07
C GLN B 15 11.26 47.42 -24.14
N ILE B 16 11.30 46.47 -23.21
CA ILE B 16 12.40 46.35 -22.24
C ILE B 16 13.72 46.05 -22.94
N GLY B 17 13.67 45.27 -24.00
CA GLY B 17 14.87 44.96 -24.73
C GLY B 17 15.56 46.28 -25.03
N ALA B 18 14.79 47.22 -25.57
CA ALA B 18 15.33 48.52 -25.91
C ALA B 18 15.99 49.17 -24.72
N LYS B 19 15.46 48.94 -23.52
CA LYS B 19 16.04 49.57 -22.34
C LYS B 19 17.19 48.73 -21.81
N PHE B 20 17.09 47.42 -21.90
CA PHE B 20 18.18 46.57 -21.43
C PHE B 20 19.39 46.77 -22.31
N TRP B 21 19.16 47.03 -23.57
CA TRP B 21 20.26 47.24 -24.48
C TRP B 21 20.68 48.69 -24.50
N GLU B 22 19.75 49.57 -24.18
CA GLU B 22 20.05 50.99 -24.10
C GLU B 22 21.18 51.05 -23.10
N VAL B 23 20.91 50.53 -21.91
CA VAL B 23 21.86 50.49 -20.82
C VAL B 23 23.14 49.75 -21.20
N ILE B 24 23.08 48.44 -20.99
CA ILE B 24 24.17 47.53 -21.27
C ILE B 24 25.20 48.05 -22.25
N SER B 25 24.74 48.63 -23.36
CA SER B 25 25.65 49.14 -24.38
C SER B 25 26.57 50.19 -23.76
N ASP B 26 25.98 51.21 -23.16
CA ASP B 26 26.72 52.30 -22.50
C ASP B 26 27.64 51.71 -21.44
N GLU B 27 27.21 50.59 -20.86
CA GLU B 27 27.98 49.86 -19.84
C GLU B 27 28.95 48.97 -20.61
N HIS B 28 29.18 49.33 -21.87
CA HIS B 28 30.08 48.59 -22.73
C HIS B 28 30.50 49.46 -23.91
N GLY B 29 30.29 50.77 -23.77
CA GLY B 29 30.67 51.74 -24.81
C GLY B 29 30.35 51.43 -26.27
N ILE B 30 29.16 50.89 -26.52
CA ILE B 30 28.75 50.58 -27.88
C ILE B 30 27.65 51.53 -28.33
N ASP B 31 28.02 52.46 -29.21
CA ASP B 31 27.11 53.45 -29.76
C ASP B 31 26.21 52.77 -30.78
N PRO B 32 25.02 53.36 -31.05
CA PRO B 32 24.07 52.78 -32.01
C PRO B 32 24.68 51.69 -32.88
N THR B 33 25.35 52.08 -33.97
CA THR B 33 25.98 51.10 -34.85
C THR B 33 27.48 51.19 -34.61
N GLY B 34 27.89 52.26 -33.91
CA GLY B 34 29.30 52.46 -33.61
C GLY B 34 29.93 51.25 -32.94
N SER B 35 31.16 51.42 -32.47
CA SER B 35 31.87 50.32 -31.82
C SER B 35 32.06 50.55 -30.34
N TYR B 36 33.26 50.22 -29.89
CA TYR B 36 33.62 50.37 -28.50
C TYR B 36 34.34 51.69 -28.22
N HIS B 37 33.59 52.68 -27.75
CA HIS B 37 34.13 53.99 -27.38
C HIS B 37 34.60 53.91 -25.93
N GLY B 38 34.27 52.78 -25.31
CA GLY B 38 34.61 52.51 -23.92
C GLY B 38 35.59 53.44 -23.24
N ASP B 39 35.11 54.14 -22.23
CA ASP B 39 35.94 55.06 -21.47
C ASP B 39 37.16 54.30 -20.99
N SER B 40 36.99 52.99 -20.79
CA SER B 40 38.08 52.15 -20.32
C SER B 40 38.48 51.12 -21.37
N ASP B 41 39.16 50.06 -20.92
CA ASP B 41 39.64 49.00 -21.80
C ASP B 41 39.12 47.66 -21.30
N LEU B 42 38.53 47.68 -20.11
CA LEU B 42 37.99 46.48 -19.48
C LEU B 42 36.58 46.13 -19.94
N GLN B 43 35.85 47.13 -20.43
CA GLN B 43 34.48 46.94 -20.89
C GLN B 43 34.48 46.27 -22.27
N LEU B 44 35.55 45.56 -22.58
CA LEU B 44 35.68 44.93 -23.89
C LEU B 44 36.20 43.50 -23.89
N GLU B 45 37.07 43.17 -22.95
CA GLU B 45 37.65 41.84 -22.88
C GLU B 45 36.61 40.74 -22.65
N ARG B 46 35.40 41.13 -22.28
CA ARG B 46 34.37 40.15 -22.00
C ARG B 46 33.05 40.41 -22.74
N ILE B 47 32.99 41.45 -23.56
CA ILE B 47 31.75 41.78 -24.27
C ILE B 47 31.09 40.57 -24.91
N ASN B 48 31.88 39.83 -25.70
CA ASN B 48 31.41 38.65 -26.39
C ASN B 48 30.12 38.11 -25.82
N VAL B 49 30.06 38.00 -24.50
CA VAL B 49 28.85 37.52 -23.82
C VAL B 49 27.53 38.01 -24.45
N TYR B 50 27.56 39.19 -25.07
CA TYR B 50 26.36 39.78 -25.68
C TYR B 50 26.47 40.26 -27.12
N TYR B 51 27.63 40.12 -27.76
CA TYR B 51 27.77 40.61 -29.13
C TYR B 51 28.45 39.65 -30.09
N ASN B 52 28.74 40.13 -31.30
CA ASN B 52 29.41 39.32 -32.31
C ASN B 52 30.32 40.18 -33.19
N GLU B 53 31.45 39.61 -33.60
CA GLU B 53 32.42 40.31 -34.44
C GLU B 53 32.18 40.07 -35.92
N ALA B 54 31.93 41.16 -36.65
CA ALA B 54 31.70 41.08 -38.10
C ALA B 54 32.57 42.12 -38.80
N ALA B 55 32.19 43.38 -38.68
CA ALA B 55 32.94 44.46 -39.30
C ALA B 55 34.25 44.71 -38.54
N GLY B 56 34.15 45.50 -37.47
CA GLY B 56 35.33 45.81 -36.66
C GLY B 56 35.01 47.02 -35.80
N ASN B 57 33.78 47.49 -35.96
CA ASN B 57 33.24 48.64 -35.23
C ASN B 57 31.78 48.31 -34.97
N LYS B 58 31.35 47.19 -35.52
CA LYS B 58 29.97 46.77 -35.38
C LYS B 58 29.83 45.48 -34.58
N TYR B 59 29.72 45.63 -33.27
CA TYR B 59 29.52 44.50 -32.38
C TYR B 59 28.00 44.51 -32.21
N VAL B 60 27.33 43.57 -32.86
CA VAL B 60 25.88 43.53 -32.80
C VAL B 60 25.29 42.69 -31.69
N PRO B 61 24.34 43.27 -30.93
CA PRO B 61 23.71 42.54 -29.84
C PRO B 61 23.17 41.21 -30.34
N ARG B 62 23.48 40.17 -29.58
CA ARG B 62 23.05 38.82 -29.93
C ARG B 62 21.81 38.44 -29.15
N ALA B 63 20.70 39.05 -29.54
CA ALA B 63 19.41 38.80 -28.92
C ALA B 63 18.40 38.39 -29.98
N ILE B 64 17.18 38.08 -29.56
CA ILE B 64 16.15 37.72 -30.51
C ILE B 64 14.95 38.61 -30.22
N LEU B 65 14.28 39.08 -31.28
CA LEU B 65 13.11 39.92 -31.13
C LEU B 65 11.90 39.20 -31.71
N VAL B 66 11.15 38.57 -30.82
CA VAL B 66 9.98 37.79 -31.18
C VAL B 66 8.69 38.54 -30.84
N ASP B 67 7.84 38.70 -31.85
CA ASP B 67 6.57 39.41 -31.67
C ASP B 67 5.63 39.28 -32.87
N LEU B 68 4.34 39.13 -32.59
CA LEU B 68 3.31 38.97 -33.62
C LEU B 68 2.62 40.29 -33.98
N GLU B 69 3.17 41.39 -33.48
CA GLU B 69 2.61 42.71 -33.72
C GLU B 69 3.71 43.53 -34.36
N PRO B 70 3.60 43.82 -35.66
CA PRO B 70 4.65 44.60 -36.29
C PRO B 70 4.93 45.93 -35.57
N GLY B 71 3.97 46.86 -35.61
CA GLY B 71 4.12 48.15 -34.97
C GLY B 71 5.13 48.24 -33.83
N THR B 72 5.12 47.24 -32.94
CA THR B 72 6.04 47.21 -31.81
C THR B 72 7.48 47.23 -32.26
N MET B 73 7.98 46.08 -32.73
CA MET B 73 9.37 45.98 -33.18
C MET B 73 9.69 47.09 -34.18
N ASP B 74 8.64 47.63 -34.82
CA ASP B 74 8.80 48.71 -35.78
C ASP B 74 8.81 50.08 -35.09
N SER B 75 8.89 50.06 -33.77
CA SER B 75 8.95 51.27 -32.96
C SER B 75 10.31 51.19 -32.27
N VAL B 76 10.72 49.96 -31.99
CA VAL B 76 11.99 49.69 -31.36
C VAL B 76 13.07 49.75 -32.42
N ARG B 77 12.70 49.43 -33.65
CA ARG B 77 13.65 49.45 -34.75
C ARG B 77 13.67 50.81 -35.46
N SER B 78 12.71 51.67 -35.13
CA SER B 78 12.63 52.98 -35.77
C SER B 78 12.98 54.13 -34.82
N GLY B 79 13.53 53.80 -33.66
CA GLY B 79 13.88 54.83 -32.70
C GLY B 79 15.38 54.98 -32.46
N PRO B 80 15.80 55.09 -31.19
CA PRO B 80 17.24 55.23 -30.85
C PRO B 80 18.09 54.04 -31.31
N PHE B 81 18.64 53.31 -30.33
CA PHE B 81 19.49 52.16 -30.61
C PHE B 81 18.84 51.13 -31.52
N GLY B 82 17.62 51.38 -31.94
CA GLY B 82 16.91 50.44 -32.77
C GLY B 82 17.63 49.93 -34.02
N GLN B 83 18.63 50.68 -34.50
CA GLN B 83 19.34 50.27 -35.71
C GLN B 83 20.67 49.58 -35.47
N ILE B 84 20.75 48.77 -34.42
CA ILE B 84 21.98 48.03 -34.11
C ILE B 84 21.75 46.53 -34.26
N PHE B 85 20.49 46.12 -34.15
CA PHE B 85 20.15 44.71 -34.30
C PHE B 85 20.23 44.35 -35.78
N ARG B 86 20.85 43.23 -36.10
CA ARG B 86 20.91 42.80 -37.50
C ARG B 86 19.46 42.41 -37.77
N PRO B 87 18.91 42.82 -38.93
CA PRO B 87 17.51 42.50 -39.29
C PRO B 87 17.15 41.03 -39.11
N ASP B 88 18.15 40.18 -39.26
CA ASP B 88 17.96 38.75 -39.12
C ASP B 88 17.36 38.44 -37.74
N ASN B 89 17.65 39.31 -36.76
CA ASN B 89 17.17 39.16 -35.39
C ASN B 89 15.67 39.32 -35.25
N PHE B 90 15.07 40.17 -36.07
CA PHE B 90 13.64 40.42 -36.02
C PHE B 90 12.78 39.26 -36.50
N VAL B 91 12.27 38.45 -35.58
CA VAL B 91 11.39 37.35 -35.97
C VAL B 91 9.97 37.81 -35.68
N PHE B 92 9.39 38.52 -36.63
CA PHE B 92 8.05 39.06 -36.52
C PHE B 92 6.96 38.08 -36.95
N GLY B 93 5.73 38.41 -36.62
CA GLY B 93 4.60 37.59 -37.00
C GLY B 93 3.49 38.56 -37.30
N GLN B 94 3.49 39.11 -38.52
CA GLN B 94 2.49 40.10 -38.92
C GLN B 94 1.04 39.67 -38.69
N SER B 95 0.85 38.44 -38.25
CA SER B 95 -0.47 37.91 -37.97
C SER B 95 -1.20 38.82 -36.99
N GLY B 96 -2.32 38.35 -36.44
CA GLY B 96 -3.03 39.15 -35.45
C GLY B 96 -2.46 38.75 -34.11
N ALA B 97 -1.60 39.59 -33.55
CA ALA B 97 -0.97 39.29 -32.25
C ALA B 97 -1.95 39.24 -31.09
N GLY B 98 -3.15 38.71 -31.33
CA GLY B 98 -4.17 38.62 -30.30
C GLY B 98 -3.65 38.44 -28.90
N ASN B 99 -4.32 39.03 -27.94
CA ASN B 99 -3.92 38.97 -26.54
C ASN B 99 -4.17 37.62 -25.87
N ASN B 100 -4.18 36.57 -26.66
CA ASN B 100 -4.46 35.25 -26.15
C ASN B 100 -3.23 34.36 -26.04
N TRP B 101 -3.00 33.83 -24.85
CA TRP B 101 -1.88 32.94 -24.57
C TRP B 101 -1.93 31.81 -25.58
N ALA B 102 -3.16 31.37 -25.84
CA ALA B 102 -3.39 30.30 -26.76
C ALA B 102 -3.12 30.73 -28.17
N LYS B 103 -3.31 32.01 -28.48
CA LYS B 103 -3.10 32.47 -29.84
C LYS B 103 -1.62 32.65 -30.18
N GLY B 104 -0.78 32.73 -29.16
CA GLY B 104 0.64 32.89 -29.43
C GLY B 104 1.46 31.69 -28.99
N HIS B 105 0.78 30.62 -28.58
CA HIS B 105 1.48 29.44 -28.13
C HIS B 105 1.08 28.21 -28.92
N TYR B 106 -0.17 28.16 -29.40
CA TYR B 106 -0.64 27.01 -30.18
C TYR B 106 -1.02 27.27 -31.61
N THR B 107 -1.64 28.41 -31.87
CA THR B 107 -2.09 28.67 -33.19
C THR B 107 -1.31 29.63 -34.02
N GLU B 108 -1.08 30.82 -33.51
CA GLU B 108 -0.34 31.79 -34.29
C GLU B 108 1.15 31.69 -34.06
N GLY B 109 1.56 31.66 -32.79
CA GLY B 109 2.98 31.58 -32.50
C GLY B 109 3.65 30.31 -32.95
N ALA B 110 2.96 29.19 -32.80
CA ALA B 110 3.51 27.90 -33.17
C ALA B 110 4.08 27.88 -34.58
N GLU B 111 3.60 28.76 -35.44
CA GLU B 111 4.10 28.79 -36.80
C GLU B 111 5.42 29.53 -36.84
N LEU B 112 5.40 30.74 -36.29
CA LEU B 112 6.57 31.61 -36.27
C LEU B 112 7.74 31.04 -35.46
N VAL B 113 7.48 29.99 -34.70
CA VAL B 113 8.49 29.36 -33.86
C VAL B 113 9.70 28.82 -34.61
N ASP B 114 9.46 27.94 -35.58
CA ASP B 114 10.53 27.34 -36.35
C ASP B 114 11.44 28.41 -36.96
N SER B 115 10.85 29.51 -37.43
CA SER B 115 11.63 30.60 -38.01
C SER B 115 12.36 31.38 -36.92
N VAL B 116 12.16 30.99 -35.67
CA VAL B 116 12.83 31.64 -34.55
C VAL B 116 13.94 30.69 -34.18
N LEU B 117 13.58 29.48 -33.74
CA LEU B 117 14.57 28.49 -33.34
C LEU B 117 15.74 28.48 -34.31
N ASP B 118 15.40 28.71 -35.57
CA ASP B 118 16.36 28.76 -36.67
C ASP B 118 17.47 29.72 -36.26
N VAL B 119 17.07 30.93 -35.92
CA VAL B 119 18.02 31.95 -35.52
C VAL B 119 18.63 31.67 -34.15
N VAL B 120 17.81 31.29 -33.18
CA VAL B 120 18.33 31.00 -31.84
C VAL B 120 19.47 29.98 -31.93
N ARG B 121 19.57 29.30 -33.08
CA ARG B 121 20.63 28.31 -33.32
C ARG B 121 21.75 29.01 -34.06
N LYS B 122 21.42 29.93 -34.93
CA LYS B 122 22.44 30.66 -35.66
C LYS B 122 23.27 31.45 -34.66
N GLU B 123 22.61 31.92 -33.60
CA GLU B 123 23.28 32.71 -32.57
C GLU B 123 24.00 31.86 -31.55
N SER B 124 23.42 30.70 -31.24
CA SER B 124 24.02 29.80 -30.27
C SER B 124 25.31 29.22 -30.83
N GLU B 125 25.24 28.80 -32.08
CA GLU B 125 26.39 28.21 -32.77
C GLU B 125 27.31 29.32 -33.28
N SER B 126 27.16 30.50 -32.69
CA SER B 126 27.99 31.65 -33.03
C SER B 126 29.42 31.18 -32.87
N CYS B 127 29.93 31.31 -31.65
CA CYS B 127 31.28 30.87 -31.35
C CYS B 127 31.50 30.58 -29.87
N ASP B 128 32.76 30.32 -29.54
CA ASP B 128 33.21 29.98 -28.19
C ASP B 128 32.23 29.03 -27.50
N CYS B 129 31.96 29.28 -26.22
CA CYS B 129 31.07 28.44 -25.46
C CYS B 129 29.87 29.19 -24.92
N LEU B 130 28.69 28.63 -25.15
CA LEU B 130 27.44 29.22 -24.70
C LEU B 130 27.18 28.90 -23.23
N GLN B 131 26.66 29.89 -22.54
CA GLN B 131 26.34 29.78 -21.10
C GLN B 131 24.83 29.55 -20.92
N GLY B 132 24.06 30.49 -21.45
CA GLY B 132 22.59 30.44 -21.37
C GLY B 132 21.96 31.60 -22.16
N PHE B 133 20.64 31.69 -22.03
CA PHE B 133 19.85 32.73 -22.71
C PHE B 133 19.03 33.56 -21.72
N GLN B 134 19.00 34.85 -21.99
CA GLN B 134 18.21 35.82 -21.23
C GLN B 134 16.84 35.95 -21.91
N LEU B 135 15.81 35.94 -21.11
CA LEU B 135 14.44 36.01 -21.63
C LEU B 135 13.61 37.06 -20.91
N THR B 136 13.14 38.01 -21.70
CA THR B 136 12.30 39.11 -21.24
C THR B 136 10.91 38.98 -21.87
N HIS B 137 9.91 39.29 -21.07
CA HIS B 137 8.52 39.22 -21.48
C HIS B 137 7.60 39.47 -20.30
N SER B 138 6.33 39.53 -20.63
CA SER B 138 5.26 39.74 -19.66
C SER B 138 4.31 38.55 -19.70
N LEU B 139 3.91 38.10 -18.53
CA LEU B 139 3.02 36.97 -18.41
C LEU B 139 1.58 37.39 -18.48
N GLY B 140 1.32 38.50 -19.16
CA GLY B 140 -0.05 39.00 -19.28
C GLY B 140 -0.43 39.36 -20.70
N GLY B 141 -0.14 38.48 -21.65
CA GLY B 141 -0.46 38.72 -23.04
C GLY B 141 -0.13 37.54 -23.95
N GLY B 142 -0.35 37.71 -25.25
CA GLY B 142 -0.07 36.63 -26.18
C GLY B 142 1.39 36.44 -26.46
N THR B 143 1.94 37.28 -27.33
CA THR B 143 3.35 37.20 -27.70
C THR B 143 4.31 37.10 -26.52
N GLY B 144 3.81 37.37 -25.33
CA GLY B 144 4.67 37.32 -24.17
C GLY B 144 4.66 35.99 -23.47
N SER B 145 3.55 35.70 -22.81
CA SER B 145 3.42 34.47 -22.05
C SER B 145 3.33 33.23 -22.91
N GLY B 146 2.51 33.28 -23.95
CA GLY B 146 2.35 32.13 -24.81
C GLY B 146 3.54 31.84 -25.70
N MET B 147 3.73 32.68 -26.71
CA MET B 147 4.84 32.49 -27.64
C MET B 147 6.25 32.50 -27.05
N GLY B 148 6.46 33.27 -26.00
CA GLY B 148 7.77 33.34 -25.38
C GLY B 148 7.97 32.13 -24.49
N THR B 149 6.87 31.65 -23.93
CA THR B 149 6.91 30.51 -23.05
C THR B 149 7.10 29.27 -23.89
N LEU B 150 6.90 29.40 -25.19
CA LEU B 150 7.10 28.28 -26.08
C LEU B 150 8.57 28.30 -26.49
N LEU B 151 9.03 29.49 -26.86
CA LEU B 151 10.39 29.68 -27.27
C LEU B 151 11.32 28.99 -26.32
N ILE B 152 11.01 29.02 -25.03
CA ILE B 152 11.89 28.37 -24.08
C ILE B 152 11.70 26.87 -24.04
N SER B 153 10.45 26.41 -24.02
CA SER B 153 10.17 24.98 -23.98
C SER B 153 10.93 24.27 -25.09
N LYS B 154 11.24 25.02 -26.15
CA LYS B 154 11.98 24.50 -27.30
C LYS B 154 13.47 24.66 -27.03
N ILE B 155 13.85 25.83 -26.52
CA ILE B 155 15.24 26.09 -26.19
C ILE B 155 15.74 24.99 -25.22
N ARG B 156 14.98 24.74 -24.15
CA ARG B 156 15.32 23.74 -23.13
C ARG B 156 15.26 22.29 -23.58
N GLU B 157 15.12 22.07 -24.87
CA GLU B 157 15.05 20.73 -25.42
C GLU B 157 16.24 20.63 -26.32
N GLU B 158 16.70 21.81 -26.74
CA GLU B 158 17.83 21.94 -27.64
C GLU B 158 19.17 22.05 -26.90
N TYR B 159 19.15 22.55 -25.68
CA TYR B 159 20.39 22.64 -24.92
C TYR B 159 20.10 22.57 -23.43
N PRO B 160 19.61 21.41 -22.96
CA PRO B 160 19.29 21.24 -21.53
C PRO B 160 20.55 21.39 -20.65
N ASP B 161 21.60 21.92 -21.27
CA ASP B 161 22.86 22.17 -20.59
C ASP B 161 23.00 23.66 -20.27
N ARG B 162 22.92 24.49 -21.30
CA ARG B 162 23.04 25.93 -21.08
C ARG B 162 21.87 26.38 -20.20
N ILE B 163 22.11 27.40 -19.39
CA ILE B 163 21.09 27.93 -18.48
C ILE B 163 20.00 28.78 -19.14
N MET B 164 19.01 29.14 -18.34
CA MET B 164 17.86 29.91 -18.79
C MET B 164 17.30 30.88 -17.75
N ASN B 165 17.78 32.12 -17.79
CA ASN B 165 17.31 33.13 -16.88
C ASN B 165 16.06 33.69 -17.51
N THR B 166 15.05 33.90 -16.70
CA THR B 166 13.82 34.46 -17.21
C THR B 166 13.45 35.69 -16.43
N PHE B 167 13.21 36.77 -17.15
CA PHE B 167 12.78 38.03 -16.57
C PHE B 167 11.31 38.21 -16.93
N SER B 168 10.45 37.88 -15.96
CA SER B 168 9.01 37.97 -16.14
C SER B 168 8.37 39.16 -15.41
N VAL B 169 7.42 39.78 -16.09
CA VAL B 169 6.71 40.90 -15.54
C VAL B 169 5.37 40.39 -15.03
N VAL B 170 5.44 39.57 -13.99
CA VAL B 170 4.25 39.00 -13.36
C VAL B 170 3.18 40.10 -13.19
N PRO B 171 1.92 39.77 -13.46
CA PRO B 171 0.76 40.65 -13.36
C PRO B 171 0.67 41.37 -12.03
N SER B 172 0.88 42.68 -12.09
CA SER B 172 0.83 43.52 -10.91
C SER B 172 -0.53 43.37 -10.23
N PRO B 173 -0.56 43.48 -8.90
CA PRO B 173 -1.82 43.36 -8.16
C PRO B 173 -2.83 44.50 -8.37
N LYS B 174 -2.86 45.45 -7.44
CA LYS B 174 -3.77 46.59 -7.47
C LYS B 174 -4.59 46.73 -8.76
N VAL B 175 -3.91 46.95 -9.89
CA VAL B 175 -4.61 47.08 -11.18
C VAL B 175 -3.94 46.27 -12.27
N SER B 176 -4.75 45.54 -13.04
CA SER B 176 -4.24 44.71 -14.12
C SER B 176 -4.34 45.43 -15.46
N ASP B 177 -3.19 45.58 -16.12
CA ASP B 177 -3.13 46.28 -17.39
C ASP B 177 -3.70 45.50 -18.54
N THR B 178 -4.46 44.46 -18.19
CA THR B 178 -5.15 43.59 -19.14
C THR B 178 -6.30 42.93 -18.39
N VAL B 179 -7.12 42.15 -19.07
CA VAL B 179 -8.27 41.53 -18.42
C VAL B 179 -8.18 40.05 -18.16
N VAL B 180 -7.65 39.31 -19.11
CA VAL B 180 -7.53 37.87 -18.95
C VAL B 180 -6.26 37.56 -18.17
N GLU B 181 -5.41 38.57 -18.07
CA GLU B 181 -4.15 38.51 -17.35
C GLU B 181 -3.85 37.17 -16.66
N PRO B 182 -4.64 36.78 -15.63
CA PRO B 182 -4.39 35.50 -14.94
C PRO B 182 -4.41 34.28 -15.85
N TYR B 183 -5.08 34.43 -16.99
CA TYR B 183 -5.15 33.38 -17.97
C TYR B 183 -3.80 33.30 -18.67
N ASN B 184 -3.41 34.39 -19.31
CA ASN B 184 -2.11 34.44 -19.97
C ASN B 184 -0.99 34.16 -18.98
N ALA B 185 -1.19 34.52 -17.72
CA ALA B 185 -0.18 34.33 -16.69
C ALA B 185 -0.07 32.90 -16.21
N THR B 186 -1.07 32.46 -15.46
CA THR B 186 -1.06 31.11 -14.94
C THR B 186 -0.51 30.14 -15.99
N LEU B 187 -0.88 30.37 -17.24
CA LEU B 187 -0.42 29.50 -18.32
C LEU B 187 1.06 29.60 -18.65
N SER B 188 1.64 30.77 -18.43
CA SER B 188 3.05 30.93 -18.73
C SER B 188 3.93 30.52 -17.56
N VAL B 189 3.51 30.83 -16.33
CA VAL B 189 4.30 30.44 -15.14
C VAL B 189 4.49 28.92 -15.15
N HIS B 190 3.43 28.24 -15.54
CA HIS B 190 3.37 26.81 -15.69
C HIS B 190 4.62 26.38 -16.49
N GLN B 191 4.74 26.91 -17.71
CA GLN B 191 5.86 26.64 -18.64
C GLN B 191 7.23 27.01 -18.04
N LEU B 192 7.22 28.04 -17.21
CA LEU B 192 8.44 28.53 -16.56
C LEU B 192 8.97 27.55 -15.51
N VAL B 193 8.10 27.19 -14.56
CA VAL B 193 8.41 26.26 -13.46
C VAL B 193 8.95 24.97 -14.00
N GLU B 194 9.00 24.85 -15.31
CA GLU B 194 9.43 23.60 -15.91
C GLU B 194 10.35 23.66 -17.10
N ASN B 195 11.06 24.77 -17.25
CA ASN B 195 12.01 24.91 -18.32
C ASN B 195 13.13 25.85 -17.87
N THR B 196 12.91 27.16 -17.82
CA THR B 196 13.96 28.08 -17.35
C THR B 196 14.38 27.70 -15.92
N ASP B 197 15.61 28.00 -15.50
CA ASP B 197 16.04 27.64 -14.16
C ASP B 197 16.46 28.79 -13.26
N GLU B 198 16.05 30.00 -13.65
CA GLU B 198 16.32 31.25 -12.92
C GLU B 198 15.35 32.28 -13.49
N THR B 199 14.41 32.72 -12.66
CA THR B 199 13.42 33.70 -13.08
C THR B 199 13.43 34.91 -12.18
N TYR B 200 13.48 36.09 -12.79
CA TYR B 200 13.46 37.33 -12.03
C TYR B 200 12.15 38.11 -12.32
N CYS B 201 11.18 37.94 -11.42
CA CYS B 201 9.85 38.54 -11.50
C CYS B 201 9.78 39.99 -11.06
N ILE B 202 9.38 40.84 -11.99
CA ILE B 202 9.27 42.27 -11.76
C ILE B 202 7.80 42.69 -11.84
N ASP B 203 7.41 43.68 -11.04
CA ASP B 203 6.03 44.16 -10.99
C ASP B 203 5.88 45.66 -11.29
N ASN B 204 5.27 45.97 -12.41
CA ASN B 204 5.09 47.34 -12.82
C ASN B 204 4.69 48.28 -11.69
N GLU B 205 4.00 47.79 -10.66
CA GLU B 205 3.59 48.63 -9.54
C GLU B 205 4.53 48.56 -8.33
N ALA B 206 5.37 47.54 -8.30
CA ALA B 206 6.33 47.44 -7.23
C ALA B 206 7.39 48.46 -7.63
N LEU B 207 7.50 48.67 -8.94
CA LEU B 207 8.44 49.62 -9.52
C LEU B 207 7.95 51.03 -9.29
N TYR B 208 6.74 51.31 -9.72
CA TYR B 208 6.18 52.64 -9.53
C TYR B 208 6.57 53.03 -8.13
N ASP B 209 6.01 52.34 -7.15
CA ASP B 209 6.30 52.60 -5.75
C ASP B 209 7.78 52.92 -5.61
N ILE B 210 8.60 51.89 -5.75
CA ILE B 210 10.04 52.02 -5.64
C ILE B 210 10.63 53.12 -6.53
N CYS B 211 9.81 53.62 -7.46
CA CYS B 211 10.26 54.63 -8.39
C CYS B 211 9.65 56.00 -8.14
N PHE B 212 8.61 56.04 -7.32
CA PHE B 212 7.94 57.30 -7.01
C PHE B 212 8.19 57.73 -5.55
N ARG B 213 8.74 56.83 -4.75
CA ARG B 213 9.04 57.17 -3.36
C ARG B 213 10.52 56.97 -3.04
N THR B 214 11.20 56.14 -3.82
CA THR B 214 12.63 55.89 -3.61
C THR B 214 13.42 56.69 -4.63
N LEU B 215 12.66 57.38 -5.48
CA LEU B 215 13.14 58.29 -6.51
C LEU B 215 11.94 59.21 -6.49
N LYS B 216 12.08 60.37 -5.87
CA LYS B 216 10.97 61.31 -5.78
C LYS B 216 10.31 61.52 -7.15
N LEU B 217 10.75 60.74 -8.14
CA LEU B 217 10.22 60.81 -9.51
C LEU B 217 8.69 60.87 -9.52
N THR B 218 8.14 61.99 -10.00
CA THR B 218 6.70 62.21 -10.06
C THR B 218 6.00 61.68 -11.32
N THR B 219 6.71 61.64 -12.44
CA THR B 219 6.12 61.11 -13.67
C THR B 219 6.92 59.91 -14.20
N PRO B 220 6.79 58.78 -13.51
CA PRO B 220 7.51 57.56 -13.90
C PRO B 220 6.96 56.93 -15.16
N THR B 221 7.46 57.37 -16.30
CA THR B 221 7.03 56.82 -17.57
C THR B 221 7.45 55.34 -17.62
N TYR B 222 6.94 54.59 -18.59
CA TYR B 222 7.33 53.20 -18.71
C TYR B 222 8.85 53.16 -18.91
N GLY B 223 9.32 53.92 -19.89
CA GLY B 223 10.74 53.96 -20.17
C GLY B 223 11.54 53.83 -18.89
N ASP B 224 11.09 54.53 -17.87
CA ASP B 224 11.76 54.51 -16.58
C ASP B 224 11.71 53.12 -16.01
N LEU B 225 10.53 52.68 -15.58
CA LEU B 225 10.38 51.35 -15.02
C LEU B 225 11.35 50.43 -15.72
N ASN B 226 11.16 50.32 -17.03
CA ASN B 226 12.01 49.49 -17.86
C ASN B 226 13.47 49.74 -17.52
N HIS B 227 13.84 51.01 -17.57
CA HIS B 227 15.18 51.44 -17.27
C HIS B 227 15.69 50.90 -15.93
N LEU B 228 14.86 51.00 -14.89
CA LEU B 228 15.24 50.51 -13.59
C LEU B 228 15.50 49.01 -13.63
N VAL B 229 14.57 48.30 -14.22
CA VAL B 229 14.67 46.84 -14.36
C VAL B 229 15.99 46.45 -15.04
N SER B 230 16.14 47.00 -16.23
CA SER B 230 17.34 46.77 -17.08
C SER B 230 18.62 47.02 -16.29
N ALA B 231 18.48 47.83 -15.26
CA ALA B 231 19.60 48.20 -14.38
C ALA B 231 20.05 47.00 -13.54
N THR B 232 19.06 46.20 -13.18
CA THR B 232 19.26 45.01 -12.34
C THR B 232 19.82 43.83 -13.15
N MET B 233 19.25 43.63 -14.32
CA MET B 233 19.65 42.51 -15.19
C MET B 233 21.08 42.73 -15.73
N SER B 234 21.57 43.94 -15.56
CA SER B 234 22.93 44.30 -15.99
C SER B 234 23.93 43.95 -14.87
N GLY B 235 23.45 44.14 -13.66
CA GLY B 235 24.22 43.85 -12.45
C GLY B 235 24.41 42.34 -12.32
N VAL B 236 23.36 41.64 -12.69
CA VAL B 236 23.33 40.17 -12.65
C VAL B 236 24.39 39.59 -13.60
N THR B 237 23.96 39.43 -14.84
CA THR B 237 24.80 38.87 -15.90
C THR B 237 26.05 39.72 -16.13
N THR B 238 26.05 40.36 -17.28
CA THR B 238 27.14 41.23 -17.76
C THR B 238 28.15 41.54 -16.67
N CYS B 239 27.65 42.05 -15.56
CA CYS B 239 28.47 42.40 -14.42
C CYS B 239 29.45 41.29 -14.08
N LEU B 240 28.92 40.17 -13.60
CA LEU B 240 29.76 39.04 -13.21
C LEU B 240 30.71 38.58 -14.28
N ARG B 241 30.50 39.05 -15.50
CA ARG B 241 31.38 38.68 -16.58
C ARG B 241 32.49 39.71 -16.61
N PHE B 242 32.74 40.24 -15.41
CA PHE B 242 33.78 41.22 -15.17
C PHE B 242 34.64 40.60 -14.09
N PRO B 243 35.82 41.17 -13.83
CA PRO B 243 36.70 40.61 -12.80
C PRO B 243 36.08 40.85 -11.43
N GLY B 244 36.75 40.38 -10.39
CA GLY B 244 36.24 40.59 -9.04
C GLY B 244 37.05 39.78 -8.04
N GLN B 245 37.11 40.26 -6.80
CA GLN B 245 37.87 39.54 -5.80
C GLN B 245 37.22 38.18 -5.71
N LEU B 246 35.89 38.19 -5.72
CA LEU B 246 35.10 36.97 -5.66
C LEU B 246 34.00 37.05 -6.69
N ASN B 247 34.25 36.58 -7.90
CA ASN B 247 33.24 36.65 -8.92
C ASN B 247 32.50 35.35 -9.10
N ALA B 248 31.29 35.48 -9.60
CA ALA B 248 30.43 34.35 -9.85
C ALA B 248 29.94 34.52 -11.29
N ASP B 249 29.02 33.66 -11.72
CA ASP B 249 28.47 33.71 -13.06
C ASP B 249 27.23 32.84 -13.10
N LEU B 250 26.22 33.28 -13.85
CA LEU B 250 24.94 32.58 -13.95
C LEU B 250 24.87 31.29 -13.17
N ARG B 251 25.76 30.35 -13.45
CA ARG B 251 25.71 29.11 -12.70
C ARG B 251 25.88 29.35 -11.21
N LYS B 252 27.04 29.86 -10.78
CA LYS B 252 27.24 30.11 -9.35
C LYS B 252 25.91 30.60 -8.83
N LEU B 253 25.42 31.67 -9.46
CA LEU B 253 24.13 32.27 -9.09
C LEU B 253 23.06 31.21 -9.05
N ALA B 254 23.07 30.33 -10.05
CA ALA B 254 22.09 29.29 -10.09
C ALA B 254 22.41 28.21 -9.05
N VAL B 255 23.65 27.71 -9.07
CA VAL B 255 24.03 26.66 -8.17
C VAL B 255 24.16 27.06 -6.71
N ASN B 256 23.76 28.28 -6.37
CA ASN B 256 23.84 28.75 -4.98
C ASN B 256 22.48 29.23 -4.58
N MET B 257 21.61 29.37 -5.57
CA MET B 257 20.30 29.92 -5.30
C MET B 257 19.11 29.00 -5.43
N VAL B 258 19.31 27.87 -6.07
CA VAL B 258 18.18 26.98 -6.23
C VAL B 258 18.35 25.70 -5.43
N PRO B 259 17.74 25.65 -4.25
CA PRO B 259 17.86 24.45 -3.44
C PRO B 259 17.06 23.33 -4.07
N PHE B 260 15.89 23.65 -4.61
CA PHE B 260 15.07 22.59 -5.19
C PHE B 260 14.54 22.88 -6.60
N PRO B 261 14.95 22.05 -7.57
CA PRO B 261 14.68 22.00 -9.00
C PRO B 261 13.49 22.72 -9.62
N ARG B 262 12.50 23.13 -8.81
CA ARG B 262 11.36 23.83 -9.39
C ARG B 262 11.87 24.82 -10.42
N LEU B 263 12.89 25.57 -10.02
CA LEU B 263 13.55 26.60 -10.81
C LEU B 263 13.52 27.79 -9.90
N HIS B 264 12.42 27.93 -9.19
CA HIS B 264 12.27 29.02 -8.27
C HIS B 264 12.51 30.37 -8.89
N PHE B 265 11.75 31.33 -8.40
CA PHE B 265 11.79 32.66 -8.91
C PHE B 265 12.35 33.55 -7.83
N PHE B 266 13.07 34.56 -8.27
CA PHE B 266 13.72 35.49 -7.39
C PHE B 266 13.05 36.84 -7.44
N MET B 267 13.69 37.83 -6.83
CA MET B 267 13.15 39.17 -6.81
C MET B 267 14.37 40.04 -6.76
N PRO B 268 14.70 40.69 -7.87
CA PRO B 268 15.86 41.57 -7.95
C PRO B 268 15.73 42.93 -7.26
N GLY B 269 16.84 43.45 -6.75
CA GLY B 269 16.87 44.73 -6.06
C GLY B 269 18.19 45.39 -6.34
N PHE B 270 18.15 46.67 -6.71
CA PHE B 270 19.37 47.41 -7.01
C PHE B 270 19.85 48.10 -5.74
N ALA B 271 21.10 48.54 -5.73
CA ALA B 271 21.66 49.19 -4.56
C ALA B 271 21.46 50.69 -4.48
N PRO B 272 22.40 51.49 -5.03
CA PRO B 272 22.16 52.92 -4.88
C PRO B 272 20.92 53.34 -5.61
N LEU B 273 19.83 53.55 -4.87
CA LEU B 273 18.61 53.98 -5.50
C LEU B 273 18.19 55.26 -4.84
N THR B 274 18.97 56.32 -5.08
CA THR B 274 18.70 57.63 -4.49
C THR B 274 18.25 58.64 -5.55
N SER B 275 17.35 59.55 -5.17
CA SER B 275 16.86 60.58 -6.09
C SER B 275 18.03 61.42 -6.59
N ARG B 276 17.90 61.98 -7.78
CA ARG B 276 19.02 62.74 -8.37
C ARG B 276 19.78 63.74 -7.48
N GLY B 277 19.58 65.03 -7.70
CA GLY B 277 20.27 66.05 -6.93
C GLY B 277 20.50 65.77 -5.45
N SER B 278 19.65 66.34 -4.61
CA SER B 278 19.69 66.19 -3.15
C SER B 278 20.22 64.89 -2.64
N GLN B 279 19.32 63.92 -2.49
CA GLN B 279 19.64 62.60 -1.97
C GLN B 279 21.07 62.12 -2.15
N GLN B 280 21.72 62.51 -3.27
CA GLN B 280 23.11 62.18 -3.64
C GLN B 280 23.94 62.35 -2.38
N TYR B 281 23.56 61.52 -1.41
CA TYR B 281 24.13 61.47 -0.10
C TYR B 281 25.42 60.73 -0.06
N ARG B 282 25.63 59.85 -1.02
CA ARG B 282 26.86 59.08 -1.07
C ARG B 282 26.94 58.13 0.09
N ALA B 283 25.92 58.10 0.94
CA ALA B 283 25.96 57.15 2.05
C ALA B 283 25.92 55.82 1.29
N LEU B 284 27.09 55.39 0.85
CA LEU B 284 27.21 54.16 0.10
C LEU B 284 28.45 53.44 0.60
N THR B 285 28.88 53.72 1.84
CA THR B 285 30.08 53.06 2.35
C THR B 285 29.92 51.55 2.13
N VAL B 286 28.73 51.02 2.40
CA VAL B 286 28.35 49.62 2.23
C VAL B 286 27.18 49.28 3.12
N PRO B 287 27.29 49.60 4.42
CA PRO B 287 26.13 49.27 5.27
C PRO B 287 24.93 49.95 4.67
N GLU B 288 25.18 50.93 3.84
CA GLU B 288 24.09 51.66 3.23
C GLU B 288 23.49 50.89 2.10
N LEU B 289 24.30 50.09 1.41
CA LEU B 289 23.79 49.26 0.31
C LEU B 289 22.99 48.08 0.84
N THR B 290 23.50 47.43 1.89
CA THR B 290 22.77 46.32 2.46
C THR B 290 21.54 46.90 3.15
N GLN B 291 21.66 48.12 3.66
CA GLN B 291 20.51 48.71 4.29
C GLN B 291 19.47 48.68 3.19
N GLN B 292 19.82 49.29 2.06
CA GLN B 292 18.93 49.36 0.90
C GLN B 292 18.43 47.95 0.59
N MET B 293 19.12 47.29 -0.35
CA MET B 293 18.80 45.95 -0.82
C MET B 293 17.90 45.09 0.07
N PHE B 294 18.22 44.99 1.35
CA PHE B 294 17.43 44.16 2.24
C PHE B 294 16.18 44.71 2.89
N ASP B 295 15.74 45.89 2.49
CA ASP B 295 14.51 46.43 3.08
C ASP B 295 13.34 45.86 2.27
N ALA B 296 12.13 46.06 2.77
CA ALA B 296 10.95 45.59 2.07
C ALA B 296 10.95 46.38 0.77
N LYS B 297 10.37 47.57 0.79
CA LYS B 297 10.36 48.39 -0.40
C LYS B 297 11.75 48.29 -0.95
N ASN B 298 11.85 48.31 -2.28
CA ASN B 298 13.11 48.22 -2.99
C ASN B 298 13.26 46.85 -3.60
N MET B 299 12.25 46.00 -3.39
CA MET B 299 12.25 44.66 -3.98
C MET B 299 11.33 44.75 -5.20
N MET B 300 11.90 44.75 -6.39
CA MET B 300 11.12 44.86 -7.61
C MET B 300 9.89 43.98 -7.63
N ALA B 301 9.86 42.99 -6.75
CA ALA B 301 8.72 42.08 -6.65
C ALA B 301 7.58 42.84 -6.00
N ALA B 302 6.40 42.24 -5.97
CA ALA B 302 5.25 42.89 -5.37
C ALA B 302 5.25 42.55 -3.91
N CYS B 303 5.41 41.26 -3.63
CA CYS B 303 5.41 40.81 -2.26
C CYS B 303 6.55 41.40 -1.47
N ASP B 304 6.41 41.35 -0.15
CA ASP B 304 7.39 41.88 0.76
C ASP B 304 8.10 40.74 1.51
N PRO B 305 9.42 40.68 1.37
CA PRO B 305 10.27 39.68 2.01
C PRO B 305 9.86 39.45 3.45
N ARG B 306 9.63 40.55 4.16
CA ARG B 306 9.26 40.50 5.56
C ARG B 306 8.08 39.57 5.78
N HIS B 307 7.48 39.10 4.68
CA HIS B 307 6.32 38.21 4.76
C HIS B 307 6.66 36.74 4.48
N GLY B 308 7.94 36.39 4.59
CA GLY B 308 8.35 35.03 4.34
C GLY B 308 9.86 34.84 4.23
N ARG B 309 10.37 33.82 4.90
CA ARG B 309 11.80 33.51 4.92
C ARG B 309 12.45 33.57 3.55
N TYR B 310 13.76 33.44 3.54
CA TYR B 310 14.53 33.41 2.32
C TYR B 310 15.18 32.03 2.26
N LEU B 311 15.56 31.60 1.07
CA LEU B 311 16.23 30.33 0.93
C LEU B 311 17.64 30.70 0.56
N THR B 312 17.75 31.65 -0.34
CA THR B 312 19.03 32.09 -0.78
C THR B 312 18.99 33.56 -1.12
N VAL B 313 20.16 34.15 -1.11
CA VAL B 313 20.30 35.55 -1.41
C VAL B 313 21.64 35.70 -2.09
N ALA B 314 21.72 36.64 -3.03
CA ALA B 314 22.95 36.84 -3.76
C ALA B 314 23.21 38.29 -3.95
N ALA B 315 24.02 38.87 -3.07
CA ALA B 315 24.32 40.27 -3.20
C ALA B 315 25.45 40.32 -4.19
N VAL B 316 25.12 40.62 -5.43
CA VAL B 316 26.15 40.70 -6.46
C VAL B 316 26.63 42.17 -6.51
N PHE B 317 27.58 42.52 -5.63
CA PHE B 317 28.13 43.88 -5.59
C PHE B 317 29.07 44.06 -6.75
N ARG B 318 29.28 45.32 -7.15
CA ARG B 318 30.19 45.65 -8.25
C ARG B 318 30.77 47.04 -8.08
N GLY B 319 31.80 47.15 -7.25
CA GLY B 319 32.46 48.42 -6.97
C GLY B 319 33.45 48.13 -5.85
N ARG B 320 34.69 48.58 -6.00
CA ARG B 320 35.75 48.34 -5.00
C ARG B 320 35.34 48.51 -3.51
N MET B 321 35.40 47.38 -2.78
CA MET B 321 35.06 47.32 -1.36
C MET B 321 35.84 46.22 -0.65
N SER B 322 35.80 46.29 0.68
CA SER B 322 36.50 45.33 1.54
C SER B 322 35.78 44.01 1.71
N MET B 323 36.43 42.95 1.25
CA MET B 323 35.88 41.61 1.37
C MET B 323 35.59 41.35 2.82
N LYS B 324 35.94 42.32 3.65
CA LYS B 324 35.71 42.22 5.08
C LYS B 324 34.42 42.97 5.41
N GLU B 325 34.30 44.23 4.99
CA GLU B 325 33.10 44.98 5.28
C GLU B 325 31.91 44.48 4.49
N VAL B 326 32.18 43.55 3.57
CA VAL B 326 31.14 42.95 2.76
C VAL B 326 30.78 41.66 3.45
N ASP B 327 31.75 40.76 3.52
CA ASP B 327 31.53 39.49 4.16
C ASP B 327 30.97 39.68 5.57
N GLU B 328 31.38 40.75 6.23
CA GLU B 328 30.91 41.02 7.58
C GLU B 328 29.45 41.44 7.64
N GLN B 329 29.15 42.58 7.05
CA GLN B 329 27.80 43.12 7.03
C GLN B 329 26.79 41.99 6.84
N MET B 330 26.93 41.27 5.74
CA MET B 330 26.08 40.14 5.38
C MET B 330 25.69 39.31 6.59
N LEU B 331 26.63 39.16 7.51
CA LEU B 331 26.42 38.39 8.73
C LEU B 331 25.39 39.00 9.67
N ASN B 332 25.71 40.18 10.20
CA ASN B 332 24.80 40.86 11.12
C ASN B 332 23.43 40.77 10.48
N VAL B 333 23.37 41.09 9.20
CA VAL B 333 22.12 41.03 8.48
C VAL B 333 21.47 39.68 8.67
N GLN B 334 22.28 38.62 8.61
CA GLN B 334 21.79 37.26 8.78
C GLN B 334 21.40 36.94 10.20
N ASN B 335 21.83 37.78 11.14
CA ASN B 335 21.51 37.55 12.55
C ASN B 335 20.43 38.49 13.08
N LYS B 336 20.37 39.71 12.57
CA LYS B 336 19.35 40.65 13.00
C LYS B 336 17.99 40.14 12.52
N ASN B 337 18.02 39.34 11.46
CA ASN B 337 16.79 38.83 10.87
C ASN B 337 16.75 37.30 10.82
N SER B 338 17.40 36.66 11.77
CA SER B 338 17.42 35.20 11.83
C SER B 338 16.00 34.69 11.63
N SER B 339 15.05 35.46 12.15
CA SER B 339 13.64 35.15 12.06
C SER B 339 13.34 34.70 10.63
N TYR B 340 13.43 35.64 9.69
CA TYR B 340 13.18 35.30 8.31
C TYR B 340 14.44 35.23 7.47
N PHE B 341 14.88 34.00 7.27
CA PHE B 341 16.08 33.73 6.52
C PHE B 341 16.31 32.24 6.45
N VAL B 342 15.29 31.47 6.88
CA VAL B 342 15.32 30.00 6.89
C VAL B 342 16.59 29.51 7.61
N GLU B 343 16.49 28.39 8.29
CA GLU B 343 17.64 27.90 9.06
C GLU B 343 18.45 26.77 8.47
N TRP B 344 17.81 25.80 7.85
CA TRP B 344 18.53 24.66 7.30
C TRP B 344 19.59 25.01 6.26
N ILE B 345 19.97 26.26 6.21
CA ILE B 345 21.02 26.74 5.32
C ILE B 345 21.83 27.65 6.23
N PRO B 346 22.95 27.15 6.74
CA PRO B 346 23.79 27.96 7.61
C PRO B 346 24.15 29.35 7.04
N ASN B 347 24.44 29.42 5.75
CA ASN B 347 24.78 30.70 5.13
C ASN B 347 23.97 30.93 3.87
N ASN B 348 22.72 31.38 4.05
CA ASN B 348 21.82 31.63 2.92
C ASN B 348 22.47 32.53 1.91
N VAL B 349 23.02 33.61 2.39
CA VAL B 349 23.64 34.59 1.53
C VAL B 349 24.81 34.11 0.69
N LYS B 350 24.85 34.57 -0.56
CA LYS B 350 25.90 34.26 -1.51
C LYS B 350 26.51 35.60 -1.86
N THR B 351 27.58 35.95 -1.18
CA THR B 351 28.25 37.21 -1.44
C THR B 351 29.04 37.07 -2.73
N ALA B 352 28.87 38.05 -3.60
CA ALA B 352 29.55 38.08 -4.88
C ALA B 352 30.17 39.44 -4.95
N VAL B 353 31.33 39.55 -5.59
CA VAL B 353 31.98 40.86 -5.66
C VAL B 353 32.80 41.15 -6.90
N CYS B 354 32.21 41.98 -7.76
CA CYS B 354 32.86 42.41 -8.98
C CYS B 354 33.84 43.50 -8.56
N ASP B 355 34.36 44.24 -9.54
CA ASP B 355 35.28 45.32 -9.26
C ASP B 355 34.70 46.59 -9.86
N ILE B 356 34.79 46.72 -11.17
CA ILE B 356 34.26 47.90 -11.84
C ILE B 356 32.78 48.04 -11.54
N PRO B 357 32.33 49.24 -11.17
CA PRO B 357 30.92 49.51 -10.85
C PRO B 357 30.13 50.05 -12.03
N PRO B 358 28.85 50.38 -11.80
CA PRO B 358 28.02 50.91 -12.89
C PRO B 358 28.63 52.21 -13.37
N ARG B 359 29.12 52.18 -14.60
CA ARG B 359 29.78 53.32 -15.25
C ARG B 359 29.92 54.57 -14.38
N GLY B 360 28.84 55.32 -14.22
CA GLY B 360 28.93 56.57 -13.46
C GLY B 360 28.85 56.54 -11.95
N LEU B 361 28.69 55.36 -11.36
CA LEU B 361 28.55 55.26 -9.92
C LEU B 361 29.82 54.73 -9.23
N LYS B 362 29.91 54.97 -7.92
CA LYS B 362 31.07 54.52 -7.14
C LYS B 362 30.92 53.11 -6.59
N MET B 363 29.71 52.77 -6.16
CA MET B 363 29.47 51.46 -5.59
C MET B 363 28.00 51.06 -5.64
N SER B 364 27.75 49.88 -6.19
CA SER B 364 26.40 49.31 -6.33
C SER B 364 26.43 47.84 -5.94
N ALA B 365 25.25 47.20 -5.94
CA ALA B 365 25.13 45.79 -5.59
C ALA B 365 23.75 45.23 -5.91
N THR B 366 23.70 44.38 -6.92
CA THR B 366 22.46 43.78 -7.33
C THR B 366 22.07 42.72 -6.31
N PHE B 367 20.78 42.62 -6.06
CA PHE B 367 20.25 41.67 -5.09
C PHE B 367 19.33 40.70 -5.80
N ILE B 368 19.56 39.42 -5.59
CA ILE B 368 18.75 38.41 -6.21
C ILE B 368 18.26 37.52 -5.10
N GLY B 369 17.05 37.80 -4.62
CA GLY B 369 16.51 37.02 -3.53
C GLY B 369 15.58 35.89 -3.88
N ASN B 370 15.79 34.74 -3.24
CA ASN B 370 14.95 33.59 -3.46
C ASN B 370 14.07 33.39 -2.25
N SER B 371 13.26 34.38 -1.92
CA SER B 371 12.43 34.23 -0.74
C SER B 371 11.11 33.52 -0.97
N THR B 372 10.68 32.87 0.10
CA THR B 372 9.44 32.09 0.16
C THR B 372 8.28 33.03 0.11
N ALA B 373 8.57 34.33 0.17
CA ALA B 373 7.52 35.33 0.15
C ALA B 373 6.78 35.33 -1.18
N ILE B 374 7.48 34.99 -2.25
CA ILE B 374 6.86 35.02 -3.55
C ILE B 374 5.75 34.01 -3.64
N GLN B 375 5.46 33.37 -2.52
CA GLN B 375 4.37 32.42 -2.46
C GLN B 375 3.12 33.30 -2.63
N GLU B 376 3.07 34.36 -1.83
CA GLU B 376 1.97 35.30 -1.85
C GLU B 376 1.84 36.10 -3.12
N LEU B 377 2.14 35.51 -4.26
CA LEU B 377 1.97 36.21 -5.52
C LEU B 377 1.37 35.26 -6.49
N PHE B 378 1.90 34.04 -6.50
CA PHE B 378 1.38 33.02 -7.37
C PHE B 378 0.04 32.68 -6.77
N LYS B 379 -0.12 32.97 -5.48
CA LYS B 379 -1.40 32.76 -4.82
C LYS B 379 -2.33 33.70 -5.55
N ARG B 380 -1.99 34.98 -5.46
CA ARG B 380 -2.76 36.03 -6.11
C ARG B 380 -3.18 35.56 -7.48
N ILE B 381 -2.22 35.46 -8.38
CA ILE B 381 -2.48 35.02 -9.73
C ILE B 381 -3.44 33.86 -9.71
N SER B 382 -3.04 32.76 -9.08
CA SER B 382 -3.86 31.57 -9.02
C SER B 382 -5.28 31.86 -8.57
N GLU B 383 -5.45 32.79 -7.65
CA GLU B 383 -6.79 33.14 -7.20
C GLU B 383 -7.58 33.71 -8.40
N GLN B 384 -7.13 34.84 -8.91
CA GLN B 384 -7.76 35.50 -10.05
C GLN B 384 -8.24 34.50 -11.08
N PHE B 385 -7.44 33.48 -11.33
CA PHE B 385 -7.79 32.45 -12.30
C PHE B 385 -9.12 31.84 -11.89
N THR B 386 -9.06 30.97 -10.89
CA THR B 386 -10.25 30.31 -10.37
C THR B 386 -11.51 31.18 -10.32
N ALA B 387 -11.41 32.37 -9.73
CA ALA B 387 -12.56 33.27 -9.63
C ALA B 387 -13.20 33.52 -10.98
N MET B 388 -12.39 33.44 -12.03
CA MET B 388 -12.89 33.66 -13.39
C MET B 388 -12.96 32.39 -14.20
N PHE B 389 -12.10 31.46 -13.87
CA PHE B 389 -12.13 30.21 -14.58
C PHE B 389 -13.48 29.64 -14.26
N ARG B 390 -13.78 29.54 -12.97
CA ARG B 390 -15.06 28.99 -12.54
C ARG B 390 -16.18 29.32 -13.53
N ARG B 391 -16.21 30.54 -14.06
CA ARG B 391 -17.26 30.92 -15.00
C ARG B 391 -16.79 30.90 -16.45
N LYS B 392 -15.59 30.38 -16.68
CA LYS B 392 -15.01 30.26 -18.03
C LYS B 392 -15.00 31.58 -18.76
N ALA B 393 -14.97 32.67 -17.99
CA ALA B 393 -14.99 34.04 -18.48
C ALA B 393 -14.61 34.19 -19.93
N PHE B 394 -13.44 34.71 -20.22
CA PHE B 394 -13.06 34.87 -21.62
C PHE B 394 -12.34 33.63 -22.09
N LEU B 395 -12.98 32.48 -21.90
CA LEU B 395 -12.35 31.25 -22.29
C LEU B 395 -12.55 30.94 -23.77
N HIS B 396 -13.67 31.36 -24.34
CA HIS B 396 -13.91 31.06 -25.75
C HIS B 396 -12.81 31.58 -26.70
N TRP B 397 -12.07 32.60 -26.26
CA TRP B 397 -11.00 33.17 -27.05
C TRP B 397 -9.79 32.26 -27.02
N TYR B 398 -9.79 31.30 -26.10
CA TYR B 398 -8.69 30.36 -25.99
C TYR B 398 -9.09 29.12 -26.75
N THR B 399 -10.11 28.43 -26.25
CA THR B 399 -10.60 27.21 -26.88
C THR B 399 -10.82 27.43 -28.37
N GLY B 400 -11.56 28.48 -28.72
CA GLY B 400 -11.83 28.80 -30.11
C GLY B 400 -10.57 28.93 -30.93
N GLU B 401 -9.43 28.90 -30.23
CA GLU B 401 -8.14 28.98 -30.87
C GLU B 401 -7.45 27.64 -30.79
N GLY B 402 -8.23 26.60 -30.55
CA GLY B 402 -7.64 25.29 -30.43
C GLY B 402 -6.87 25.20 -29.14
N MET B 403 -7.61 25.03 -28.05
CA MET B 403 -7.04 24.91 -26.72
C MET B 403 -7.77 23.74 -26.08
N ASP B 404 -7.61 23.59 -24.77
CA ASP B 404 -8.24 22.50 -24.05
C ASP B 404 -8.76 22.98 -22.70
N GLU B 405 -9.86 22.39 -22.25
CA GLU B 405 -10.47 22.74 -20.97
C GLU B 405 -9.64 22.11 -19.86
N MET B 406 -8.78 21.18 -20.26
CA MET B 406 -7.90 20.47 -19.34
C MET B 406 -6.53 21.18 -19.29
N GLU B 407 -6.27 22.03 -20.28
CA GLU B 407 -5.02 22.78 -20.35
C GLU B 407 -4.95 23.81 -19.22
N PHE B 408 -6.03 24.57 -19.09
CA PHE B 408 -6.13 25.56 -18.04
C PHE B 408 -6.09 24.88 -16.71
N THR B 409 -6.78 23.74 -16.60
CA THR B 409 -6.81 23.01 -15.34
C THR B 409 -5.37 22.71 -14.96
N GLU B 410 -4.67 22.10 -15.90
CA GLU B 410 -3.28 21.74 -15.75
C GLU B 410 -2.44 22.85 -15.12
N ALA B 411 -2.26 23.92 -15.88
CA ALA B 411 -1.47 25.05 -15.43
C ALA B 411 -1.81 25.50 -14.02
N GLU B 412 -3.04 25.92 -13.80
CA GLU B 412 -3.41 26.38 -12.47
C GLU B 412 -2.88 25.43 -11.43
N SER B 413 -3.33 24.18 -11.49
CA SER B 413 -2.90 23.18 -10.54
C SER B 413 -1.39 23.28 -10.39
N ASN B 414 -0.67 22.91 -11.45
CA ASN B 414 0.79 22.98 -11.45
C ASN B 414 1.25 24.21 -10.70
N MET B 415 1.08 25.37 -11.31
CA MET B 415 1.49 26.62 -10.67
C MET B 415 0.89 26.77 -9.29
N ASN B 416 -0.28 26.18 -9.08
CA ASN B 416 -0.96 26.25 -7.79
C ASN B 416 -0.22 25.40 -6.75
N ASP B 417 0.26 24.24 -7.19
CA ASP B 417 1.02 23.34 -6.34
C ASP B 417 2.33 24.06 -6.00
N LEU B 418 2.86 24.73 -7.00
CA LEU B 418 4.09 25.48 -6.90
C LEU B 418 4.07 26.42 -5.68
N VAL B 419 2.87 26.88 -5.35
CA VAL B 419 2.65 27.76 -4.20
C VAL B 419 2.84 26.91 -2.96
N SER B 420 2.17 25.77 -2.97
CA SER B 420 2.24 24.81 -1.89
C SER B 420 3.69 24.61 -1.44
N GLU B 421 4.42 23.95 -2.31
CA GLU B 421 5.84 23.59 -2.10
C GLU B 421 6.60 24.71 -1.38
N TYR B 422 6.60 25.87 -2.00
CA TYR B 422 7.33 27.04 -1.53
C TYR B 422 7.09 27.30 -0.03
N GLN B 423 5.95 26.83 0.46
CA GLN B 423 5.59 27.01 1.87
C GLN B 423 6.29 25.96 2.74
N GLN B 424 6.61 24.87 2.09
CA GLN B 424 7.27 23.71 2.73
C GLN B 424 8.60 24.11 3.37
N TYR B 425 9.03 25.32 3.07
CA TYR B 425 10.32 25.83 3.56
C TYR B 425 10.12 27.03 4.49
N GLN B 426 9.06 27.77 4.22
CA GLN B 426 8.68 28.90 5.09
C GLN B 426 8.42 28.31 6.48
N ASP B 427 8.30 26.98 6.51
CA ASP B 427 8.05 26.23 7.74
C ASP B 427 9.11 25.14 7.96
N ILE C 1 4.25 -6.03 -7.56
CA ILE C 1 3.02 -5.74 -6.87
C ILE C 1 3.14 -4.53 -5.97
N CYS C 2 2.21 -3.59 -6.17
CA CYS C 2 2.18 -2.37 -5.40
C CYS C 2 0.77 -2.25 -4.80
N VAL C 3 0.69 -1.95 -3.52
CA VAL C 3 -0.62 -1.82 -2.89
C VAL C 3 -0.77 -0.48 -2.22
N CYS C 4 -1.84 0.22 -2.57
CA CYS C 4 -2.09 1.53 -1.98
C CYS C 4 -3.50 1.66 -1.39
N VAL C 5 -3.70 2.68 -0.58
CA VAL C 5 -5.01 2.89 -0.02
C VAL C 5 -5.35 4.36 -0.24
N ARG C 6 -6.61 4.65 -0.54
CA ARG C 6 -7.06 6.02 -0.71
C ARG C 6 -8.32 6.31 0.07
N LYS C 7 -8.25 7.28 0.97
CA LYS C 7 -9.38 7.71 1.74
C LYS C 7 -10.09 8.84 0.98
N ARG C 8 -11.42 8.75 0.83
CA ARG C 8 -12.18 9.79 0.17
C ARG C 8 -12.75 10.64 1.29
N PRO C 9 -13.03 11.92 1.01
CA PRO C 9 -13.58 12.73 2.10
C PRO C 9 -15.04 12.39 2.37
N LEU C 10 -15.55 12.86 3.50
CA LEU C 10 -16.94 12.64 3.83
C LEU C 10 -17.75 13.44 2.82
N ASN C 11 -18.85 12.89 2.31
CA ASN C 11 -19.65 13.63 1.34
C ASN C 11 -20.73 14.45 2.04
N LYS C 12 -21.55 15.14 1.25
CA LYS C 12 -22.61 15.98 1.81
C LYS C 12 -23.56 15.21 2.72
N GLN C 13 -24.09 14.11 2.20
CA GLN C 13 -25.02 13.27 2.92
C GLN C 13 -24.46 12.84 4.28
N GLU C 14 -23.22 12.34 4.27
CA GLU C 14 -22.58 11.89 5.50
C GLU C 14 -22.38 13.03 6.48
N LEU C 15 -21.92 14.17 6.00
CA LEU C 15 -21.71 15.33 6.88
C LEU C 15 -23.05 15.76 7.48
N ALA C 16 -24.08 15.78 6.63
CA ALA C 16 -25.42 16.17 7.07
C ALA C 16 -25.93 15.23 8.16
N LYS C 17 -25.73 13.92 7.96
CA LYS C 17 -26.15 12.94 8.96
C LYS C 17 -25.19 12.98 10.14
N LYS C 18 -24.25 13.92 10.10
CA LYS C 18 -23.26 14.05 11.15
C LYS C 18 -22.42 12.80 11.35
N GLU C 19 -21.99 12.18 10.24
CA GLU C 19 -21.16 10.99 10.32
C GLU C 19 -19.78 11.42 10.81
N ILE C 20 -19.19 10.64 11.70
CA ILE C 20 -17.87 10.95 12.21
C ILE C 20 -16.86 10.35 11.27
N ASP C 21 -15.78 11.09 11.02
CA ASP C 21 -14.69 10.66 10.15
C ASP C 21 -13.75 9.88 11.08
N VAL C 22 -13.57 8.59 10.83
CA VAL C 22 -12.73 7.78 11.71
C VAL C 22 -11.44 7.33 11.04
N ILE C 23 -11.02 8.05 10.00
CA ILE C 23 -9.80 7.69 9.29
C ILE C 23 -8.76 8.83 9.32
N SER C 24 -7.51 8.48 9.56
CA SER C 24 -6.41 9.46 9.58
C SER C 24 -5.28 8.85 8.76
N VAL C 25 -4.55 9.69 8.04
CA VAL C 25 -3.41 9.22 7.26
C VAL C 25 -2.33 10.26 7.57
N PRO C 26 -1.64 10.06 8.71
CA PRO C 26 -0.57 10.89 9.27
C PRO C 26 0.74 10.94 8.48
N SER C 27 0.92 10.03 7.54
CA SER C 27 2.12 10.00 6.71
C SER C 27 1.76 9.41 5.38
N LYS C 28 2.71 9.41 4.44
CA LYS C 28 2.43 8.91 3.11
C LYS C 28 2.34 7.39 2.96
N CYS C 29 2.52 6.67 4.06
CA CYS C 29 2.47 5.21 4.02
C CYS C 29 1.65 4.63 5.19
N LEU C 30 1.19 5.49 6.09
CA LEU C 30 0.43 5.07 7.26
C LEU C 30 -1.03 5.50 7.25
N LEU C 31 -1.94 4.55 7.46
CA LEU C 31 -3.36 4.86 7.55
C LEU C 31 -3.82 4.38 8.91
N LEU C 32 -4.53 5.25 9.63
CA LEU C 32 -5.05 4.97 10.96
C LEU C 32 -6.57 4.85 10.98
N VAL C 33 -7.08 3.79 11.61
CA VAL C 33 -8.53 3.61 11.76
C VAL C 33 -8.83 3.80 13.23
N HIS C 34 -9.61 4.82 13.55
CA HIS C 34 -9.98 5.11 14.93
C HIS C 34 -11.31 4.34 15.20
N GLU C 35 -11.18 3.03 15.40
CA GLU C 35 -12.34 2.18 15.62
C GLU C 35 -13.06 2.39 16.93
N PRO C 36 -14.33 2.80 16.87
CA PRO C 36 -15.18 3.05 18.04
C PRO C 36 -15.51 1.71 18.72
N LYS C 37 -15.39 1.64 20.03
CA LYS C 37 -15.69 0.36 20.71
C LYS C 37 -16.30 0.61 22.07
N LEU C 38 -16.95 -0.42 22.60
CA LEU C 38 -17.56 -0.31 23.93
C LEU C 38 -17.04 -1.43 24.80
N LYS C 39 -16.67 -1.11 26.03
CA LYS C 39 -16.21 -2.13 26.96
C LYS C 39 -17.49 -2.86 27.37
N VAL C 40 -17.35 -3.97 28.08
CA VAL C 40 -18.51 -4.74 28.51
C VAL C 40 -19.46 -3.86 29.30
N ASP C 41 -18.90 -2.98 30.14
CA ASP C 41 -19.71 -2.09 30.95
C ASP C 41 -20.22 -0.86 30.19
N LEU C 42 -20.15 -0.91 28.86
CA LEU C 42 -20.63 0.18 27.99
C LEU C 42 -19.73 1.45 27.86
N THR C 43 -18.52 1.39 28.43
CA THR C 43 -17.58 2.51 28.36
C THR C 43 -17.05 2.68 26.93
N LYS C 44 -17.07 3.90 26.42
CA LYS C 44 -16.60 4.19 25.06
C LYS C 44 -15.08 4.40 25.00
N TYR C 45 -14.43 3.80 24.01
CA TYR C 45 -12.99 3.98 23.81
C TYR C 45 -12.68 3.76 22.35
N LEU C 46 -11.41 3.98 22.03
CA LEU C 46 -10.91 3.85 20.67
C LEU C 46 -9.86 2.80 20.51
N GLU C 47 -10.04 1.91 19.54
CA GLU C 47 -8.96 1.05 19.26
C GLU C 47 -8.45 1.53 17.95
N ASN C 48 -7.37 2.29 18.05
CA ASN C 48 -6.75 2.92 16.89
C ASN C 48 -5.82 1.95 16.24
N GLN C 49 -6.20 1.48 15.06
CA GLN C 49 -5.40 0.51 14.33
C GLN C 49 -4.59 1.16 13.23
N ALA C 50 -3.40 0.63 13.00
CA ALA C 50 -2.48 1.16 12.00
C ALA C 50 -2.21 0.19 10.87
N PHE C 51 -2.25 0.70 9.64
CA PHE C 51 -1.97 -0.09 8.44
C PHE C 51 -0.93 0.70 7.63
N CYS C 52 -0.03 -0.01 6.96
CA CYS C 52 1.00 0.64 6.19
C CYS C 52 0.89 0.18 4.76
N PHE C 53 0.99 1.11 3.82
CA PHE C 53 0.93 0.75 2.41
C PHE C 53 2.07 1.44 1.66
N ASP C 54 2.33 0.99 0.44
CA ASP C 54 3.37 1.59 -0.37
C ASP C 54 3.05 3.08 -0.46
N PHE C 55 1.76 3.39 -0.58
CA PHE C 55 1.29 4.77 -0.63
C PHE C 55 -0.10 4.86 -0.04
N ALA C 56 -0.28 5.80 0.89
CA ALA C 56 -1.54 6.06 1.53
C ALA C 56 -1.94 7.49 1.17
N PHE C 57 -3.09 7.66 0.53
CA PHE C 57 -3.60 8.96 0.10
C PHE C 57 -4.73 9.47 1.00
N ASP C 58 -4.66 10.74 1.44
CA ASP C 58 -5.71 11.28 2.28
C ASP C 58 -6.84 11.92 1.46
N GLU C 59 -7.82 12.47 2.16
CA GLU C 59 -8.98 13.05 1.48
C GLU C 59 -8.69 14.26 0.59
N THR C 60 -7.47 14.82 0.69
CA THR C 60 -7.16 15.97 -0.13
C THR C 60 -6.43 15.60 -1.41
N ALA C 61 -6.13 14.31 -1.57
CA ALA C 61 -5.43 13.85 -2.76
C ALA C 61 -6.34 13.78 -3.97
N SER C 62 -5.90 14.38 -5.08
CA SER C 62 -6.72 14.39 -6.29
C SER C 62 -6.43 13.14 -7.11
N ASN C 63 -7.24 12.88 -8.12
CA ASN C 63 -7.03 11.72 -8.97
C ASN C 63 -5.67 11.72 -9.66
N GLU C 64 -5.18 12.90 -10.02
CA GLU C 64 -3.89 13.01 -10.70
C GLU C 64 -2.77 12.60 -9.76
N VAL C 65 -2.86 13.02 -8.51
CA VAL C 65 -1.88 12.63 -7.52
C VAL C 65 -1.91 11.10 -7.32
N VAL C 66 -3.12 10.54 -7.15
CA VAL C 66 -3.28 9.09 -6.98
C VAL C 66 -2.72 8.37 -8.19
N TYR C 67 -3.13 8.83 -9.37
CA TYR C 67 -2.65 8.21 -10.60
C TYR C 67 -1.13 8.19 -10.71
N ARG C 68 -0.50 9.30 -10.31
CA ARG C 68 0.95 9.43 -10.39
C ARG C 68 1.70 8.35 -9.64
N PHE C 69 1.17 7.91 -8.50
CA PHE C 69 1.85 6.89 -7.71
C PHE C 69 1.29 5.47 -7.81
N THR C 70 0.35 5.26 -8.73
CA THR C 70 -0.23 3.93 -8.88
C THR C 70 -0.10 3.38 -10.27
N ALA C 71 -0.93 3.85 -11.19
CA ALA C 71 -0.87 3.33 -12.55
C ALA C 71 0.26 3.92 -13.43
N ARG C 72 0.62 5.18 -13.18
CA ARG C 72 1.66 5.83 -13.99
C ARG C 72 2.94 4.99 -14.12
N PRO C 73 3.46 4.48 -12.98
CA PRO C 73 4.67 3.66 -13.01
C PRO C 73 4.51 2.33 -13.76
N LEU C 74 3.30 2.01 -14.20
CA LEU C 74 3.08 0.74 -14.90
C LEU C 74 3.01 0.89 -16.41
N VAL C 75 2.80 2.11 -16.88
CA VAL C 75 2.72 2.34 -18.32
C VAL C 75 3.97 1.87 -19.03
N GLN C 76 5.12 2.24 -18.48
CA GLN C 76 6.40 1.85 -19.08
C GLN C 76 6.50 0.33 -19.25
N THR C 77 5.90 -0.38 -18.31
CA THR C 77 5.91 -1.84 -18.32
C THR C 77 5.35 -2.41 -19.63
N ILE C 78 4.30 -1.80 -20.17
CA ILE C 78 3.72 -2.31 -21.42
C ILE C 78 4.61 -1.96 -22.61
N PHE C 79 5.32 -0.83 -22.54
CA PHE C 79 6.21 -0.46 -23.63
C PHE C 79 7.43 -1.35 -23.60
N GLU C 80 7.76 -1.88 -22.42
CA GLU C 80 8.88 -2.80 -22.28
C GLU C 80 8.39 -4.21 -22.62
N GLY C 81 7.17 -4.28 -23.16
CA GLY C 81 6.59 -5.55 -23.55
C GLY C 81 5.96 -6.41 -22.46
N GLY C 82 5.58 -5.80 -21.35
CA GLY C 82 4.97 -6.56 -20.27
C GLY C 82 3.45 -6.42 -20.21
N LYS C 83 2.87 -6.93 -19.13
CA LYS C 83 1.43 -6.88 -18.93
C LYS C 83 1.20 -6.29 -17.56
N ALA C 84 0.48 -5.18 -17.52
CA ALA C 84 0.19 -4.50 -16.26
C ALA C 84 -1.30 -4.48 -15.97
N THR C 85 -1.63 -4.46 -14.69
CA THR C 85 -3.02 -4.42 -14.26
C THR C 85 -3.08 -3.51 -13.06
N CYS C 86 -4.14 -2.72 -12.98
CA CYS C 86 -4.37 -1.81 -11.88
C CYS C 86 -5.82 -2.04 -11.43
N PHE C 87 -6.02 -2.34 -10.15
CA PHE C 87 -7.36 -2.62 -9.65
C PHE C 87 -7.79 -1.62 -8.62
N ALA C 88 -9.06 -1.21 -8.71
CA ALA C 88 -9.66 -0.36 -7.74
C ALA C 88 -10.54 -1.24 -6.92
N TYR C 89 -10.24 -1.35 -5.63
CA TYR C 89 -10.94 -2.27 -4.72
C TYR C 89 -11.48 -1.57 -3.49
N GLY C 90 -12.66 -2.00 -3.03
CA GLY C 90 -13.25 -1.41 -1.84
C GLY C 90 -14.76 -1.52 -1.77
N GLN C 91 -15.33 -0.93 -0.73
CA GLN C 91 -16.78 -1.00 -0.54
C GLN C 91 -17.57 -0.13 -1.51
N THR C 92 -18.86 -0.43 -1.60
CA THR C 92 -19.77 0.32 -2.44
C THR C 92 -19.71 1.79 -2.01
N GLY C 93 -19.53 2.69 -2.98
CA GLY C 93 -19.45 4.11 -2.66
C GLY C 93 -18.12 4.60 -2.11
N SER C 94 -17.07 3.78 -2.20
CA SER C 94 -15.75 4.16 -1.65
C SER C 94 -14.91 5.06 -2.59
N GLY C 95 -15.26 5.09 -3.87
CA GLY C 95 -14.56 5.92 -4.83
C GLY C 95 -13.90 5.18 -5.96
N LYS C 96 -14.29 3.92 -6.17
CA LYS C 96 -13.67 3.14 -7.21
C LYS C 96 -13.88 3.69 -8.62
N THR C 97 -15.14 3.93 -8.98
CA THR C 97 -15.49 4.44 -10.31
C THR C 97 -14.98 5.88 -10.51
N HIS C 98 -15.07 6.67 -9.46
CA HIS C 98 -14.62 8.05 -9.48
C HIS C 98 -13.14 8.14 -9.84
N THR C 99 -12.35 7.21 -9.30
CA THR C 99 -10.92 7.16 -9.52
C THR C 99 -10.53 6.66 -10.89
N MET C 100 -11.16 5.58 -11.33
CA MET C 100 -10.82 4.98 -12.64
C MET C 100 -11.50 5.69 -13.82
N GLY C 101 -12.78 5.99 -13.71
CA GLY C 101 -13.47 6.57 -14.85
C GLY C 101 -13.67 8.07 -14.94
N GLY C 102 -13.54 8.77 -13.84
CA GLY C 102 -13.77 10.20 -13.91
C GLY C 102 -14.70 10.55 -12.78
N ASP C 103 -14.60 11.79 -12.34
CA ASP C 103 -15.36 12.31 -11.22
C ASP C 103 -16.87 12.28 -11.31
N LEU C 104 -17.43 11.32 -10.58
CA LEU C 104 -18.86 11.07 -10.47
C LEU C 104 -19.03 9.59 -10.12
N GLN C 109 -18.24 10.52 -14.60
CA GLN C 109 -18.77 11.51 -15.55
C GLN C 109 -17.71 12.08 -16.47
N ASN C 110 -16.76 12.81 -15.89
CA ASN C 110 -15.69 13.41 -16.66
C ASN C 110 -14.55 12.41 -16.86
N ALA C 111 -14.56 11.75 -18.02
CA ALA C 111 -13.56 10.76 -18.35
C ALA C 111 -12.12 11.24 -18.20
N SER C 112 -11.84 12.43 -18.73
CA SER C 112 -10.49 13.01 -18.70
C SER C 112 -9.84 13.05 -17.32
N LYS C 113 -10.65 13.19 -16.27
CA LYS C 113 -10.12 13.27 -14.91
C LYS C 113 -9.89 11.92 -14.23
N GLY C 114 -10.09 10.82 -14.96
CA GLY C 114 -9.88 9.51 -14.38
C GLY C 114 -8.63 8.81 -14.84
N ILE C 115 -8.24 7.75 -14.12
CA ILE C 115 -7.05 6.98 -14.44
C ILE C 115 -7.05 6.36 -15.84
N TYR C 116 -8.20 5.97 -16.35
CA TYR C 116 -8.21 5.39 -17.70
C TYR C 116 -7.64 6.42 -18.68
N ALA C 117 -8.15 7.65 -18.55
CA ALA C 117 -7.76 8.75 -19.41
C ALA C 117 -6.30 9.14 -19.21
N MET C 118 -5.95 9.45 -17.97
CA MET C 118 -4.59 9.83 -17.63
C MET C 118 -3.57 8.82 -18.12
N ALA C 119 -3.87 7.54 -17.96
CA ALA C 119 -2.95 6.49 -18.39
C ALA C 119 -2.79 6.51 -19.89
N SER C 120 -3.90 6.77 -20.58
CA SER C 120 -3.91 6.84 -22.04
C SER C 120 -3.05 8.00 -22.50
N ARG C 121 -3.21 9.12 -21.82
CA ARG C 121 -2.46 10.34 -22.10
C ARG C 121 -0.95 10.07 -22.09
N ASP C 122 -0.48 9.32 -21.09
CA ASP C 122 0.93 9.01 -20.99
C ASP C 122 1.37 7.94 -21.97
N VAL C 123 0.43 7.16 -22.48
CA VAL C 123 0.77 6.12 -23.44
C VAL C 123 1.09 6.75 -24.78
N PHE C 124 0.38 7.81 -25.12
CA PHE C 124 0.64 8.49 -26.37
C PHE C 124 1.92 9.32 -26.30
N LEU C 125 2.22 9.84 -25.12
CA LEU C 125 3.43 10.62 -24.90
C LEU C 125 4.67 9.73 -25.00
N LEU C 126 4.60 8.56 -24.39
CA LEU C 126 5.73 7.62 -24.43
C LEU C 126 5.98 7.02 -25.80
N LYS C 127 4.91 6.67 -26.51
CA LYS C 127 5.08 6.06 -27.83
C LYS C 127 5.79 6.99 -28.80
N ASN C 128 5.69 8.29 -28.55
CA ASN C 128 6.33 9.28 -29.41
C ASN C 128 7.74 9.62 -28.94
N GLN C 129 8.24 8.91 -27.93
CA GLN C 129 9.58 9.14 -27.42
C GLN C 129 10.55 8.32 -28.25
N PRO C 130 11.76 8.86 -28.50
CA PRO C 130 12.81 8.19 -29.28
C PRO C 130 13.04 6.73 -28.92
N ARG C 131 13.11 6.45 -27.62
CA ARG C 131 13.33 5.08 -27.18
C ARG C 131 12.23 4.13 -27.63
N TYR C 132 11.08 4.66 -28.01
CA TYR C 132 9.98 3.83 -28.44
C TYR C 132 9.50 4.07 -29.88
N ARG C 133 9.81 5.25 -30.42
CA ARG C 133 9.41 5.58 -31.80
C ARG C 133 9.62 4.41 -32.75
N ASN C 134 10.84 3.90 -32.77
CA ASN C 134 11.21 2.80 -33.66
C ASN C 134 10.47 1.49 -33.40
N LEU C 135 9.49 1.52 -32.49
CA LEU C 135 8.71 0.33 -32.20
C LEU C 135 7.59 0.21 -33.21
N ASN C 136 7.19 1.35 -33.78
CA ASN C 136 6.11 1.38 -34.76
C ASN C 136 4.92 0.60 -34.19
N LEU C 137 4.39 1.11 -33.10
CA LEU C 137 3.26 0.48 -32.42
C LEU C 137 1.97 1.19 -32.73
N GLU C 138 0.87 0.46 -32.58
CA GLU C 138 -0.47 1.00 -32.80
C GLU C 138 -1.19 0.82 -31.47
N VAL C 139 -1.94 1.83 -31.06
CA VAL C 139 -2.65 1.78 -29.79
C VAL C 139 -4.12 1.39 -29.96
N TYR C 140 -4.52 0.36 -29.20
CA TYR C 140 -5.90 -0.13 -29.22
C TYR C 140 -6.50 -0.09 -27.83
N VAL C 141 -7.82 0.05 -27.79
CA VAL C 141 -8.54 0.14 -26.53
C VAL C 141 -9.75 -0.80 -26.53
N THR C 142 -10.09 -1.33 -25.35
CA THR C 142 -11.26 -2.19 -25.19
C THR C 142 -11.92 -1.84 -23.87
N PHE C 143 -13.22 -2.08 -23.77
CA PHE C 143 -13.95 -1.78 -22.54
C PHE C 143 -15.05 -2.84 -22.39
N PHE C 144 -14.96 -3.66 -21.33
CA PHE C 144 -15.95 -4.70 -21.10
C PHE C 144 -16.27 -4.82 -19.63
N GLU C 145 -17.40 -5.45 -19.32
CA GLU C 145 -17.80 -5.65 -17.93
C GLU C 145 -18.13 -7.10 -17.70
N ILE C 146 -17.88 -7.56 -16.48
CA ILE C 146 -18.17 -8.95 -16.12
C ILE C 146 -19.30 -8.91 -15.10
N TYR C 147 -20.37 -9.63 -15.42
CA TYR C 147 -21.56 -9.69 -14.58
C TYR C 147 -22.02 -11.16 -14.55
N ASN C 148 -22.12 -11.70 -13.34
CA ASN C 148 -22.54 -13.09 -13.15
C ASN C 148 -21.89 -14.08 -14.10
N GLY C 149 -20.56 -14.10 -14.10
CA GLY C 149 -19.82 -15.02 -14.95
C GLY C 149 -19.98 -14.77 -16.43
N LYS C 150 -20.58 -13.63 -16.77
CA LYS C 150 -20.79 -13.29 -18.18
C LYS C 150 -20.01 -12.03 -18.58
N VAL C 151 -19.46 -12.04 -19.80
CA VAL C 151 -18.70 -10.91 -20.32
C VAL C 151 -19.54 -10.12 -21.32
N PHE C 152 -19.58 -8.80 -21.14
CA PHE C 152 -20.35 -7.93 -22.03
C PHE C 152 -19.49 -6.81 -22.61
N ASP C 153 -19.48 -6.69 -23.93
CA ASP C 153 -18.70 -5.65 -24.60
C ASP C 153 -19.38 -4.30 -24.45
N LEU C 154 -18.76 -3.39 -23.69
CA LEU C 154 -19.32 -2.06 -23.49
C LEU C 154 -19.11 -1.13 -24.67
N LEU C 155 -18.27 -1.55 -25.61
CA LEU C 155 -18.01 -0.74 -26.80
C LEU C 155 -18.75 -1.33 -27.99
N ASN C 156 -19.51 -2.38 -27.73
CA ASN C 156 -20.29 -3.06 -28.75
C ASN C 156 -21.68 -3.35 -28.19
N LYS C 157 -22.25 -2.32 -27.59
CA LYS C 157 -23.59 -2.35 -26.99
C LYS C 157 -23.92 -3.54 -26.09
N LYS C 158 -23.18 -3.68 -25.00
CA LYS C 158 -23.42 -4.76 -24.05
C LYS C 158 -23.50 -6.14 -24.67
N ALA C 159 -23.03 -6.28 -25.91
CA ALA C 159 -23.06 -7.57 -26.57
C ALA C 159 -22.39 -8.64 -25.70
N LYS C 160 -23.13 -9.70 -25.39
CA LYS C 160 -22.60 -10.78 -24.58
C LYS C 160 -21.58 -11.59 -25.36
N LEU C 161 -20.40 -11.79 -24.77
CA LEU C 161 -19.34 -12.52 -25.44
C LEU C 161 -19.08 -13.88 -24.82
N ARG C 162 -18.42 -14.74 -25.60
CA ARG C 162 -18.07 -16.08 -25.16
C ARG C 162 -16.60 -16.15 -24.74
N VAL C 163 -16.32 -16.90 -23.69
CA VAL C 163 -14.96 -17.05 -23.20
C VAL C 163 -14.56 -18.52 -23.31
N LEU C 164 -13.50 -18.80 -24.07
CA LEU C 164 -13.03 -20.16 -24.27
C LEU C 164 -11.59 -20.32 -23.79
N GLU C 165 -11.23 -21.56 -23.46
CA GLU C 165 -9.90 -21.86 -22.97
C GLU C 165 -9.47 -23.24 -23.42
N ASP C 166 -8.53 -23.28 -24.37
CA ASP C 166 -8.03 -24.56 -24.86
C ASP C 166 -7.44 -25.38 -23.73
N SER C 167 -6.52 -26.29 -24.09
CA SER C 167 -5.84 -27.21 -23.18
C SER C 167 -4.50 -26.70 -22.72
N ARG C 168 -3.94 -25.87 -23.59
CA ARG C 168 -2.73 -25.19 -23.32
C ARG C 168 -3.08 -24.19 -22.27
N GLN C 169 -4.38 -24.03 -22.05
CA GLN C 169 -4.98 -23.10 -21.05
C GLN C 169 -4.96 -21.57 -21.41
N GLN C 170 -4.45 -21.07 -22.55
CA GLN C 170 -4.71 -19.64 -22.56
C GLN C 170 -6.19 -19.34 -22.84
N VAL C 171 -6.66 -18.22 -22.27
CA VAL C 171 -8.06 -17.84 -22.47
C VAL C 171 -8.21 -16.87 -23.64
N GLN C 172 -9.36 -16.84 -24.31
CA GLN C 172 -9.61 -15.89 -25.38
C GLN C 172 -11.05 -15.47 -25.23
N VAL C 173 -11.29 -14.18 -25.41
CA VAL C 173 -12.62 -13.64 -25.31
C VAL C 173 -13.05 -13.37 -26.75
N VAL C 174 -13.84 -14.28 -27.29
CA VAL C 174 -14.31 -14.19 -28.65
C VAL C 174 -15.27 -13.02 -28.88
N GLY C 175 -14.97 -12.20 -29.87
CA GLY C 175 -15.81 -11.06 -30.20
C GLY C 175 -15.53 -9.72 -29.55
N LEU C 176 -14.64 -9.69 -28.55
CA LEU C 176 -14.32 -8.42 -27.88
C LEU C 176 -13.84 -7.43 -28.95
N GLN C 177 -14.43 -6.24 -28.96
CA GLN C 177 -14.07 -5.24 -29.96
C GLN C 177 -12.89 -4.34 -29.57
N GLU C 178 -11.86 -4.36 -30.39
CA GLU C 178 -10.67 -3.52 -30.18
C GLU C 178 -10.81 -2.27 -31.05
N TYR C 179 -10.70 -1.09 -30.46
CA TYR C 179 -10.79 0.14 -31.23
C TYR C 179 -9.46 0.88 -31.33
N LEU C 180 -9.11 1.29 -32.53
CA LEU C 180 -7.88 2.02 -32.77
C LEU C 180 -8.00 3.46 -32.28
N VAL C 181 -7.05 3.89 -31.47
CA VAL C 181 -7.04 5.25 -30.97
C VAL C 181 -5.70 5.86 -31.32
N THR C 182 -5.72 7.14 -31.69
CA THR C 182 -4.49 7.84 -32.08
C THR C 182 -4.38 9.14 -31.30
N CYS C 183 -5.36 9.35 -30.43
CA CYS C 183 -5.40 10.58 -29.65
C CYS C 183 -6.12 10.35 -28.31
N ALA C 184 -5.74 11.11 -27.29
CA ALA C 184 -6.37 10.98 -25.98
C ALA C 184 -7.86 11.28 -26.10
N ASP C 185 -8.21 12.18 -27.02
CA ASP C 185 -9.61 12.53 -27.22
C ASP C 185 -10.34 11.31 -27.75
N ASP C 186 -9.63 10.48 -28.50
CA ASP C 186 -10.23 9.26 -29.02
C ASP C 186 -10.62 8.39 -27.81
N VAL C 187 -9.63 8.09 -26.97
CA VAL C 187 -9.83 7.28 -25.78
C VAL C 187 -10.96 7.81 -24.91
N ILE C 188 -11.04 9.12 -24.77
CA ILE C 188 -12.08 9.73 -23.95
C ILE C 188 -13.46 9.48 -24.56
N LYS C 189 -13.51 9.31 -25.87
CA LYS C 189 -14.78 9.06 -26.51
C LYS C 189 -15.22 7.62 -26.25
N MET C 190 -14.28 6.70 -26.19
CA MET C 190 -14.60 5.31 -25.94
C MET C 190 -14.95 5.08 -24.47
N ILE C 191 -14.35 5.86 -23.58
CA ILE C 191 -14.63 5.75 -22.16
C ILE C 191 -16.05 6.26 -21.87
N ASN C 192 -16.42 7.40 -22.47
CA ASN C 192 -17.75 7.95 -22.26
C ASN C 192 -18.79 6.95 -22.78
N MET C 193 -18.55 6.43 -23.98
CA MET C 193 -19.44 5.48 -24.61
C MET C 193 -19.65 4.26 -23.72
N GLY C 194 -18.53 3.67 -23.29
CA GLY C 194 -18.59 2.49 -22.46
C GLY C 194 -19.26 2.71 -21.11
N SER C 195 -18.91 3.81 -20.45
CA SER C 195 -19.48 4.12 -19.15
C SER C 195 -20.96 4.44 -19.26
N ALA C 196 -21.36 4.93 -20.43
CA ALA C 196 -22.75 5.28 -20.67
C ALA C 196 -23.67 4.05 -20.71
N CYS C 197 -23.12 2.90 -21.09
CA CYS C 197 -23.93 1.70 -21.16
C CYS C 197 -23.46 0.59 -20.23
N ARG C 198 -22.96 0.95 -19.05
CA ARG C 198 -22.49 -0.05 -18.09
C ARG C 198 -23.57 -0.38 -17.07
N THR C 199 -23.59 -1.65 -16.65
CA THR C 199 -24.57 -2.11 -15.67
C THR C 199 -24.14 -1.71 -14.26
N ASN C 208 -24.62 5.81 -10.48
CA ASN C 208 -23.76 4.65 -10.73
C ASN C 208 -23.98 3.60 -9.66
N SER C 209 -23.25 2.49 -9.82
CA SER C 209 -23.29 1.36 -8.91
C SER C 209 -22.53 0.16 -9.42
N SER C 210 -22.02 -0.66 -8.52
CA SER C 210 -21.21 -1.80 -8.92
C SER C 210 -22.03 -2.80 -9.72
N ARG C 211 -22.24 -4.01 -9.18
CA ARG C 211 -22.91 -5.20 -9.68
C ARG C 211 -22.05 -5.92 -10.72
N SER C 212 -21.26 -5.14 -11.47
CA SER C 212 -20.25 -5.74 -12.33
C SER C 212 -18.85 -5.31 -11.89
N HIS C 213 -17.96 -6.02 -12.63
CA HIS C 213 -16.55 -5.71 -12.82
C HIS C 213 -16.32 -4.90 -14.09
N ALA C 214 -15.74 -3.68 -13.94
CA ALA C 214 -15.40 -2.96 -15.16
C ALA C 214 -13.92 -3.10 -15.51
N CYS C 215 -13.65 -3.32 -16.81
CA CYS C 215 -12.28 -3.46 -17.25
C CYS C 215 -12.05 -2.78 -18.60
N PHE C 216 -11.26 -1.71 -18.49
CA PHE C 216 -10.87 -0.90 -19.63
C PHE C 216 -9.42 -1.28 -19.95
N GLN C 217 -9.16 -1.69 -21.19
CA GLN C 217 -7.81 -2.10 -21.57
C GLN C 217 -7.11 -1.20 -22.61
N ILE C 218 -5.80 -1.12 -22.51
CA ILE C 218 -4.98 -0.36 -23.45
C ILE C 218 -3.97 -1.35 -23.99
N LEU C 219 -4.10 -1.70 -25.27
CA LEU C 219 -3.21 -2.65 -25.90
C LEU C 219 -2.25 -2.00 -26.90
N LEU C 220 -1.03 -2.53 -26.96
CA LEU C 220 -0.01 -2.05 -27.90
C LEU C 220 0.28 -3.17 -28.89
N ARG C 221 0.16 -2.87 -30.18
CA ARG C 221 0.42 -3.86 -31.22
C ARG C 221 1.35 -3.30 -32.29
N THR C 222 2.14 -4.18 -32.89
CA THR C 222 3.07 -3.78 -33.92
C THR C 222 2.85 -4.51 -35.25
N LYS C 223 2.95 -5.84 -35.22
CA LYS C 223 2.80 -6.62 -36.43
C LYS C 223 2.17 -8.00 -36.20
N GLY C 224 0.85 -8.01 -36.08
CA GLY C 224 0.16 -9.26 -35.83
C GLY C 224 0.32 -9.67 -34.37
N ARG C 225 1.40 -9.20 -33.75
CA ARG C 225 1.68 -9.53 -32.35
C ARG C 225 1.29 -8.45 -31.35
N LEU C 226 1.01 -8.89 -30.13
CA LEU C 226 0.65 -7.98 -29.05
C LEU C 226 1.96 -7.61 -28.39
N HIS C 227 2.24 -6.32 -28.30
CA HIS C 227 3.48 -5.89 -27.68
C HIS C 227 3.32 -5.86 -26.17
N GLY C 228 2.34 -5.10 -25.71
CA GLY C 228 2.08 -4.98 -24.29
C GLY C 228 0.61 -4.64 -24.05
N LYS C 229 0.14 -4.91 -22.83
CA LYS C 229 -1.26 -4.64 -22.50
C LYS C 229 -1.42 -4.18 -21.06
N PHE C 230 -2.26 -3.15 -20.88
CA PHE C 230 -2.53 -2.59 -19.55
C PHE C 230 -4.04 -2.74 -19.30
N SER C 231 -4.40 -3.49 -18.26
CA SER C 231 -5.82 -3.70 -17.92
C SER C 231 -6.17 -2.95 -16.67
N LEU C 232 -7.04 -1.95 -16.81
CA LEU C 232 -7.47 -1.14 -15.69
C LEU C 232 -8.83 -1.66 -15.22
N VAL C 233 -8.89 -2.13 -13.98
CA VAL C 233 -10.13 -2.71 -13.47
C VAL C 233 -10.86 -1.98 -12.36
N ASP C 234 -12.13 -1.72 -12.61
CA ASP C 234 -13.02 -1.06 -11.65
C ASP C 234 -13.85 -2.20 -11.04
N LEU C 235 -13.42 -2.70 -9.89
CA LEU C 235 -14.11 -3.83 -9.26
C LEU C 235 -15.47 -3.51 -8.65
N ALA C 236 -16.27 -4.55 -8.45
CA ALA C 236 -17.58 -4.39 -7.84
C ALA C 236 -17.39 -4.27 -6.32
N GLY C 237 -18.34 -3.65 -5.63
CA GLY C 237 -18.24 -3.51 -4.18
C GLY C 237 -17.86 -4.83 -3.51
N ASN C 238 -16.97 -4.75 -2.53
CA ASN C 238 -16.49 -5.95 -1.85
C ASN C 238 -17.35 -6.35 -0.65
N GLU C 239 -18.23 -5.46 -0.21
CA GLU C 239 -19.11 -5.75 0.91
C GLU C 239 -20.41 -6.41 0.44
N ARG C 252 -30.63 -12.66 -5.49
CA ARG C 252 -29.58 -11.64 -5.38
C ARG C 252 -28.30 -12.20 -4.76
N MET C 253 -28.17 -13.53 -4.74
CA MET C 253 -26.98 -14.13 -4.17
C MET C 253 -25.81 -14.10 -5.16
N GLU C 254 -25.67 -12.99 -5.86
CA GLU C 254 -24.59 -12.81 -6.83
C GLU C 254 -23.31 -12.44 -6.08
N GLY C 255 -23.46 -12.08 -4.81
CA GLY C 255 -22.30 -11.72 -4.00
C GLY C 255 -21.36 -12.91 -3.91
N ALA C 256 -21.89 -14.08 -4.26
CA ALA C 256 -21.10 -15.30 -4.23
C ALA C 256 -20.11 -15.29 -5.38
N GLU C 257 -20.55 -14.78 -6.52
CA GLU C 257 -19.69 -14.69 -7.70
C GLU C 257 -18.67 -13.59 -7.45
N ILE C 258 -19.11 -12.51 -6.81
CA ILE C 258 -18.23 -11.39 -6.51
C ILE C 258 -17.18 -11.76 -5.49
N ASN C 259 -17.58 -12.54 -4.49
CA ASN C 259 -16.64 -12.95 -3.46
C ASN C 259 -15.65 -13.99 -3.99
N LYS C 260 -16.11 -14.84 -4.91
CA LYS C 260 -15.23 -15.88 -5.46
C LYS C 260 -14.18 -15.22 -6.34
N SER C 261 -14.60 -14.20 -7.09
CA SER C 261 -13.71 -13.48 -7.98
C SER C 261 -12.68 -12.73 -7.15
N LEU C 262 -13.10 -12.11 -6.07
CA LEU C 262 -12.17 -11.40 -5.21
C LEU C 262 -11.22 -12.36 -4.52
N LEU C 263 -11.70 -13.54 -4.16
CA LEU C 263 -10.84 -14.53 -3.52
C LEU C 263 -9.87 -15.03 -4.58
N ALA C 264 -10.38 -15.22 -5.80
CA ALA C 264 -9.55 -15.67 -6.91
C ALA C 264 -8.52 -14.60 -7.28
N LEU C 265 -8.96 -13.34 -7.31
CA LEU C 265 -8.04 -12.25 -7.63
C LEU C 265 -6.85 -12.26 -6.69
N LYS C 266 -7.13 -12.31 -5.39
CA LYS C 266 -6.07 -12.30 -4.38
C LYS C 266 -5.02 -13.36 -4.64
N GLU C 267 -5.44 -14.60 -4.86
CA GLU C 267 -4.50 -15.68 -5.10
C GLU C 267 -3.74 -15.55 -6.42
N CYS C 268 -4.35 -14.92 -7.41
CA CYS C 268 -3.68 -14.72 -8.69
C CYS C 268 -2.56 -13.67 -8.54
N ILE C 269 -2.86 -12.60 -7.82
CA ILE C 269 -1.90 -11.54 -7.59
C ILE C 269 -0.75 -12.06 -6.73
N ARG C 270 -1.07 -12.84 -5.70
CA ARG C 270 -0.05 -13.40 -4.84
C ARG C 270 0.77 -14.42 -5.63
N ALA C 271 0.13 -15.10 -6.57
CA ALA C 271 0.88 -16.07 -7.35
C ALA C 271 1.83 -15.34 -8.28
N LEU C 272 1.62 -14.03 -8.45
CA LEU C 272 2.47 -13.23 -9.32
C LEU C 272 3.84 -13.02 -8.69
N GLY C 273 3.86 -12.80 -7.38
CA GLY C 273 5.12 -12.60 -6.70
C GLY C 273 5.66 -13.92 -6.16
N GLN C 274 5.73 -14.94 -7.02
CA GLN C 274 6.23 -16.23 -6.61
C GLN C 274 6.28 -17.21 -7.78
N PHE C 281 -6.98 -22.31 -6.57
CA PHE C 281 -7.68 -21.16 -7.14
C PHE C 281 -9.12 -21.07 -6.64
N ARG C 282 -9.90 -21.82 -7.43
CA ARG C 282 -11.30 -21.77 -7.53
C ARG C 282 -11.53 -20.60 -8.42
N GLU C 283 -11.32 -20.86 -9.70
CA GLU C 283 -11.45 -19.86 -10.75
C GLU C 283 -12.71 -19.03 -10.77
N SER C 284 -12.63 -17.94 -11.54
CA SER C 284 -13.78 -17.09 -11.77
C SER C 284 -13.58 -16.47 -13.15
N LYS C 285 -14.59 -15.79 -13.65
CA LYS C 285 -14.54 -15.16 -14.97
C LYS C 285 -13.44 -14.10 -15.01
N LEU C 286 -13.49 -13.18 -14.06
CA LEU C 286 -12.50 -12.11 -13.97
C LEU C 286 -11.06 -12.60 -14.08
N THR C 287 -10.70 -13.57 -13.24
CA THR C 287 -9.34 -14.09 -13.22
C THR C 287 -9.01 -14.97 -14.40
N GLN C 288 -10.05 -15.42 -15.09
CA GLN C 288 -9.86 -16.27 -16.25
C GLN C 288 -9.49 -15.35 -17.42
N VAL C 289 -10.23 -14.26 -17.56
CA VAL C 289 -10.01 -13.29 -18.61
C VAL C 289 -8.66 -12.56 -18.46
N LEU C 290 -8.26 -12.29 -17.23
CA LEU C 290 -7.01 -11.61 -16.96
C LEU C 290 -5.87 -12.57 -16.66
N ARG C 291 -6.10 -13.87 -16.87
CA ARG C 291 -5.11 -14.92 -16.59
C ARG C 291 -3.72 -14.62 -17.17
N ASP C 292 -3.64 -14.30 -18.46
CA ASP C 292 -2.35 -14.02 -19.09
C ASP C 292 -1.59 -12.82 -18.51
N SER C 293 -2.26 -12.02 -17.67
CA SER C 293 -1.61 -10.87 -17.07
C SER C 293 -1.02 -11.16 -15.70
N PHE C 294 -1.08 -12.42 -15.28
CA PHE C 294 -0.53 -12.82 -13.99
C PHE C 294 0.50 -13.94 -14.16
N ILE C 295 0.44 -14.62 -15.29
CA ILE C 295 1.33 -15.74 -15.58
C ILE C 295 2.72 -15.38 -16.11
N GLY C 296 2.82 -14.26 -16.83
CA GLY C 296 4.11 -13.87 -17.38
C GLY C 296 5.09 -13.41 -16.32
N GLU C 297 6.39 -13.44 -16.65
CA GLU C 297 7.40 -13.00 -15.71
C GLU C 297 7.58 -11.48 -15.79
N ASN C 298 7.20 -10.91 -16.93
CA ASN C 298 7.29 -9.47 -17.13
C ASN C 298 5.89 -8.88 -16.95
N SER C 299 5.37 -9.01 -15.74
CA SER C 299 4.04 -8.49 -15.44
C SER C 299 4.02 -7.81 -14.08
N ARG C 300 3.34 -6.67 -14.02
CA ARG C 300 3.23 -5.89 -12.79
C ARG C 300 1.79 -5.56 -12.49
N THR C 301 1.49 -5.34 -11.21
CA THR C 301 0.13 -5.01 -10.83
C THR C 301 0.13 -4.01 -9.71
N CYS C 302 -0.94 -3.23 -9.62
CA CYS C 302 -1.08 -2.26 -8.55
C CYS C 302 -2.50 -2.40 -8.04
N MET C 303 -2.65 -2.39 -6.73
CA MET C 303 -3.97 -2.52 -6.13
C MET C 303 -4.23 -1.25 -5.35
N ILE C 304 -5.36 -0.60 -5.62
CA ILE C 304 -5.71 0.61 -4.87
C ILE C 304 -6.96 0.30 -4.04
N ALA C 305 -6.82 0.37 -2.73
CA ALA C 305 -7.92 0.11 -1.82
C ALA C 305 -8.63 1.41 -1.47
N MET C 306 -9.91 1.52 -1.84
CA MET C 306 -10.71 2.72 -1.56
C MET C 306 -11.40 2.57 -0.21
N ILE C 307 -11.44 3.65 0.57
CA ILE C 307 -12.03 3.63 1.89
C ILE C 307 -13.01 4.78 2.12
N SER C 308 -14.20 4.47 2.63
CA SER C 308 -15.13 5.49 2.98
C SER C 308 -14.87 5.76 4.41
N PRO C 309 -14.54 7.01 4.75
CA PRO C 309 -14.11 7.52 6.08
C PRO C 309 -15.19 7.47 7.22
N GLY C 310 -16.46 7.26 6.90
CA GLY C 310 -17.50 7.30 7.92
C GLY C 310 -17.50 6.23 9.01
N ILE C 311 -17.85 6.64 10.22
CA ILE C 311 -17.93 5.70 11.34
C ILE C 311 -18.84 4.53 11.02
N SER C 312 -19.94 4.78 10.32
CA SER C 312 -20.88 3.72 9.96
C SER C 312 -20.28 2.70 9.01
N SER C 313 -19.18 3.04 8.35
CA SER C 313 -18.55 2.09 7.41
C SER C 313 -17.29 1.44 7.98
N CYS C 314 -17.04 1.63 9.27
CA CYS C 314 -15.85 1.07 9.89
C CYS C 314 -15.61 -0.44 9.69
N GLU C 315 -16.66 -1.25 9.69
CA GLU C 315 -16.47 -2.68 9.51
C GLU C 315 -16.16 -2.99 8.06
N TYR C 316 -16.69 -2.18 7.16
CA TYR C 316 -16.41 -2.40 5.75
C TYR C 316 -14.96 -2.02 5.43
N THR C 317 -14.49 -0.99 6.10
CA THR C 317 -13.13 -0.46 5.97
C THR C 317 -12.11 -1.50 6.42
N LEU C 318 -12.30 -2.01 7.64
CA LEU C 318 -11.39 -3.01 8.19
C LEU C 318 -11.31 -4.22 7.28
N ASN C 319 -12.45 -4.61 6.71
CA ASN C 319 -12.50 -5.72 5.75
C ASN C 319 -11.65 -5.40 4.52
N THR C 320 -11.80 -4.17 4.02
CA THR C 320 -11.02 -3.76 2.84
C THR C 320 -9.52 -3.73 3.14
N LEU C 321 -9.16 -3.15 4.28
CA LEU C 321 -7.77 -3.05 4.70
C LEU C 321 -7.10 -4.40 4.91
N ARG C 322 -7.81 -5.34 5.54
CA ARG C 322 -7.21 -6.65 5.79
C ARG C 322 -7.04 -7.45 4.54
N TYR C 323 -7.92 -7.24 3.57
CA TYR C 323 -7.78 -7.92 2.29
C TYR C 323 -6.50 -7.37 1.62
N ALA C 324 -6.34 -6.06 1.74
CA ALA C 324 -5.21 -5.35 1.15
C ALA C 324 -3.90 -5.81 1.77
N ASP C 325 -3.91 -6.02 3.09
CA ASP C 325 -2.73 -6.49 3.80
C ASP C 325 -2.24 -7.80 3.24
N ARG C 326 -3.17 -8.71 2.98
CA ARG C 326 -2.79 -10.01 2.49
C ARG C 326 -2.26 -9.97 1.08
N VAL C 327 -2.69 -8.98 0.31
CA VAL C 327 -2.27 -8.84 -1.07
C VAL C 327 -0.82 -8.36 -1.13
N LYS C 328 -0.53 -7.29 -0.38
CA LYS C 328 0.81 -6.74 -0.35
C LYS C 328 1.73 -7.72 0.40
N GLU C 329 1.12 -8.61 1.17
CA GLU C 329 1.84 -9.59 1.95
C GLU C 329 2.73 -10.44 1.05
N LEU C 330 2.46 -10.43 -0.25
CA LEU C 330 3.27 -11.23 -1.14
C LEU C 330 4.40 -10.44 -1.78
N SER C 331 4.71 -9.29 -1.21
CA SER C 331 5.78 -8.48 -1.76
C SER C 331 6.92 -8.38 -0.75
N ARG D 2 -47.14 -11.21 35.29
CA ARG D 2 -48.44 -11.93 35.10
C ARG D 2 -48.40 -13.18 34.20
N GLU D 3 -48.41 -13.01 32.89
CA GLU D 3 -48.43 -14.16 31.99
C GLU D 3 -47.03 -14.56 31.53
N CYS D 4 -46.89 -15.48 30.55
CA CYS D 4 -45.55 -15.96 30.11
C CYS D 4 -45.43 -16.95 28.92
N ILE D 5 -45.20 -16.46 27.70
CA ILE D 5 -45.14 -17.34 26.52
C ILE D 5 -43.84 -18.11 26.27
N SER D 6 -43.98 -19.40 26.01
CA SER D 6 -42.84 -20.24 25.65
C SER D 6 -42.84 -20.44 24.13
N ILE D 7 -41.69 -20.30 23.50
CA ILE D 7 -41.53 -20.51 22.05
C ILE D 7 -40.43 -21.54 21.86
N HIS D 8 -40.67 -22.58 21.06
CA HIS D 8 -39.62 -23.56 20.81
C HIS D 8 -39.37 -23.65 19.33
N VAL D 9 -38.21 -23.21 18.89
CA VAL D 9 -37.95 -23.24 17.47
C VAL D 9 -36.89 -24.24 17.13
N GLY D 10 -37.23 -25.09 16.15
CA GLY D 10 -36.30 -26.07 15.61
C GLY D 10 -35.89 -27.22 16.50
N GLN D 11 -35.84 -28.41 15.87
CA GLN D 11 -35.56 -29.72 16.47
C GLN D 11 -35.18 -29.73 17.95
N ALA D 12 -33.96 -29.27 18.23
CA ALA D 12 -33.46 -29.17 19.60
C ALA D 12 -34.47 -28.37 20.42
N GLY D 13 -34.78 -27.16 19.98
CA GLY D 13 -35.76 -26.36 20.67
C GLY D 13 -37.02 -27.17 20.98
N VAL D 14 -37.64 -27.70 19.93
CA VAL D 14 -38.85 -28.46 20.09
C VAL D 14 -38.68 -29.58 21.12
N GLN D 15 -37.76 -30.51 20.86
CA GLN D 15 -37.57 -31.67 21.74
C GLN D 15 -37.25 -31.36 23.19
N ILE D 16 -36.51 -30.27 23.42
CA ILE D 16 -36.17 -29.85 24.78
C ILE D 16 -37.46 -29.47 25.49
N GLY D 17 -38.25 -28.62 24.84
CA GLY D 17 -39.51 -28.17 25.40
C GLY D 17 -40.52 -29.30 25.55
N ASN D 18 -40.45 -30.23 24.62
CA ASN D 18 -41.32 -31.38 24.65
C ASN D 18 -41.11 -32.10 25.97
N ALA D 19 -39.87 -32.10 26.44
CA ALA D 19 -39.52 -32.77 27.68
C ALA D 19 -39.69 -31.95 28.94
N CYS D 20 -39.63 -30.62 28.85
CA CYS D 20 -39.86 -29.82 30.04
C CYS D 20 -41.29 -29.33 30.14
N TRP D 21 -42.09 -29.55 29.10
CA TRP D 21 -43.50 -29.24 29.22
C TRP D 21 -44.13 -30.47 29.87
N GLU D 22 -43.44 -31.59 29.78
CA GLU D 22 -43.89 -32.84 30.38
C GLU D 22 -43.53 -32.87 31.88
N LEU D 23 -42.42 -32.25 32.25
CA LEU D 23 -42.02 -32.19 33.64
C LEU D 23 -42.91 -31.17 34.29
N TYR D 24 -43.32 -30.17 33.51
CA TYR D 24 -44.22 -29.14 34.02
C TYR D 24 -45.51 -29.80 34.43
N CYS D 25 -46.13 -30.52 33.50
CA CYS D 25 -47.38 -31.22 33.78
C CYS D 25 -47.29 -32.09 35.00
N LEU D 26 -46.22 -32.87 35.11
CA LEU D 26 -46.03 -33.75 36.25
C LEU D 26 -45.90 -32.95 37.56
N GLU D 27 -45.24 -31.81 37.49
CA GLU D 27 -45.05 -30.92 38.63
C GLU D 27 -46.39 -30.36 39.13
N HIS D 28 -47.25 -29.93 38.20
CA HIS D 28 -48.54 -29.34 38.53
C HIS D 28 -49.69 -30.32 38.44
N GLY D 29 -49.35 -31.57 38.18
CA GLY D 29 -50.33 -32.64 38.07
C GLY D 29 -51.45 -32.37 37.10
N ILE D 30 -51.13 -32.45 35.81
CA ILE D 30 -52.11 -32.28 34.76
C ILE D 30 -52.04 -33.54 33.90
N GLN D 31 -53.04 -34.42 34.05
CA GLN D 31 -53.10 -35.66 33.28
C GLN D 31 -53.11 -35.24 31.81
N PRO D 32 -52.09 -35.69 31.03
CA PRO D 32 -51.93 -35.29 29.62
C PRO D 32 -53.22 -34.77 28.97
N ASP D 33 -54.24 -35.62 28.86
CA ASP D 33 -55.56 -35.31 28.27
C ASP D 33 -55.95 -33.84 28.36
N GLY D 34 -56.00 -33.31 29.58
CA GLY D 34 -56.36 -31.94 29.78
C GLY D 34 -56.20 -31.35 31.18
N GLN D 35 -57.13 -31.68 32.06
CA GLN D 35 -57.18 -31.09 33.39
C GLN D 35 -56.76 -31.97 34.57
N MET D 36 -56.69 -31.33 35.73
CA MET D 36 -56.32 -31.94 37.02
C MET D 36 -57.54 -32.26 37.90
N ASP D 47 -54.67 -18.54 40.78
CA ASP D 47 -53.81 -18.64 39.61
C ASP D 47 -52.58 -19.59 39.80
N SER D 48 -51.42 -19.06 40.20
CA SER D 48 -50.17 -19.83 40.45
C SER D 48 -49.68 -20.63 39.24
N PHE D 49 -50.45 -21.66 38.86
CA PHE D 49 -50.22 -22.52 37.72
C PHE D 49 -50.51 -21.77 36.42
N ASN D 50 -51.15 -20.61 36.55
CA ASN D 50 -51.59 -19.76 35.43
C ASN D 50 -50.51 -19.01 34.68
N THR D 51 -49.35 -18.85 35.30
CA THR D 51 -48.27 -18.13 34.66
C THR D 51 -47.92 -18.75 33.33
N PHE D 52 -48.07 -20.08 33.26
CA PHE D 52 -47.71 -20.82 32.07
C PHE D 52 -48.84 -21.47 31.29
N PHE D 53 -50.00 -21.63 31.91
CA PHE D 53 -51.14 -22.24 31.23
C PHE D 53 -52.37 -21.30 31.15
N SER D 54 -53.25 -21.51 30.15
CA SER D 54 -54.49 -20.73 29.98
C SER D 54 -55.70 -21.67 30.12
N GLU D 55 -56.43 -21.54 31.23
CA GLU D 55 -57.57 -22.41 31.54
C GLU D 55 -58.65 -22.42 30.45
N THR D 56 -58.38 -23.13 29.35
CA THR D 56 -59.29 -23.20 28.19
C THR D 56 -60.38 -24.26 28.23
N GLY D 57 -61.54 -23.91 27.70
CA GLY D 57 -62.69 -24.79 27.75
C GLY D 57 -63.10 -24.92 29.21
N ALA D 58 -64.14 -25.71 29.47
CA ALA D 58 -64.59 -25.92 30.84
C ALA D 58 -64.04 -27.25 31.38
N GLY D 59 -62.77 -27.52 31.08
CA GLY D 59 -62.09 -28.72 31.51
C GLY D 59 -60.59 -28.57 31.42
N LYS D 60 -60.10 -28.61 30.18
CA LYS D 60 -58.68 -28.56 29.77
C LYS D 60 -57.77 -27.49 30.41
N HIS D 61 -56.45 -27.70 30.38
CA HIS D 61 -55.52 -26.73 30.96
C HIS D 61 -54.50 -26.06 30.00
N VAL D 62 -54.21 -26.67 28.85
CA VAL D 62 -53.31 -26.14 27.76
C VAL D 62 -52.16 -25.08 27.98
N PRO D 63 -50.95 -25.38 27.47
CA PRO D 63 -49.78 -24.48 27.59
C PRO D 63 -49.84 -23.22 26.74
N ARG D 64 -49.05 -22.23 27.16
CA ARG D 64 -48.94 -20.99 26.44
C ARG D 64 -47.65 -21.13 25.68
N ALA D 65 -47.67 -22.01 24.68
CA ALA D 65 -46.47 -22.24 23.91
C ALA D 65 -46.73 -22.25 22.42
N VAL D 66 -45.65 -22.15 21.66
CA VAL D 66 -45.69 -22.27 20.21
C VAL D 66 -44.45 -23.07 19.78
N PHE D 67 -44.66 -24.06 18.92
CA PHE D 67 -43.58 -24.90 18.44
C PHE D 67 -43.44 -24.64 16.94
N VAL D 68 -42.23 -24.39 16.46
CA VAL D 68 -41.99 -24.14 15.03
C VAL D 68 -40.79 -24.88 14.54
N ASP D 69 -40.92 -25.54 13.41
CA ASP D 69 -39.77 -26.18 12.81
C ASP D 69 -39.95 -26.06 11.33
N LEU D 70 -38.87 -26.09 10.55
CA LEU D 70 -39.07 -25.93 9.10
C LEU D 70 -39.35 -27.24 8.28
N GLU D 71 -39.37 -28.38 8.97
CA GLU D 71 -39.75 -29.67 8.42
C GLU D 71 -40.76 -30.19 9.45
N PRO D 72 -41.70 -31.04 9.06
CA PRO D 72 -42.62 -31.64 10.03
C PRO D 72 -41.86 -32.55 11.01
N THR D 73 -41.60 -33.80 10.60
CA THR D 73 -40.90 -34.82 11.40
C THR D 73 -41.05 -34.68 12.92
N VAL D 74 -40.26 -33.79 13.52
CA VAL D 74 -40.25 -33.59 14.96
C VAL D 74 -41.59 -33.25 15.58
N ILE D 75 -42.22 -32.20 15.04
CA ILE D 75 -43.53 -31.73 15.51
C ILE D 75 -44.60 -32.80 15.33
N ASP D 76 -44.47 -33.57 14.25
CA ASP D 76 -45.39 -34.66 13.93
C ASP D 76 -45.46 -35.72 15.03
N GLU D 77 -44.34 -35.95 15.71
CA GLU D 77 -44.29 -36.94 16.78
C GLU D 77 -44.99 -36.42 18.01
N VAL D 78 -45.11 -35.10 18.08
CA VAL D 78 -45.79 -34.42 19.18
C VAL D 78 -47.28 -34.60 19.00
N ARG D 79 -47.78 -34.37 17.79
CA ARG D 79 -49.19 -34.57 17.53
C ARG D 79 -49.51 -36.07 17.45
N THR D 80 -48.53 -36.92 17.79
CA THR D 80 -48.69 -38.38 17.80
C THR D 80 -48.71 -38.99 19.22
N GLY D 81 -47.59 -38.93 19.94
CA GLY D 81 -47.48 -39.45 21.30
C GLY D 81 -48.37 -38.66 22.24
N THR D 82 -48.75 -39.28 23.37
CA THR D 82 -49.61 -38.59 24.34
C THR D 82 -49.02 -37.22 24.58
N TYR D 83 -49.93 -36.27 24.83
CA TYR D 83 -49.66 -34.84 24.94
C TYR D 83 -50.22 -34.31 23.63
N ARG D 84 -50.66 -35.25 22.78
CA ARG D 84 -51.26 -34.93 21.50
C ARG D 84 -52.44 -34.01 21.77
N GLN D 85 -53.23 -34.39 22.78
CA GLN D 85 -54.41 -33.64 23.21
C GLN D 85 -54.07 -32.35 23.94
N LEU D 86 -52.97 -32.38 24.66
CA LEU D 86 -52.50 -31.27 25.49
C LEU D 86 -52.45 -29.88 24.84
N PHE D 87 -52.03 -29.79 23.58
CA PHE D 87 -51.90 -28.52 22.88
C PHE D 87 -53.06 -28.26 21.97
N HIS D 88 -53.04 -27.10 21.33
CA HIS D 88 -54.01 -26.74 20.33
C HIS D 88 -53.29 -27.13 19.03
N PRO D 89 -54.01 -27.39 17.95
CA PRO D 89 -53.37 -27.73 16.68
C PRO D 89 -52.62 -26.53 16.11
N GLU D 90 -53.09 -25.32 16.40
CA GLU D 90 -52.50 -24.07 15.92
C GLU D 90 -51.14 -23.73 16.49
N GLN D 91 -50.91 -24.07 17.75
CA GLN D 91 -49.64 -23.72 18.40
C GLN D 91 -48.47 -24.55 17.87
N LEU D 92 -48.79 -25.52 17.03
CA LEU D 92 -47.80 -26.37 16.40
C LEU D 92 -47.67 -26.00 14.94
N ILE D 93 -46.70 -25.14 14.62
CA ILE D 93 -46.44 -24.73 13.24
C ILE D 93 -45.30 -25.56 12.66
N THR D 94 -45.46 -25.99 11.41
CA THR D 94 -44.50 -26.84 10.74
C THR D 94 -44.28 -26.32 9.30
N GLY D 95 -43.15 -26.61 8.69
CA GLY D 95 -42.87 -26.02 7.40
C GLY D 95 -42.44 -26.76 6.11
N LYS D 96 -42.66 -28.07 5.99
CA LYS D 96 -42.37 -28.79 4.73
C LYS D 96 -40.91 -28.85 4.22
N GLU D 97 -40.33 -27.68 3.91
CA GLU D 97 -38.96 -27.56 3.39
C GLU D 97 -37.99 -27.31 4.54
N ASP D 98 -36.89 -28.06 4.55
CA ASP D 98 -35.92 -27.92 5.62
C ASP D 98 -35.06 -26.66 5.61
N ALA D 99 -34.50 -26.37 6.79
CA ALA D 99 -33.60 -25.25 7.06
C ALA D 99 -32.26 -25.42 6.39
N ALA D 100 -31.95 -26.68 6.05
CA ALA D 100 -30.72 -27.04 5.37
C ALA D 100 -29.44 -27.00 6.17
N ASN D 101 -29.47 -26.47 7.37
CA ASN D 101 -28.29 -26.45 8.20
C ASN D 101 -27.45 -25.20 8.05
N ASN D 102 -28.02 -24.17 7.42
CA ASN D 102 -27.30 -22.89 7.33
C ASN D 102 -28.10 -21.59 7.60
N TYR D 103 -27.75 -20.93 8.70
CA TYR D 103 -28.37 -19.70 9.14
C TYR D 103 -28.92 -18.95 7.94
N ALA D 104 -28.08 -18.72 6.95
CA ALA D 104 -28.50 -17.98 5.77
C ALA D 104 -29.84 -18.40 5.22
N ARG D 105 -30.21 -19.66 5.42
CA ARG D 105 -31.48 -20.15 4.90
C ARG D 105 -32.56 -19.83 5.87
N GLY D 106 -32.34 -20.20 7.14
CA GLY D 106 -33.32 -19.97 8.19
C GLY D 106 -33.67 -18.50 8.41
N HIS D 107 -32.68 -17.62 8.28
CA HIS D 107 -32.88 -16.19 8.52
C HIS D 107 -33.44 -15.42 7.34
N TYR D 108 -33.19 -15.93 6.14
CA TYR D 108 -33.60 -15.26 4.91
C TYR D 108 -34.53 -16.07 4.03
N THR D 109 -33.94 -16.88 3.16
CA THR D 109 -34.66 -17.69 2.19
C THR D 109 -35.89 -18.43 2.69
N ILE D 110 -35.66 -19.52 3.43
CA ILE D 110 -36.76 -20.35 3.92
C ILE D 110 -37.60 -19.78 5.09
N GLY D 111 -37.02 -18.85 5.85
CA GLY D 111 -37.71 -18.26 6.99
C GLY D 111 -38.83 -17.34 6.59
N LYS D 112 -38.46 -16.27 5.89
CA LYS D 112 -39.35 -15.26 5.36
C LYS D 112 -40.74 -15.83 5.11
N GLU D 113 -40.76 -17.03 4.52
CA GLU D 113 -42.01 -17.67 4.18
C GLU D 113 -42.91 -18.08 5.35
N ILE D 114 -42.31 -18.43 6.48
CA ILE D 114 -43.11 -18.87 7.63
C ILE D 114 -43.19 -17.86 8.80
N ILE D 115 -42.37 -16.81 8.76
CA ILE D 115 -42.33 -15.82 9.84
C ILE D 115 -43.66 -15.13 10.11
N ASP D 116 -44.32 -14.71 9.05
CA ASP D 116 -45.59 -14.02 9.20
C ASP D 116 -46.64 -14.89 9.87
N LEU D 117 -46.62 -16.19 9.58
CA LEU D 117 -47.60 -17.11 10.18
C LEU D 117 -47.29 -17.45 11.63
N VAL D 118 -46.03 -17.40 12.01
CA VAL D 118 -45.67 -17.70 13.39
C VAL D 118 -45.99 -16.47 14.16
N LEU D 119 -45.33 -15.37 13.76
CA LEU D 119 -45.47 -14.09 14.40
C LEU D 119 -46.92 -13.72 14.80
N ASP D 120 -47.83 -14.05 13.90
CA ASP D 120 -49.24 -13.77 14.07
C ASP D 120 -49.87 -14.72 15.10
N ARG D 121 -49.47 -15.98 15.10
CA ARG D 121 -50.06 -16.93 16.05
C ARG D 121 -49.62 -16.72 17.48
N ILE D 122 -48.37 -16.29 17.67
CA ILE D 122 -47.86 -16.04 19.01
C ILE D 122 -48.56 -14.83 19.56
N ARG D 123 -49.01 -13.95 18.66
CA ARG D 123 -49.80 -12.79 19.06
C ARG D 123 -51.21 -13.19 19.36
N LYS D 124 -51.63 -14.33 18.81
CA LYS D 124 -52.96 -14.89 19.03
C LYS D 124 -52.99 -15.46 20.44
N LEU D 125 -51.80 -15.83 20.93
CA LEU D 125 -51.64 -16.38 22.27
C LEU D 125 -51.55 -15.30 23.32
N ALA D 126 -50.80 -14.25 22.99
CA ALA D 126 -50.58 -13.10 23.86
C ALA D 126 -51.83 -12.25 24.01
N ASP D 127 -52.84 -12.56 23.22
CA ASP D 127 -54.06 -11.79 23.27
C ASP D 127 -54.97 -12.14 24.43
N GLN D 128 -54.83 -13.37 24.92
CA GLN D 128 -55.59 -13.79 26.09
C GLN D 128 -54.60 -13.79 27.24
N CYS D 129 -54.08 -12.61 27.57
CA CYS D 129 -53.08 -12.47 28.61
C CYS D 129 -53.14 -11.04 29.11
N THR D 130 -53.88 -10.79 30.19
CA THR D 130 -54.00 -9.43 30.71
C THR D 130 -52.68 -8.97 31.32
N GLY D 131 -51.86 -8.31 30.50
CA GLY D 131 -50.56 -7.83 30.89
C GLY D 131 -49.45 -8.88 30.79
N LEU D 132 -49.09 -9.24 29.57
CA LEU D 132 -48.06 -10.24 29.33
C LEU D 132 -46.74 -9.84 29.96
N GLN D 133 -45.83 -10.79 30.07
CA GLN D 133 -44.57 -10.53 30.72
C GLN D 133 -43.36 -10.59 29.80
N GLY D 134 -43.27 -11.64 29.02
CA GLY D 134 -42.15 -11.81 28.11
C GLY D 134 -42.12 -13.19 27.51
N PHE D 135 -41.13 -13.48 26.70
CA PHE D 135 -41.06 -14.80 26.09
C PHE D 135 -39.86 -15.60 26.53
N SER D 136 -40.05 -16.90 26.73
CA SER D 136 -38.93 -17.79 27.00
C SER D 136 -38.76 -18.52 25.66
N VAL D 137 -37.59 -18.39 25.02
CA VAL D 137 -37.37 -19.02 23.71
C VAL D 137 -36.28 -20.08 23.76
N PHE D 138 -36.60 -21.30 23.31
CA PHE D 138 -35.65 -22.43 23.29
C PHE D 138 -35.23 -22.75 21.85
N HIS D 139 -33.91 -22.75 21.59
CA HIS D 139 -33.33 -23.00 20.25
C HIS D 139 -31.88 -23.49 20.26
N SER D 140 -31.48 -24.20 19.20
CA SER D 140 -30.10 -24.69 19.05
C SER D 140 -29.14 -23.57 18.64
N PHE D 141 -27.85 -23.71 18.96
CA PHE D 141 -26.86 -22.65 18.61
C PHE D 141 -26.43 -22.79 17.17
N GLY D 142 -25.85 -23.93 16.83
CA GLY D 142 -25.54 -24.23 15.45
C GLY D 142 -26.80 -24.95 15.08
N GLY D 143 -27.00 -25.31 13.82
CA GLY D 143 -28.24 -25.97 13.50
C GLY D 143 -29.06 -25.02 12.67
N GLY D 144 -29.70 -25.58 11.65
CA GLY D 144 -30.41 -24.84 10.62
C GLY D 144 -31.27 -23.68 11.03
N THR D 145 -32.50 -24.02 11.40
CA THR D 145 -33.47 -23.01 11.78
C THR D 145 -33.27 -22.56 13.22
N GLY D 146 -32.54 -23.33 14.01
CA GLY D 146 -32.27 -22.96 15.39
C GLY D 146 -31.52 -21.65 15.46
N SER D 147 -30.59 -21.45 14.55
CA SER D 147 -29.79 -20.24 14.48
C SER D 147 -30.48 -19.16 13.65
N GLY D 148 -30.88 -19.54 12.44
CA GLY D 148 -31.48 -18.65 11.47
C GLY D 148 -32.80 -18.05 11.87
N PHE D 149 -33.84 -18.88 11.87
CA PHE D 149 -35.19 -18.45 12.20
C PHE D 149 -35.27 -17.73 13.54
N THR D 150 -34.63 -18.29 14.57
CA THR D 150 -34.59 -17.68 15.88
C THR D 150 -34.20 -16.23 15.78
N SER D 151 -33.00 -15.99 15.28
CA SER D 151 -32.51 -14.65 15.05
C SER D 151 -33.56 -13.73 14.41
N LEU D 152 -34.22 -14.20 13.37
CA LEU D 152 -35.24 -13.42 12.70
C LEU D 152 -36.45 -13.20 13.58
N LEU D 153 -36.85 -14.22 14.34
CA LEU D 153 -38.01 -14.13 15.22
C LEU D 153 -37.80 -13.01 16.23
N MET D 154 -36.66 -13.10 16.91
CA MET D 154 -36.26 -12.13 17.92
C MET D 154 -36.21 -10.70 17.39
N GLU D 155 -35.70 -10.51 16.16
CA GLU D 155 -35.64 -9.17 15.58
C GLU D 155 -37.05 -8.66 15.57
N ARG D 156 -37.95 -9.46 15.00
CA ARG D 156 -39.34 -9.05 14.84
C ARG D 156 -40.16 -8.99 16.12
N LEU D 157 -39.82 -9.84 17.09
CA LEU D 157 -40.50 -9.80 18.36
C LEU D 157 -40.23 -8.48 19.05
N SER D 158 -39.04 -7.94 18.81
CA SER D 158 -38.62 -6.67 19.38
C SER D 158 -39.40 -5.56 18.74
N VAL D 159 -39.86 -5.75 17.52
CA VAL D 159 -40.62 -4.72 16.84
C VAL D 159 -42.06 -4.69 17.35
N ASP D 160 -42.66 -5.86 17.53
CA ASP D 160 -44.06 -5.96 17.99
C ASP D 160 -44.23 -5.88 19.53
N TYR D 161 -43.17 -6.17 20.27
CA TYR D 161 -43.21 -6.13 21.75
C TYR D 161 -42.04 -5.32 22.37
N GLY D 162 -42.20 -3.98 22.37
CA GLY D 162 -41.17 -3.05 22.85
C GLY D 162 -40.39 -3.44 24.11
N LYS D 163 -41.05 -3.23 25.25
CA LYS D 163 -40.49 -3.53 26.56
C LYS D 163 -40.25 -5.06 26.72
N LYS D 164 -41.36 -5.80 26.93
CA LYS D 164 -41.39 -7.26 27.15
C LYS D 164 -40.04 -7.95 26.93
N SER D 165 -39.56 -8.59 28.01
CA SER D 165 -38.26 -9.23 27.99
C SER D 165 -38.19 -10.50 27.19
N LYS D 166 -36.99 -10.78 26.74
CA LYS D 166 -36.75 -11.98 25.99
C LYS D 166 -35.64 -12.80 26.65
N LEU D 167 -36.02 -14.00 27.08
CA LEU D 167 -35.11 -14.92 27.75
C LEU D 167 -34.85 -16.12 26.87
N GLU D 168 -33.63 -16.24 26.36
CA GLU D 168 -33.32 -17.37 25.49
C GLU D 168 -32.62 -18.51 26.27
N PHE D 169 -32.89 -19.74 25.85
CA PHE D 169 -32.31 -20.95 26.40
C PHE D 169 -31.58 -21.60 25.23
N SER D 170 -30.32 -21.25 25.03
CA SER D 170 -29.51 -21.73 23.90
C SER D 170 -28.73 -23.06 24.11
N ILE D 171 -28.56 -23.85 23.05
CA ILE D 171 -27.81 -25.08 23.19
C ILE D 171 -26.50 -25.00 22.44
N TYR D 172 -25.42 -24.78 23.18
CA TYR D 172 -24.05 -24.68 22.66
C TYR D 172 -23.58 -26.07 22.27
N PRO D 173 -23.10 -26.20 21.04
CA PRO D 173 -22.82 -27.49 20.42
C PRO D 173 -21.51 -28.13 20.79
N ALA D 174 -21.47 -29.47 20.77
CA ALA D 174 -20.25 -30.15 21.17
C ALA D 174 -19.94 -31.40 20.35
N PRO D 175 -18.74 -31.40 19.77
CA PRO D 175 -18.21 -32.46 18.90
C PRO D 175 -18.87 -33.87 18.90
N GLN D 176 -18.94 -34.50 20.09
CA GLN D 176 -19.50 -35.86 20.33
C GLN D 176 -21.02 -36.02 20.16
N VAL D 177 -21.87 -35.27 20.89
CA VAL D 177 -23.32 -35.39 20.62
C VAL D 177 -23.63 -34.66 19.32
N SER D 178 -23.11 -35.33 18.30
CA SER D 178 -23.06 -34.94 16.90
C SER D 178 -23.56 -33.54 16.51
N THR D 179 -22.62 -32.81 15.92
CA THR D 179 -22.84 -31.48 15.37
C THR D 179 -22.80 -31.58 13.85
N ALA D 180 -22.41 -30.49 13.21
CA ALA D 180 -22.26 -30.44 11.79
C ALA D 180 -21.05 -29.55 11.61
N VAL D 181 -20.23 -29.93 10.63
CA VAL D 181 -19.03 -29.21 10.27
C VAL D 181 -19.20 -27.69 10.33
N VAL D 182 -20.30 -27.19 9.75
CA VAL D 182 -20.59 -25.75 9.67
C VAL D 182 -21.13 -25.12 10.99
N GLU D 183 -21.45 -25.96 11.95
CA GLU D 183 -21.97 -25.51 13.25
C GLU D 183 -21.36 -24.19 13.77
N PRO D 184 -20.04 -24.13 13.97
CA PRO D 184 -19.43 -22.90 14.48
C PRO D 184 -19.80 -21.65 13.70
N TYR D 185 -20.01 -21.74 12.39
CA TYR D 185 -20.35 -20.56 11.64
C TYR D 185 -21.68 -20.14 12.19
N ASN D 186 -22.64 -21.06 12.12
CA ASN D 186 -24.03 -20.78 12.55
C ASN D 186 -24.12 -20.16 13.91
N SER D 187 -23.41 -20.72 14.89
CA SER D 187 -23.42 -20.23 16.26
C SER D 187 -23.01 -18.77 16.36
N ILE D 188 -21.85 -18.46 15.81
CA ILE D 188 -21.33 -17.10 15.78
C ILE D 188 -22.31 -16.17 15.10
N LEU D 189 -22.80 -16.63 13.97
CA LEU D 189 -23.73 -15.87 13.18
C LEU D 189 -24.97 -15.39 13.97
N THR D 190 -25.73 -16.34 14.53
CA THR D 190 -26.96 -16.02 15.28
C THR D 190 -26.70 -15.21 16.53
N THR D 191 -25.74 -15.69 17.31
CA THR D 191 -25.37 -15.05 18.55
C THR D 191 -24.97 -13.59 18.30
N HIS D 192 -24.66 -13.24 17.07
CA HIS D 192 -24.37 -11.85 16.81
C HIS D 192 -25.66 -11.05 16.71
N THR D 193 -26.48 -11.32 15.69
CA THR D 193 -27.75 -10.58 15.45
C THR D 193 -28.64 -10.62 16.69
N THR D 194 -28.73 -11.82 17.24
CA THR D 194 -29.58 -12.15 18.37
C THR D 194 -29.24 -11.49 19.70
N LEU D 195 -27.98 -11.09 19.85
CA LEU D 195 -27.45 -10.50 21.08
C LEU D 195 -28.03 -9.14 21.48
N GLU D 196 -28.19 -8.22 20.54
CA GLU D 196 -28.73 -6.93 20.96
C GLU D 196 -30.23 -6.95 21.20
N HIS D 197 -30.81 -8.14 21.14
CA HIS D 197 -32.25 -8.30 21.27
C HIS D 197 -32.73 -9.19 22.41
N SER D 198 -31.81 -9.89 23.07
CA SER D 198 -32.18 -10.76 24.19
C SER D 198 -31.90 -9.99 25.48
N ASP D 199 -32.49 -10.37 26.60
CA ASP D 199 -32.18 -9.66 27.82
C ASP D 199 -31.18 -10.43 28.65
N CYS D 200 -31.34 -11.75 28.62
CA CYS D 200 -30.51 -12.66 29.38
C CYS D 200 -30.67 -14.02 28.75
N ALA D 201 -29.58 -14.74 28.59
CA ALA D 201 -29.64 -16.05 27.95
C ALA D 201 -28.94 -17.14 28.75
N PHE D 202 -29.50 -18.34 28.71
CA PHE D 202 -28.95 -19.46 29.44
C PHE D 202 -28.34 -20.46 28.50
N MET D 203 -27.02 -20.52 28.47
CA MET D 203 -26.34 -21.44 27.57
C MET D 203 -26.24 -22.85 28.14
N VAL D 204 -26.39 -23.85 27.28
CA VAL D 204 -26.30 -25.22 27.74
C VAL D 204 -25.39 -26.00 26.81
N ASP D 205 -24.23 -26.38 27.35
CA ASP D 205 -23.22 -27.10 26.61
C ASP D 205 -23.62 -28.56 26.54
N ASN D 206 -23.77 -29.06 25.32
CA ASN D 206 -24.13 -30.47 25.10
C ASN D 206 -23.05 -31.42 25.57
N GLU D 207 -21.83 -30.95 25.67
CA GLU D 207 -20.74 -31.76 26.19
C GLU D 207 -20.89 -31.88 27.70
N ALA D 208 -21.35 -30.81 28.35
CA ALA D 208 -21.50 -30.81 29.79
C ALA D 208 -22.58 -31.75 30.24
N ILE D 209 -23.65 -31.81 29.46
CA ILE D 209 -24.77 -32.69 29.78
C ILE D 209 -24.45 -34.13 29.43
N TYR D 210 -23.72 -34.33 28.33
CA TYR D 210 -23.30 -35.66 27.91
C TYR D 210 -22.45 -36.11 29.07
N ASP D 211 -21.58 -35.22 29.53
CA ASP D 211 -20.67 -35.49 30.64
C ASP D 211 -21.33 -35.88 31.95
N ILE D 212 -22.37 -35.14 32.33
CA ILE D 212 -23.04 -35.43 33.58
C ILE D 212 -23.76 -36.78 33.53
N CYS D 213 -24.26 -37.15 32.35
CA CYS D 213 -24.96 -38.42 32.16
C CYS D 213 -24.02 -39.61 32.27
N ARG D 214 -22.73 -39.35 32.13
CA ARG D 214 -21.74 -40.40 32.20
C ARG D 214 -21.27 -40.56 33.63
N ARG D 215 -20.68 -39.51 34.20
CA ARG D 215 -20.18 -39.59 35.57
C ARG D 215 -21.27 -39.93 36.57
N ASN D 216 -22.52 -39.55 36.29
CA ASN D 216 -23.59 -39.73 37.26
C ASN D 216 -24.67 -40.78 37.00
N LEU D 217 -25.31 -40.69 35.84
CA LEU D 217 -26.39 -41.61 35.50
C LEU D 217 -25.80 -42.94 35.09
N ASP D 218 -24.55 -42.86 34.66
CA ASP D 218 -23.80 -44.02 34.23
C ASP D 218 -24.35 -44.66 32.93
N ILE D 219 -24.54 -43.83 31.89
CA ILE D 219 -24.99 -44.33 30.58
C ILE D 219 -23.84 -44.28 29.59
N GLU D 220 -23.49 -45.43 29.04
CA GLU D 220 -22.44 -45.53 28.06
C GLU D 220 -22.77 -44.72 26.81
N ARG D 221 -24.01 -44.81 26.34
CA ARG D 221 -24.43 -44.07 25.14
C ARG D 221 -25.61 -43.16 25.43
N PRO D 222 -25.37 -41.96 25.95
CA PRO D 222 -26.45 -41.01 26.26
C PRO D 222 -27.29 -40.54 25.04
N THR D 223 -28.60 -40.81 25.07
CA THR D 223 -29.55 -40.42 24.00
C THR D 223 -29.94 -38.96 24.16
N TYR D 224 -30.64 -38.43 23.16
CA TYR D 224 -31.16 -37.06 23.22
C TYR D 224 -32.20 -37.07 24.31
N THR D 225 -33.10 -38.03 24.19
CA THR D 225 -34.18 -38.27 25.14
C THR D 225 -33.62 -38.42 26.58
N ASN D 226 -32.34 -38.79 26.70
CA ASN D 226 -31.62 -38.94 27.96
C ASN D 226 -31.10 -37.59 28.47
N LEU D 227 -30.64 -36.77 27.52
CA LEU D 227 -30.06 -35.46 27.79
C LEU D 227 -31.15 -34.49 28.09
N ASN D 228 -32.16 -34.50 27.24
CA ASN D 228 -33.28 -33.60 27.40
C ASN D 228 -33.90 -33.71 28.77
N ARG D 229 -34.08 -34.93 29.27
CA ARG D 229 -34.69 -35.16 30.58
C ARG D 229 -34.00 -34.33 31.66
N LEU D 230 -32.66 -34.35 31.63
CA LEU D 230 -31.78 -33.64 32.56
C LEU D 230 -31.87 -32.14 32.39
N ILE D 231 -31.80 -31.69 31.15
CA ILE D 231 -31.98 -30.29 30.83
C ILE D 231 -33.35 -29.84 31.36
N GLY D 232 -34.36 -30.69 31.14
CA GLY D 232 -35.72 -30.44 31.59
C GLY D 232 -35.63 -29.93 33.00
N GLN D 233 -35.01 -30.73 33.86
CA GLN D 233 -34.88 -30.40 35.28
C GLN D 233 -34.23 -29.04 35.54
N ILE D 234 -33.13 -28.75 34.86
CA ILE D 234 -32.43 -27.47 35.06
C ILE D 234 -33.39 -26.33 34.77
N VAL D 235 -34.10 -26.44 33.64
CA VAL D 235 -35.08 -25.44 33.23
C VAL D 235 -36.22 -25.28 34.21
N SER D 236 -36.74 -26.42 34.68
CA SER D 236 -37.82 -26.43 35.67
C SER D 236 -37.40 -25.59 36.85
N SER D 237 -36.23 -25.89 37.40
CA SER D 237 -35.72 -25.16 38.55
C SER D 237 -35.51 -23.70 38.25
N ILE D 238 -35.20 -23.37 36.99
CA ILE D 238 -35.02 -21.97 36.62
C ILE D 238 -36.35 -21.27 36.64
N THR D 239 -37.30 -21.69 35.81
CA THR D 239 -38.64 -21.06 35.81
C THR D 239 -39.28 -21.19 37.19
N ALA D 240 -39.62 -22.40 37.59
CA ALA D 240 -40.24 -22.70 38.89
C ALA D 240 -40.68 -21.46 39.65
N SER D 241 -39.69 -20.75 40.23
CA SER D 241 -39.89 -19.50 41.00
C SER D 241 -41.14 -18.68 40.59
N LEU D 242 -41.28 -18.45 39.28
CA LEU D 242 -42.38 -17.69 38.70
C LEU D 242 -43.55 -18.55 38.19
N ARG D 243 -43.70 -19.76 38.72
CA ARG D 243 -44.82 -20.64 38.36
C ARG D 243 -45.65 -21.04 39.60
N PHE D 244 -45.10 -20.83 40.80
CA PHE D 244 -45.68 -21.45 42.02
C PHE D 244 -46.49 -20.77 43.18
N ASP D 245 -46.36 -19.47 43.48
CA ASP D 245 -45.56 -18.47 42.77
C ASP D 245 -44.63 -17.68 43.73
N GLY D 246 -45.23 -17.22 44.84
CA GLY D 246 -44.62 -16.38 45.88
C GLY D 246 -43.41 -16.96 46.58
N ALA D 247 -42.28 -16.89 45.86
CA ALA D 247 -41.01 -17.47 46.32
C ALA D 247 -39.71 -16.70 45.95
N LEU D 248 -38.98 -17.24 44.96
CA LEU D 248 -37.67 -16.70 44.56
C LEU D 248 -37.67 -15.49 43.60
N ASN D 249 -37.34 -15.75 42.33
CA ASN D 249 -37.19 -14.73 41.28
C ASN D 249 -38.53 -14.34 40.56
N VAL D 250 -39.38 -13.57 41.27
CA VAL D 250 -40.73 -13.13 40.77
C VAL D 250 -40.77 -12.04 39.63
N ASP D 251 -41.60 -12.29 38.60
CA ASP D 251 -41.86 -11.40 37.43
C ASP D 251 -40.76 -11.04 36.36
N LEU D 252 -39.97 -12.05 35.91
CA LEU D 252 -38.84 -11.86 34.96
C LEU D 252 -38.03 -10.68 35.51
N THR D 253 -37.91 -9.55 34.79
CA THR D 253 -37.25 -8.34 35.34
C THR D 253 -36.36 -8.67 36.59
N GLU D 254 -36.97 -8.75 37.79
CA GLU D 254 -36.27 -9.05 39.07
C GLU D 254 -35.49 -10.37 39.14
N PHE D 255 -35.66 -11.13 38.08
CA PHE D 255 -34.95 -12.36 37.79
C PHE D 255 -33.59 -11.92 37.22
N GLN D 256 -33.64 -11.25 36.06
CA GLN D 256 -32.48 -10.69 35.34
C GLN D 256 -31.76 -9.55 36.10
N THR D 257 -32.52 -8.57 36.60
CA THR D 257 -32.01 -7.50 37.45
C THR D 257 -31.09 -8.09 38.48
N ASN D 258 -31.18 -9.41 38.62
CA ASN D 258 -30.34 -10.10 39.56
C ASN D 258 -29.07 -10.72 38.97
N LEU D 259 -29.07 -11.01 37.68
CA LEU D 259 -27.93 -11.66 37.09
C LEU D 259 -27.12 -10.80 36.15
N VAL D 260 -27.77 -10.01 35.31
CA VAL D 260 -27.01 -9.23 34.35
C VAL D 260 -26.77 -7.80 34.77
N PRO D 261 -25.51 -7.46 34.95
CA PRO D 261 -25.12 -6.10 35.33
C PRO D 261 -24.85 -5.25 34.13
N TYR D 262 -24.61 -5.89 32.99
CA TYR D 262 -24.31 -5.14 31.77
C TYR D 262 -25.13 -5.54 30.55
N PRO D 263 -25.53 -4.52 29.78
CA PRO D 263 -26.48 -4.71 28.69
C PRO D 263 -26.02 -5.84 27.82
N ARG D 264 -24.71 -6.12 27.80
CA ARG D 264 -24.18 -7.19 26.97
C ARG D 264 -24.64 -8.58 27.34
N ILE D 265 -25.99 -8.69 27.27
CA ILE D 265 -26.93 -9.85 27.42
C ILE D 265 -26.61 -11.01 28.39
N HIS D 266 -25.52 -10.78 29.11
CA HIS D 266 -24.83 -11.76 29.93
C HIS D 266 -25.46 -13.14 30.06
N PHE D 267 -24.60 -14.12 29.90
CA PHE D 267 -25.04 -15.48 29.89
C PHE D 267 -24.59 -16.04 31.20
N PRO D 268 -25.56 -16.30 32.07
CA PRO D 268 -25.27 -16.87 33.36
C PRO D 268 -24.94 -18.35 33.23
N LEU D 269 -24.11 -18.80 34.16
CA LEU D 269 -23.67 -20.19 34.24
C LEU D 269 -24.56 -20.94 35.23
N ALA D 270 -25.22 -22.00 34.76
CA ALA D 270 -26.14 -22.83 35.56
C ALA D 270 -25.51 -24.12 36.10
N THR D 271 -25.78 -24.48 37.36
CA THR D 271 -25.20 -25.70 37.97
C THR D 271 -26.29 -26.46 38.72
N TYR D 272 -26.68 -27.65 38.27
CA TYR D 272 -27.73 -28.38 38.98
C TYR D 272 -27.22 -29.20 40.17
N ALA D 273 -28.01 -29.20 41.24
CA ALA D 273 -27.70 -29.83 42.53
C ALA D 273 -27.30 -31.31 42.57
N PRO D 274 -28.16 -32.23 43.06
CA PRO D 274 -27.78 -33.64 43.09
C PRO D 274 -28.42 -34.40 41.94
N VAL D 275 -27.60 -34.93 41.04
CA VAL D 275 -28.12 -35.74 39.93
C VAL D 275 -27.72 -37.12 40.31
N ILE D 276 -28.71 -37.98 40.60
CA ILE D 276 -28.39 -39.35 40.95
C ILE D 276 -29.45 -40.34 40.47
N SER D 277 -28.94 -41.38 39.80
CA SER D 277 -29.73 -42.42 39.15
C SER D 277 -30.60 -43.29 40.06
N ALA D 278 -31.80 -43.60 39.58
CA ALA D 278 -32.71 -44.51 40.27
C ALA D 278 -32.10 -45.91 40.16
N GLU D 279 -32.77 -46.93 40.72
CA GLU D 279 -32.28 -48.32 40.67
C GLU D 279 -30.85 -48.49 41.15
N GLN D 285 -30.52 -39.56 51.89
CA GLN D 285 -30.84 -38.18 51.52
C GLN D 285 -29.59 -37.30 51.60
N LEU D 286 -29.30 -36.54 50.54
CA LEU D 286 -28.11 -35.69 50.52
C LEU D 286 -28.29 -34.41 51.32
N SER D 287 -27.31 -34.14 52.18
CA SER D 287 -27.33 -32.99 53.10
C SER D 287 -27.42 -31.64 52.40
N VAL D 288 -28.10 -30.71 53.06
CA VAL D 288 -28.28 -29.36 52.57
C VAL D 288 -26.92 -28.73 52.31
N ALA D 289 -25.98 -29.02 53.20
CA ALA D 289 -24.61 -28.50 53.13
C ALA D 289 -23.85 -29.12 51.95
N GLU D 290 -24.14 -30.38 51.68
CA GLU D 290 -23.46 -31.15 50.64
C GLU D 290 -23.79 -30.73 49.21
N ILE D 291 -25.07 -30.54 48.90
CA ILE D 291 -25.49 -30.17 47.54
C ILE D 291 -25.03 -28.77 47.16
N THR D 292 -24.96 -27.90 48.17
CA THR D 292 -24.44 -26.56 47.97
C THR D 292 -22.97 -26.73 47.64
N ASN D 293 -22.30 -27.62 48.38
CA ASN D 293 -20.90 -27.93 48.17
C ASN D 293 -20.61 -28.49 46.78
N ALA D 294 -21.61 -29.17 46.20
CA ALA D 294 -21.49 -29.76 44.87
C ALA D 294 -21.76 -28.74 43.79
N CYS D 295 -22.23 -27.57 44.21
CA CYS D 295 -22.56 -26.48 43.30
C CYS D 295 -21.35 -25.69 42.89
N PHE D 296 -20.32 -25.76 43.71
CA PHE D 296 -19.06 -25.10 43.43
C PHE D 296 -18.09 -26.20 43.09
N GLU D 297 -18.43 -26.86 42.00
CA GLU D 297 -17.69 -28.00 41.52
C GLU D 297 -17.83 -27.98 40.00
N PRO D 298 -16.71 -27.84 39.28
CA PRO D 298 -16.72 -27.78 37.81
C PRO D 298 -17.39 -28.95 37.09
N ALA D 299 -17.17 -30.16 37.59
CA ALA D 299 -17.70 -31.40 37.01
C ALA D 299 -19.23 -31.45 36.90
N ASN D 300 -19.90 -30.47 37.50
CA ASN D 300 -21.35 -30.43 37.59
C ASN D 300 -21.95 -29.19 36.96
N GLN D 301 -21.20 -28.52 36.11
CA GLN D 301 -21.68 -27.28 35.47
C GLN D 301 -22.72 -27.51 34.33
N MET D 302 -22.90 -26.54 33.43
CA MET D 302 -23.83 -26.67 32.31
C MET D 302 -23.13 -26.20 31.07
N VAL D 303 -21.92 -25.66 31.27
CA VAL D 303 -21.05 -25.18 30.21
C VAL D 303 -19.67 -25.54 30.67
N LYS D 304 -19.05 -26.44 29.93
CA LYS D 304 -17.72 -26.91 30.26
C LYS D 304 -16.72 -25.74 30.24
N CYS D 305 -16.10 -25.54 31.38
CA CYS D 305 -15.08 -24.52 31.63
C CYS D 305 -14.82 -24.53 33.14
N ASP D 306 -14.23 -23.46 33.69
CA ASP D 306 -13.98 -23.42 35.13
C ASP D 306 -13.75 -22.01 35.69
N PRO D 307 -14.57 -21.68 36.67
CA PRO D 307 -14.54 -20.38 37.34
C PRO D 307 -13.55 -20.27 38.49
N ARG D 308 -12.74 -21.30 38.75
CA ARG D 308 -11.70 -21.16 39.76
C ARG D 308 -10.61 -20.29 39.11
N HIS D 309 -10.82 -20.04 37.82
CA HIS D 309 -9.95 -19.26 36.93
C HIS D 309 -10.40 -17.79 36.84
N GLY D 310 -11.59 -17.56 36.26
CA GLY D 310 -12.16 -16.21 36.14
C GLY D 310 -12.67 -15.64 37.47
N LYS D 311 -13.69 -14.79 37.40
CA LYS D 311 -14.28 -14.16 38.60
C LYS D 311 -15.80 -14.24 38.56
N TYR D 312 -16.43 -13.98 39.70
CA TYR D 312 -17.88 -13.98 39.80
C TYR D 312 -18.36 -12.54 39.96
N MET D 313 -19.43 -12.17 39.25
CA MET D 313 -19.98 -10.82 39.38
C MET D 313 -21.48 -10.84 39.66
N ALA D 314 -21.94 -11.86 40.36
CA ALA D 314 -23.34 -12.06 40.73
C ALA D 314 -23.65 -13.54 40.87
N CYS D 315 -23.85 -13.98 42.11
CA CYS D 315 -24.18 -15.38 42.40
C CYS D 315 -25.62 -15.51 42.84
N CYS D 316 -26.25 -16.61 42.47
CA CYS D 316 -27.64 -16.87 42.79
C CYS D 316 -27.83 -18.32 43.29
N LEU D 317 -28.60 -18.51 44.35
CA LEU D 317 -28.86 -19.88 44.81
C LEU D 317 -30.36 -20.13 44.79
N LEU D 318 -30.78 -21.10 43.99
CA LEU D 318 -32.20 -21.45 43.89
C LEU D 318 -32.47 -22.86 44.38
N TYR D 319 -32.89 -22.97 45.64
CA TYR D 319 -33.20 -24.25 46.30
C TYR D 319 -34.64 -24.68 46.03
N ARG D 320 -34.89 -25.97 46.20
CA ARG D 320 -36.21 -26.57 45.99
C ARG D 320 -36.38 -27.75 46.93
N GLY D 321 -37.49 -27.76 47.68
CA GLY D 321 -37.79 -28.86 48.58
C GLY D 321 -37.73 -28.54 50.05
N ASP D 322 -37.37 -29.54 50.83
CA ASP D 322 -37.30 -29.39 52.27
C ASP D 322 -36.02 -28.67 52.67
N VAL D 323 -36.13 -27.36 52.94
CA VAL D 323 -34.97 -26.54 53.33
C VAL D 323 -35.31 -25.30 54.18
N VAL D 324 -34.64 -25.17 55.33
CA VAL D 324 -34.79 -23.98 56.18
C VAL D 324 -33.54 -23.12 55.94
N PRO D 325 -33.70 -21.78 55.87
CA PRO D 325 -32.55 -20.88 55.67
C PRO D 325 -31.43 -21.10 56.69
N LYS D 326 -31.78 -21.49 57.93
CA LYS D 326 -30.82 -21.73 59.00
C LYS D 326 -29.61 -22.52 58.54
N ASP D 327 -29.84 -23.50 57.66
CA ASP D 327 -28.77 -24.35 57.12
C ASP D 327 -28.12 -23.69 55.92
N VAL D 328 -28.96 -23.25 54.99
CA VAL D 328 -28.50 -22.59 53.77
C VAL D 328 -27.42 -21.58 54.12
N ASN D 329 -27.55 -20.98 55.28
CA ASN D 329 -26.59 -20.02 55.78
C ASN D 329 -25.29 -20.70 56.16
N ALA D 330 -25.36 -21.63 57.12
CA ALA D 330 -24.19 -22.35 57.59
C ALA D 330 -23.49 -23.14 56.49
N ALA D 331 -24.23 -23.42 55.41
CA ALA D 331 -23.68 -24.10 54.24
C ALA D 331 -22.86 -23.12 53.40
N ILE D 332 -23.33 -21.87 53.34
CA ILE D 332 -22.64 -20.79 52.63
C ILE D 332 -21.36 -20.45 53.41
N ALA D 333 -21.49 -20.25 54.71
CA ALA D 333 -20.35 -19.92 55.56
C ALA D 333 -19.19 -20.85 55.25
N THR D 334 -19.43 -22.15 55.41
CA THR D 334 -18.40 -23.17 55.17
C THR D 334 -18.04 -23.32 53.68
N ILE D 335 -18.93 -22.87 52.78
CA ILE D 335 -18.66 -22.93 51.33
C ILE D 335 -17.66 -21.84 50.91
N LYS D 336 -17.35 -20.91 51.81
CA LYS D 336 -16.39 -19.84 51.56
C LYS D 336 -15.03 -20.04 52.27
N THR D 337 -15.07 -20.70 53.45
CA THR D 337 -13.87 -20.99 54.29
C THR D 337 -12.67 -21.67 53.60
N LYS D 338 -12.92 -22.80 52.92
CA LYS D 338 -11.89 -23.53 52.18
C LYS D 338 -12.35 -23.67 50.73
N ARG D 339 -12.46 -22.53 50.05
CA ARG D 339 -12.89 -22.48 48.64
C ARG D 339 -12.40 -21.25 47.89
N THR D 340 -12.61 -21.28 46.57
CA THR D 340 -12.27 -20.19 45.65
C THR D 340 -13.45 -19.21 45.49
N ILE D 341 -13.57 -18.33 46.50
CA ILE D 341 -14.60 -17.27 46.55
C ILE D 341 -14.52 -16.45 45.25
N GLN D 342 -13.37 -15.79 45.05
CA GLN D 342 -13.02 -14.95 43.89
C GLN D 342 -14.15 -14.08 43.31
N PHE D 343 -14.67 -13.15 44.12
CA PHE D 343 -15.72 -12.21 43.67
C PHE D 343 -15.09 -10.96 43.06
N VAL D 344 -15.79 -10.34 42.12
CA VAL D 344 -15.17 -9.25 41.38
C VAL D 344 -15.24 -7.81 41.89
N ASP D 345 -14.07 -7.31 42.30
CA ASP D 345 -13.83 -5.90 42.63
C ASP D 345 -14.98 -4.98 43.11
N TRP D 346 -15.87 -4.61 42.17
CA TRP D 346 -16.97 -3.66 42.38
C TRP D 346 -18.37 -4.26 42.60
N CYS D 347 -18.48 -5.48 43.08
CA CYS D 347 -19.80 -6.08 43.21
C CYS D 347 -19.96 -6.86 44.49
N PRO D 348 -20.87 -6.45 45.38
CA PRO D 348 -21.07 -7.06 46.70
C PRO D 348 -20.45 -8.47 46.97
N THR D 349 -21.34 -9.46 47.11
CA THR D 349 -21.06 -10.91 47.27
C THR D 349 -22.47 -11.52 47.23
N GLY D 350 -23.20 -11.13 46.16
CA GLY D 350 -24.57 -11.51 45.82
C GLY D 350 -25.30 -12.45 46.77
N PHE D 351 -25.55 -13.66 46.27
CA PHE D 351 -26.25 -14.72 47.01
C PHE D 351 -27.71 -14.41 47.35
N LYS D 352 -28.46 -14.09 46.29
CA LYS D 352 -29.90 -13.88 46.40
C LYS D 352 -30.34 -15.33 46.53
N VAL D 353 -30.65 -15.74 47.76
CA VAL D 353 -31.07 -17.10 48.02
C VAL D 353 -32.56 -17.21 47.88
N GLY D 354 -33.03 -18.24 47.21
CA GLY D 354 -34.46 -18.42 47.04
C GLY D 354 -34.83 -19.85 47.29
N ILE D 355 -35.80 -20.08 48.15
CA ILE D 355 -36.21 -21.44 48.46
C ILE D 355 -37.64 -21.63 47.99
N ASN D 356 -37.88 -22.76 47.34
CA ASN D 356 -39.21 -23.09 46.81
C ASN D 356 -39.70 -24.43 47.32
N TYR D 357 -40.21 -24.40 48.56
CA TYR D 357 -40.71 -25.56 49.33
C TYR D 357 -41.24 -26.75 48.56
N GLU D 358 -41.87 -26.48 47.43
CA GLU D 358 -42.42 -27.51 46.56
C GLU D 358 -41.30 -28.46 46.06
N PRO D 359 -41.38 -29.74 46.48
CA PRO D 359 -40.37 -30.78 46.18
C PRO D 359 -40.12 -31.11 44.70
N PRO D 360 -38.90 -31.55 44.39
CA PRO D 360 -38.48 -31.84 43.02
C PRO D 360 -39.04 -33.15 42.48
N THR D 361 -40.10 -33.05 41.68
CA THR D 361 -40.70 -34.22 41.08
C THR D 361 -39.94 -34.56 39.82
N VAL D 362 -39.74 -35.86 39.58
CA VAL D 362 -39.02 -36.32 38.40
C VAL D 362 -39.88 -37.31 37.62
N VAL D 363 -39.59 -37.45 36.32
CA VAL D 363 -40.33 -38.33 35.41
C VAL D 363 -40.35 -39.76 35.92
N PRO D 364 -41.45 -40.50 35.66
CA PRO D 364 -41.66 -41.84 36.24
C PRO D 364 -40.71 -42.94 35.80
N GLY D 365 -40.54 -43.12 34.49
CA GLY D 365 -39.63 -44.11 33.97
C GLY D 365 -38.24 -43.56 33.77
N GLY D 366 -38.02 -42.34 34.29
CA GLY D 366 -36.77 -41.61 34.20
C GLY D 366 -35.56 -42.32 34.74
N ASP D 367 -34.40 -41.69 34.56
CA ASP D 367 -33.14 -42.28 35.00
C ASP D 367 -32.66 -41.70 36.32
N LEU D 368 -33.24 -40.57 36.72
CA LEU D 368 -32.93 -39.89 37.98
C LEU D 368 -34.01 -40.20 39.00
N ALA D 369 -33.64 -40.28 40.28
CA ALA D 369 -34.60 -40.62 41.32
C ALA D 369 -35.23 -39.40 41.99
N LYS D 370 -36.28 -39.64 42.77
CA LYS D 370 -36.89 -38.59 43.54
C LYS D 370 -35.80 -38.14 44.50
N VAL D 371 -35.76 -36.86 44.81
CA VAL D 371 -34.78 -36.35 45.77
C VAL D 371 -35.41 -35.41 46.78
N GLN D 372 -35.01 -35.56 48.03
CA GLN D 372 -35.53 -34.75 49.11
C GLN D 372 -35.38 -33.23 48.93
N ARG D 373 -34.25 -32.81 48.35
CA ARG D 373 -33.96 -31.39 48.17
C ARG D 373 -32.93 -31.17 47.04
N ALA D 374 -33.11 -30.11 46.25
CA ALA D 374 -32.20 -29.81 45.15
C ALA D 374 -31.88 -28.30 45.03
N VAL D 375 -30.68 -27.98 44.56
CA VAL D 375 -30.20 -26.58 44.41
C VAL D 375 -30.00 -26.19 42.93
N CYS D 376 -29.89 -24.90 42.63
CA CYS D 376 -29.72 -24.49 41.25
C CYS D 376 -28.56 -23.57 40.86
N MET D 377 -28.24 -22.60 41.71
CA MET D 377 -27.09 -21.70 41.47
C MET D 377 -26.87 -21.15 40.06
N LEU D 378 -27.27 -19.91 39.84
CA LEU D 378 -27.06 -19.25 38.56
C LEU D 378 -26.05 -18.16 38.79
N SER D 379 -24.86 -18.30 38.20
CA SER D 379 -23.80 -17.34 38.39
C SER D 379 -23.34 -16.69 37.10
N ASN D 380 -23.06 -15.40 37.14
CA ASN D 380 -22.57 -14.71 35.96
C ASN D 380 -21.11 -14.47 36.16
N THR D 381 -20.31 -15.42 35.66
CA THR D 381 -18.85 -15.38 35.78
C THR D 381 -18.19 -14.88 34.51
N THR D 382 -16.91 -14.52 34.62
CA THR D 382 -16.18 -14.07 33.45
C THR D 382 -15.63 -15.29 32.74
N ALA D 383 -15.56 -16.41 33.45
CA ALA D 383 -15.00 -17.63 32.87
C ALA D 383 -15.91 -18.31 31.84
N ILE D 384 -17.13 -17.80 31.71
CA ILE D 384 -18.06 -18.36 30.76
C ILE D 384 -17.61 -17.97 29.36
N ALA D 385 -16.73 -16.97 29.29
CA ALA D 385 -16.19 -16.49 28.03
C ALA D 385 -15.21 -17.49 27.42
N GLU D 386 -14.83 -18.49 28.20
CA GLU D 386 -13.92 -19.55 27.75
C GLU D 386 -14.58 -20.37 26.66
N ALA D 387 -15.90 -20.25 26.57
CA ALA D 387 -16.71 -20.97 25.62
C ALA D 387 -16.85 -20.10 24.39
N TRP D 388 -16.78 -18.80 24.56
CA TRP D 388 -16.88 -17.90 23.43
C TRP D 388 -15.60 -17.98 22.65
N ALA D 389 -14.54 -18.45 23.30
CA ALA D 389 -13.24 -18.61 22.62
C ALA D 389 -13.19 -19.89 21.79
N ARG D 390 -13.54 -20.98 22.46
CA ARG D 390 -13.56 -22.32 21.88
C ARG D 390 -14.33 -22.35 20.58
N LEU D 391 -15.30 -21.45 20.46
CA LEU D 391 -16.11 -21.34 19.25
C LEU D 391 -15.47 -20.44 18.21
N ASP D 392 -14.94 -19.32 18.66
CA ASP D 392 -14.29 -18.38 17.76
C ASP D 392 -13.17 -19.08 17.00
N HIS D 393 -12.30 -19.78 17.73
CA HIS D 393 -11.17 -20.51 17.15
C HIS D 393 -11.63 -21.40 15.99
N LYS D 394 -12.64 -22.24 16.22
CA LYS D 394 -13.18 -23.11 15.18
C LYS D 394 -13.55 -22.24 13.99
N PHE D 395 -14.47 -21.29 14.21
CA PHE D 395 -14.91 -20.33 13.17
C PHE D 395 -13.74 -19.63 12.47
N ASP D 396 -12.91 -18.93 13.23
CA ASP D 396 -11.76 -18.19 12.72
C ASP D 396 -10.91 -19.03 11.77
N LEU D 397 -10.67 -20.26 12.18
CA LEU D 397 -9.79 -21.18 11.49
C LEU D 397 -10.37 -21.71 10.19
N MET D 398 -11.69 -21.84 10.13
CA MET D 398 -12.38 -22.28 8.92
C MET D 398 -12.51 -21.10 7.99
N TYR D 399 -12.96 -19.98 8.53
CA TYR D 399 -13.12 -18.75 7.75
C TYR D 399 -11.81 -18.33 7.08
N ALA D 400 -10.70 -18.78 7.67
CA ALA D 400 -9.37 -18.50 7.15
C ALA D 400 -9.23 -18.95 5.70
N LYS D 401 -10.22 -19.71 5.23
CA LYS D 401 -10.19 -20.23 3.86
C LYS D 401 -11.55 -20.21 3.20
N ARG D 402 -12.49 -19.45 3.76
CA ARG D 402 -13.87 -19.38 3.25
C ARG D 402 -14.50 -20.77 3.19
N ALA D 403 -13.95 -21.64 4.02
CA ALA D 403 -14.34 -23.04 4.14
C ALA D 403 -15.67 -23.43 3.56
N PHE D 404 -16.76 -22.85 4.04
CA PHE D 404 -18.03 -23.26 3.51
C PHE D 404 -18.88 -22.06 3.17
N VAL D 405 -18.32 -20.88 3.42
CA VAL D 405 -18.99 -19.61 3.19
C VAL D 405 -19.84 -19.53 1.94
N HIS D 406 -19.39 -20.16 0.86
CA HIS D 406 -20.11 -20.05 -0.41
C HIS D 406 -21.56 -20.51 -0.36
N TRP D 407 -21.90 -21.38 0.59
CA TRP D 407 -23.28 -21.85 0.73
C TRP D 407 -24.18 -20.78 1.29
N TYR D 408 -23.58 -19.88 2.05
CA TYR D 408 -24.29 -18.77 2.64
C TYR D 408 -24.40 -17.69 1.61
N VAL D 409 -23.33 -17.39 0.89
CA VAL D 409 -23.40 -16.35 -0.13
C VAL D 409 -24.46 -16.76 -1.14
N GLY D 410 -24.62 -18.08 -1.26
CA GLY D 410 -25.56 -18.68 -2.17
C GLY D 410 -27.00 -18.36 -1.91
N GLU D 411 -27.42 -18.35 -0.64
CA GLU D 411 -28.79 -18.02 -0.32
C GLU D 411 -29.02 -16.53 -0.41
N GLY D 412 -27.94 -15.75 -0.42
CA GLY D 412 -28.07 -14.32 -0.57
C GLY D 412 -27.45 -13.47 0.52
N MET D 413 -26.45 -14.02 1.22
CA MET D 413 -25.77 -13.32 2.29
C MET D 413 -24.49 -12.66 1.78
N GLU D 414 -24.03 -11.65 2.52
CA GLU D 414 -22.82 -10.93 2.17
C GLU D 414 -21.64 -11.51 2.90
N GLU D 415 -20.49 -11.54 2.24
CA GLU D 415 -19.29 -12.03 2.88
C GLU D 415 -18.97 -11.13 4.04
N GLY D 416 -19.41 -9.88 3.95
CA GLY D 416 -19.22 -8.87 4.98
C GLY D 416 -19.92 -9.20 6.30
N GLU D 417 -21.13 -9.76 6.22
CA GLU D 417 -21.89 -10.12 7.42
C GLU D 417 -21.15 -11.18 8.25
N PHE D 418 -20.25 -11.92 7.62
CA PHE D 418 -19.45 -12.90 8.32
C PHE D 418 -18.39 -12.18 9.13
N SER D 419 -17.77 -11.16 8.53
CA SER D 419 -16.77 -10.37 9.21
C SER D 419 -17.46 -9.65 10.36
N GLU D 420 -18.41 -8.79 9.98
CA GLU D 420 -19.23 -8.00 10.89
C GLU D 420 -19.76 -8.75 12.15
N ALA D 421 -19.98 -10.07 12.04
CA ALA D 421 -20.46 -10.88 13.17
C ALA D 421 -19.31 -11.37 14.04
N ARG D 422 -18.25 -11.92 13.42
CA ARG D 422 -17.09 -12.36 14.20
C ARG D 422 -16.53 -11.13 14.88
N GLU D 423 -16.70 -10.00 14.20
CA GLU D 423 -16.23 -8.72 14.69
C GLU D 423 -16.81 -8.35 16.04
N ASP D 424 -18.02 -8.83 16.29
CA ASP D 424 -18.71 -8.58 17.56
C ASP D 424 -18.19 -9.55 18.60
N MET D 425 -17.93 -10.78 18.17
CA MET D 425 -17.44 -11.81 19.06
C MET D 425 -16.03 -11.50 19.53
N ALA D 426 -15.31 -10.72 18.71
CA ALA D 426 -13.99 -10.27 19.08
C ALA D 426 -14.19 -9.28 20.20
N ALA D 427 -15.17 -8.40 20.02
CA ALA D 427 -15.53 -7.37 20.99
C ALA D 427 -16.05 -7.94 22.31
N LEU D 428 -17.02 -8.84 22.22
CA LEU D 428 -17.58 -9.47 23.42
C LEU D 428 -16.47 -10.10 24.25
N GLU D 429 -15.66 -10.97 23.65
CA GLU D 429 -14.55 -11.62 24.34
C GLU D 429 -13.64 -10.58 25.03
N LYS D 430 -13.64 -9.35 24.51
CA LYS D 430 -12.86 -8.27 25.09
C LYS D 430 -13.54 -7.74 26.32
N ASP D 431 -14.84 -7.43 26.19
CA ASP D 431 -15.67 -6.94 27.29
C ASP D 431 -15.61 -7.88 28.47
N TYR D 432 -15.83 -9.17 28.20
CA TYR D 432 -15.80 -10.18 29.23
C TYR D 432 -14.51 -10.09 30.05
N GLU D 433 -13.39 -10.13 29.34
CA GLU D 433 -12.07 -10.04 29.96
C GLU D 433 -11.84 -8.70 30.66
N GLU D 434 -12.47 -7.65 30.14
CA GLU D 434 -12.35 -6.28 30.66
C GLU D 434 -13.00 -6.05 32.01
N VAL D 435 -13.96 -6.89 32.36
CA VAL D 435 -14.64 -6.77 33.62
C VAL D 435 -13.72 -7.22 34.77
N GLY D 436 -12.71 -8.03 34.49
CA GLY D 436 -11.75 -8.47 35.51
C GLY D 436 -11.10 -7.31 36.26
N VAL D 437 -11.11 -7.39 37.60
CA VAL D 437 -10.59 -6.38 38.56
C VAL D 437 -10.15 -5.02 37.97
N ARG E 2 -36.57 -34.92 1.91
CA ARG E 2 -38.04 -34.82 1.77
C ARG E 2 -38.70 -35.66 0.61
N GLU E 3 -37.93 -36.12 -0.42
CA GLU E 3 -38.46 -36.87 -1.60
C GLU E 3 -37.60 -36.73 -2.87
N ILE E 4 -37.04 -37.82 -3.42
CA ILE E 4 -36.16 -37.70 -4.62
C ILE E 4 -36.49 -38.54 -5.86
N VAL E 5 -36.31 -37.96 -7.07
CA VAL E 5 -36.55 -38.68 -8.32
C VAL E 5 -35.25 -39.22 -8.82
N HIS E 6 -35.32 -40.31 -9.56
CA HIS E 6 -34.13 -40.99 -10.02
C HIS E 6 -34.08 -41.23 -11.53
N ILE E 7 -33.22 -40.46 -12.22
CA ILE E 7 -33.00 -40.63 -13.66
C ILE E 7 -31.89 -41.66 -13.80
N GLN E 8 -31.99 -42.54 -14.80
CA GLN E 8 -31.04 -43.62 -15.01
C GLN E 8 -30.87 -43.84 -16.52
N ALA E 9 -29.74 -43.40 -17.08
CA ALA E 9 -29.55 -43.39 -18.55
C ALA E 9 -28.27 -43.96 -19.15
N GLY E 10 -28.42 -44.67 -20.28
CA GLY E 10 -27.31 -45.23 -21.03
C GLY E 10 -26.80 -46.56 -20.52
N GLN E 11 -26.75 -47.57 -21.40
CA GLN E 11 -26.36 -48.97 -21.08
C GLN E 11 -25.75 -49.28 -19.73
N CYS E 12 -24.65 -48.60 -19.40
CA CYS E 12 -23.99 -48.77 -18.13
C CYS E 12 -24.92 -48.29 -17.03
N GLY E 13 -25.28 -47.00 -17.08
CA GLY E 13 -26.21 -46.47 -16.11
C GLY E 13 -27.39 -47.38 -15.87
N ASN E 14 -28.10 -47.74 -16.93
CA ASN E 14 -29.27 -48.59 -16.82
C ASN E 14 -29.00 -49.90 -16.09
N GLN E 15 -27.93 -50.57 -16.49
CA GLN E 15 -27.54 -51.82 -15.85
C GLN E 15 -27.16 -51.58 -14.37
N ILE E 16 -26.37 -50.54 -14.11
CA ILE E 16 -25.89 -50.19 -12.77
C ILE E 16 -27.04 -49.95 -11.84
N GLY E 17 -27.98 -49.11 -12.29
CA GLY E 17 -29.12 -48.71 -11.50
C GLY E 17 -30.10 -49.84 -11.31
N ALA E 18 -30.24 -50.68 -12.32
CA ALA E 18 -31.14 -51.82 -12.27
C ALA E 18 -30.78 -52.68 -11.07
N LYS E 19 -29.49 -52.89 -10.84
CA LYS E 19 -29.08 -53.68 -9.69
C LYS E 19 -29.33 -52.88 -8.40
N PHE E 20 -29.13 -51.56 -8.47
CA PHE E 20 -29.40 -50.71 -7.33
C PHE E 20 -30.83 -50.95 -6.93
N TRP E 21 -31.75 -50.72 -7.86
CA TRP E 21 -33.19 -50.88 -7.61
C TRP E 21 -33.57 -52.19 -6.96
N GLU E 22 -33.26 -53.29 -7.63
CA GLU E 22 -33.61 -54.60 -7.08
C GLU E 22 -32.88 -54.87 -5.76
N VAL E 23 -31.82 -54.12 -5.47
CA VAL E 23 -31.08 -54.32 -4.22
C VAL E 23 -31.75 -53.61 -3.03
N ILE E 24 -32.23 -52.39 -3.25
CA ILE E 24 -32.92 -51.67 -2.19
C ILE E 24 -34.34 -52.18 -2.04
N SER E 25 -34.91 -52.64 -3.14
CA SER E 25 -36.27 -53.15 -3.13
C SER E 25 -36.41 -54.34 -2.20
N ASP E 26 -35.40 -55.21 -2.19
CA ASP E 26 -35.45 -56.37 -1.31
C ASP E 26 -35.02 -55.98 0.11
N GLU E 27 -34.44 -54.80 0.24
CA GLU E 27 -34.05 -54.27 1.55
C GLU E 27 -35.31 -53.83 2.23
N HIS E 28 -36.19 -53.21 1.45
CA HIS E 28 -37.48 -52.70 1.90
C HIS E 28 -38.56 -53.76 1.88
N GLY E 29 -38.29 -54.88 1.21
CA GLY E 29 -39.23 -55.97 1.11
C GLY E 29 -40.32 -55.70 0.10
N ILE E 30 -39.94 -55.61 -1.17
CA ILE E 30 -40.86 -55.33 -2.25
C ILE E 30 -40.72 -56.39 -3.35
N ASP E 31 -41.86 -56.88 -3.80
CA ASP E 31 -41.95 -57.89 -4.85
C ASP E 31 -41.73 -57.29 -6.24
N PRO E 32 -41.52 -58.12 -7.25
CA PRO E 32 -41.40 -57.63 -8.63
C PRO E 32 -42.48 -56.59 -8.96
N THR E 33 -43.63 -56.66 -8.30
CA THR E 33 -44.68 -55.66 -8.44
C THR E 33 -45.26 -55.44 -7.07
N GLY E 34 -45.75 -56.53 -6.48
CA GLY E 34 -46.34 -56.53 -5.17
C GLY E 34 -45.66 -55.59 -4.18
N SER E 35 -46.30 -55.46 -3.03
CA SER E 35 -45.80 -54.59 -1.99
C SER E 35 -44.97 -55.37 -0.98
N TYR E 36 -45.09 -54.94 0.26
CA TYR E 36 -44.40 -55.50 1.40
C TYR E 36 -44.60 -57.00 1.62
N HIS E 37 -43.60 -57.59 2.26
CA HIS E 37 -43.54 -59.01 2.65
C HIS E 37 -42.19 -59.13 3.36
N GLY E 38 -42.25 -59.27 4.68
CA GLY E 38 -41.04 -59.35 5.49
C GLY E 38 -41.35 -58.79 6.87
N ASP E 39 -41.10 -59.60 7.90
CA ASP E 39 -41.40 -59.26 9.31
C ASP E 39 -40.83 -57.95 9.90
N SER E 40 -40.06 -57.20 9.09
CA SER E 40 -39.50 -55.90 9.48
C SER E 40 -40.63 -54.83 9.43
N ASP E 41 -40.42 -53.68 10.06
CA ASP E 41 -41.48 -52.67 10.13
C ASP E 41 -41.00 -51.32 9.73
N LEU E 42 -39.75 -51.05 10.08
CA LEU E 42 -39.10 -49.80 9.76
C LEU E 42 -39.30 -49.47 8.29
N GLN E 43 -38.42 -50.01 7.44
CA GLN E 43 -38.47 -49.87 5.98
C GLN E 43 -39.35 -48.76 5.43
N LEU E 44 -40.65 -48.91 5.68
CA LEU E 44 -41.68 -48.02 5.18
C LEU E 44 -41.68 -46.53 5.57
N GLU E 45 -41.03 -46.13 6.67
CA GLU E 45 -40.98 -44.70 7.04
C GLU E 45 -40.67 -43.87 5.84
N ARG E 46 -39.40 -43.91 5.45
CA ARG E 46 -38.95 -43.10 4.35
C ARG E 46 -38.96 -43.84 3.02
N ILE E 47 -39.88 -44.80 2.83
CA ILE E 47 -39.99 -45.50 1.54
C ILE E 47 -40.47 -44.49 0.50
N ASN E 48 -41.11 -43.47 1.04
CA ASN E 48 -41.58 -42.30 0.36
C ASN E 48 -40.51 -41.80 -0.57
N VAL E 49 -39.33 -41.53 0.00
CA VAL E 49 -38.17 -40.91 -0.65
C VAL E 49 -37.77 -41.50 -1.96
N TYR E 50 -37.80 -42.83 -2.09
CA TYR E 50 -37.42 -43.47 -3.33
C TYR E 50 -38.54 -44.16 -4.11
N TYR E 51 -39.77 -44.10 -3.59
CA TYR E 51 -40.90 -44.76 -4.25
C TYR E 51 -42.21 -43.99 -4.28
N ASN E 52 -42.56 -43.45 -5.46
CA ASN E 52 -43.86 -42.82 -5.66
C ASN E 52 -44.75 -44.06 -5.75
N GLU E 53 -45.83 -44.13 -4.97
CA GLU E 53 -46.67 -45.34 -4.97
C GLU E 53 -48.01 -45.14 -5.69
N ALA E 54 -48.35 -46.07 -6.59
CA ALA E 54 -49.58 -46.00 -7.43
C ALA E 54 -50.77 -46.92 -7.03
N ALA E 55 -51.63 -47.22 -7.99
CA ALA E 55 -52.86 -48.02 -7.84
C ALA E 55 -52.80 -49.20 -6.86
N GLY E 56 -53.81 -49.30 -6.00
CA GLY E 56 -53.93 -50.35 -5.00
C GLY E 56 -52.77 -50.39 -4.02
N ASN E 57 -52.08 -51.53 -3.96
CA ASN E 57 -50.94 -51.68 -3.08
C ASN E 57 -49.77 -51.12 -3.82
N LYS E 58 -49.29 -51.90 -4.79
CA LYS E 58 -48.16 -51.57 -5.68
C LYS E 58 -47.17 -50.46 -5.21
N TYR E 59 -45.88 -50.63 -5.48
CA TYR E 59 -44.96 -49.58 -5.05
C TYR E 59 -44.22 -48.73 -6.11
N VAL E 60 -43.98 -49.25 -7.30
CA VAL E 60 -43.33 -48.52 -8.41
C VAL E 60 -42.36 -47.36 -8.06
N PRO E 61 -41.07 -47.60 -8.26
CA PRO E 61 -40.04 -46.59 -8.00
C PRO E 61 -40.18 -45.34 -8.84
N ARG E 62 -39.75 -44.21 -8.28
CA ARG E 62 -39.76 -42.93 -8.96
C ARG E 62 -38.55 -42.97 -9.83
N ALA E 63 -38.63 -43.73 -10.93
CA ALA E 63 -37.50 -43.87 -11.83
C ALA E 63 -37.82 -43.64 -13.28
N ILE E 64 -36.93 -42.90 -13.93
CA ILE E 64 -37.00 -42.61 -15.35
C ILE E 64 -35.87 -43.37 -16.05
N LEU E 65 -36.21 -44.09 -17.12
CA LEU E 65 -35.24 -44.90 -17.87
C LEU E 65 -34.95 -44.32 -19.25
N VAL E 66 -33.70 -43.97 -19.51
CA VAL E 66 -33.34 -43.36 -20.79
C VAL E 66 -32.20 -44.07 -21.53
N ASP E 67 -32.31 -44.14 -22.86
CA ASP E 67 -31.28 -44.73 -23.73
C ASP E 67 -31.49 -44.33 -25.18
N LEU E 68 -30.49 -44.54 -26.03
CA LEU E 68 -30.63 -44.20 -27.44
C LEU E 68 -30.66 -45.44 -28.37
N GLU E 69 -30.88 -46.62 -27.76
CA GLU E 69 -31.05 -47.90 -28.46
C GLU E 69 -31.85 -48.86 -27.56
N PRO E 70 -32.94 -49.45 -28.08
CA PRO E 70 -33.83 -50.33 -27.32
C PRO E 70 -33.16 -51.39 -26.44
N GLY E 71 -32.48 -52.36 -27.06
CA GLY E 71 -31.80 -53.45 -26.39
C GLY E 71 -31.65 -53.41 -24.87
N THR E 72 -30.74 -52.54 -24.40
CA THR E 72 -30.41 -52.37 -22.97
C THR E 72 -31.62 -52.24 -22.03
N MET E 73 -32.68 -51.62 -22.54
CA MET E 73 -33.90 -51.41 -21.79
C MET E 73 -34.69 -52.70 -21.63
N ASP E 74 -34.83 -53.43 -22.74
CA ASP E 74 -35.56 -54.70 -22.79
C ASP E 74 -34.79 -55.82 -22.07
N SER E 75 -33.56 -55.48 -21.69
CA SER E 75 -32.68 -56.32 -20.90
C SER E 75 -33.19 -56.26 -19.48
N VAL E 76 -33.60 -55.07 -19.06
CA VAL E 76 -34.16 -54.86 -17.74
C VAL E 76 -35.57 -55.45 -17.68
N ARG E 77 -36.44 -55.04 -18.61
CA ARG E 77 -37.84 -55.51 -18.63
C ARG E 77 -37.94 -57.02 -18.52
N SER E 78 -37.19 -57.73 -19.35
CA SER E 78 -37.16 -59.18 -19.27
C SER E 78 -35.96 -59.57 -18.40
N GLY E 79 -35.93 -59.09 -17.15
CA GLY E 79 -34.81 -59.37 -16.26
C GLY E 79 -35.10 -59.56 -14.78
N PRO E 80 -34.38 -58.82 -13.93
CA PRO E 80 -34.51 -58.93 -12.46
C PRO E 80 -35.87 -58.49 -11.93
N PHE E 81 -36.03 -57.20 -11.70
CA PHE E 81 -37.29 -56.63 -11.27
C PHE E 81 -37.83 -55.82 -12.45
N GLY E 82 -37.95 -56.51 -13.58
CA GLY E 82 -38.41 -55.91 -14.83
C GLY E 82 -39.81 -55.32 -14.81
N GLN E 83 -40.71 -56.01 -14.12
CA GLN E 83 -42.09 -55.57 -14.00
C GLN E 83 -42.26 -54.35 -13.10
N ILE E 84 -41.28 -54.08 -12.25
CA ILE E 84 -41.41 -53.01 -11.27
C ILE E 84 -41.58 -51.57 -11.75
N PHE E 85 -40.89 -51.19 -12.82
CA PHE E 85 -40.91 -49.81 -13.31
C PHE E 85 -42.16 -49.47 -14.08
N ARG E 86 -42.58 -48.21 -14.00
CA ARG E 86 -43.78 -47.75 -14.70
C ARG E 86 -43.56 -47.72 -16.20
N PRO E 87 -44.37 -48.47 -16.94
CA PRO E 87 -44.28 -48.59 -18.41
C PRO E 87 -43.91 -47.33 -19.21
N ASP E 88 -44.74 -46.30 -19.25
CA ASP E 88 -44.38 -45.13 -20.05
C ASP E 88 -43.37 -44.24 -19.34
N ASN E 89 -42.58 -44.85 -18.48
CA ASN E 89 -41.50 -44.14 -17.85
C ASN E 89 -40.21 -44.44 -18.58
N PHE E 90 -40.23 -45.48 -19.42
CA PHE E 90 -39.11 -45.88 -20.27
C PHE E 90 -39.09 -44.92 -21.44
N VAL E 91 -37.91 -44.44 -21.81
CA VAL E 91 -37.80 -43.59 -22.99
C VAL E 91 -36.74 -44.15 -23.94
N PHE E 92 -37.23 -44.86 -24.97
CA PHE E 92 -36.39 -45.50 -26.01
C PHE E 92 -35.71 -44.49 -26.88
N GLY E 93 -34.65 -44.92 -27.53
CA GLY E 93 -33.90 -44.07 -28.45
C GLY E 93 -34.12 -44.45 -29.91
N GLN E 94 -34.06 -45.75 -30.20
CA GLN E 94 -34.28 -46.28 -31.55
C GLN E 94 -33.05 -46.11 -32.45
N SER E 95 -32.71 -44.85 -32.71
CA SER E 95 -31.60 -44.46 -33.60
C SER E 95 -30.21 -44.92 -33.14
N GLY E 96 -29.18 -44.52 -33.90
CA GLY E 96 -27.80 -44.81 -33.55
C GLY E 96 -27.48 -44.38 -32.11
N ALA E 97 -26.73 -45.23 -31.41
CA ALA E 97 -26.32 -44.99 -30.03
C ALA E 97 -25.39 -43.79 -29.98
N GLY E 98 -24.12 -44.04 -30.28
CA GLY E 98 -23.09 -43.03 -30.30
C GLY E 98 -21.76 -43.66 -29.94
N ASN E 99 -21.51 -43.69 -28.64
CA ASN E 99 -20.23 -44.10 -28.07
C ASN E 99 -19.27 -43.01 -28.50
N ASN E 100 -19.90 -41.84 -28.67
CA ASN E 100 -19.29 -40.56 -29.07
C ASN E 100 -20.15 -39.47 -28.46
N TRP E 101 -19.56 -38.75 -27.52
CA TRP E 101 -20.23 -37.71 -26.75
C TRP E 101 -21.10 -36.83 -27.61
N ALA E 102 -20.47 -36.17 -28.56
CA ALA E 102 -21.17 -35.27 -29.48
C ALA E 102 -22.58 -35.74 -29.78
N LYS E 103 -22.69 -36.91 -30.40
CA LYS E 103 -24.00 -37.45 -30.77
C LYS E 103 -25.05 -37.33 -29.66
N GLY E 104 -24.67 -37.64 -28.42
CA GLY E 104 -25.59 -37.63 -27.30
C GLY E 104 -25.88 -36.27 -26.66
N HIS E 105 -24.97 -35.32 -26.80
CA HIS E 105 -25.14 -33.97 -26.24
C HIS E 105 -25.58 -32.93 -27.31
N TYR E 106 -25.73 -33.35 -28.57
CA TYR E 106 -26.16 -32.43 -29.63
C TYR E 106 -27.16 -33.04 -30.60
N THR E 107 -26.69 -33.83 -31.55
CA THR E 107 -27.53 -34.41 -32.58
C THR E 107 -28.56 -35.45 -32.08
N GLU E 108 -28.18 -36.72 -32.01
CA GLU E 108 -29.13 -37.77 -31.58
C GLU E 108 -29.62 -37.55 -30.14
N GLY E 109 -28.83 -36.83 -29.36
CA GLY E 109 -29.22 -36.51 -28.01
C GLY E 109 -30.43 -35.58 -27.99
N ALA E 110 -30.20 -34.29 -28.26
CA ALA E 110 -31.25 -33.26 -28.29
C ALA E 110 -32.61 -33.80 -28.77
N GLU E 111 -32.56 -34.62 -29.82
CA GLU E 111 -33.72 -35.29 -30.38
C GLU E 111 -34.69 -35.83 -29.32
N LEU E 112 -34.14 -36.52 -28.31
CA LEU E 112 -34.92 -37.14 -27.23
C LEU E 112 -35.21 -36.25 -26.03
N VAL E 113 -34.16 -35.63 -25.49
CA VAL E 113 -34.21 -34.74 -24.34
C VAL E 113 -35.60 -34.30 -23.87
N ASP E 114 -36.32 -33.58 -24.72
CA ASP E 114 -37.65 -33.07 -24.40
C ASP E 114 -38.63 -34.15 -23.93
N SER E 115 -38.69 -35.26 -24.64
CA SER E 115 -39.55 -36.38 -24.29
C SER E 115 -39.16 -37.06 -22.96
N VAL E 116 -37.95 -36.83 -22.49
CA VAL E 116 -37.51 -37.37 -21.21
C VAL E 116 -37.79 -36.30 -20.18
N LEU E 117 -37.30 -35.10 -20.45
CA LEU E 117 -37.47 -33.93 -19.61
C LEU E 117 -38.95 -33.76 -19.20
N ASP E 118 -39.83 -34.05 -20.14
CA ASP E 118 -41.28 -33.98 -20.01
C ASP E 118 -41.86 -35.14 -19.19
N VAL E 119 -41.00 -36.07 -18.79
CA VAL E 119 -41.46 -37.22 -18.02
C VAL E 119 -40.85 -37.10 -16.64
N VAL E 120 -39.71 -36.44 -16.56
CA VAL E 120 -39.13 -36.14 -15.26
C VAL E 120 -40.03 -35.05 -14.70
N ARG E 121 -40.52 -34.19 -15.59
CA ARG E 121 -41.40 -33.09 -15.20
C ARG E 121 -42.68 -33.60 -14.57
N LYS E 122 -43.18 -34.75 -15.02
CA LYS E 122 -44.40 -35.33 -14.48
C LYS E 122 -44.14 -35.91 -13.09
N GLU E 123 -43.04 -36.65 -12.96
CA GLU E 123 -42.67 -37.28 -11.72
C GLU E 123 -42.38 -36.27 -10.63
N SER E 124 -41.70 -35.21 -11.02
CA SER E 124 -41.31 -34.15 -10.11
C SER E 124 -42.50 -33.38 -9.58
N GLU E 125 -43.29 -32.86 -10.49
CA GLU E 125 -44.46 -32.11 -10.12
C GLU E 125 -45.49 -32.97 -9.37
N SER E 126 -45.32 -34.30 -9.43
CA SER E 126 -46.20 -35.19 -8.68
C SER E 126 -45.72 -35.24 -7.23
N CYS E 127 -44.41 -35.19 -7.04
CA CYS E 127 -43.79 -35.16 -5.72
C CYS E 127 -44.42 -34.15 -4.78
N ASP E 128 -44.65 -34.55 -3.53
CA ASP E 128 -45.25 -33.65 -2.55
C ASP E 128 -44.29 -32.48 -2.18
N CYS E 129 -43.00 -32.80 -2.03
CA CYS E 129 -41.94 -31.80 -1.80
C CYS E 129 -40.61 -32.35 -2.34
N LEU E 130 -40.31 -32.03 -3.61
CA LEU E 130 -39.13 -32.52 -4.32
C LEU E 130 -37.80 -32.11 -3.74
N GLN E 131 -36.97 -33.10 -3.45
CA GLN E 131 -35.64 -32.90 -2.87
C GLN E 131 -34.54 -32.67 -3.90
N GLY E 132 -34.62 -33.40 -4.99
CA GLY E 132 -33.63 -33.29 -6.04
C GLY E 132 -33.55 -34.55 -6.88
N PHE E 133 -32.64 -34.54 -7.84
CA PHE E 133 -32.52 -35.69 -8.70
C PHE E 133 -31.19 -36.35 -8.50
N GLN E 134 -31.16 -37.65 -8.76
CA GLN E 134 -29.92 -38.38 -8.79
C GLN E 134 -29.91 -39.18 -10.12
N LEU E 135 -28.77 -39.16 -10.82
CA LEU E 135 -28.64 -39.86 -12.09
C LEU E 135 -27.43 -40.80 -12.12
N THR E 136 -27.58 -41.92 -12.80
CA THR E 136 -26.52 -42.91 -12.98
C THR E 136 -26.25 -42.98 -14.44
N HIS E 137 -24.96 -43.00 -14.78
CA HIS E 137 -24.47 -43.02 -16.17
C HIS E 137 -22.98 -43.22 -16.17
N SER E 138 -22.41 -43.47 -17.35
CA SER E 138 -20.95 -43.61 -17.52
C SER E 138 -20.35 -42.36 -18.17
N LEU E 139 -19.12 -42.04 -17.80
CA LEU E 139 -18.45 -40.88 -18.36
C LEU E 139 -17.79 -41.13 -19.71
N GLY E 140 -17.47 -42.41 -19.96
CA GLY E 140 -16.90 -42.89 -21.22
C GLY E 140 -18.09 -43.26 -22.08
N GLY E 141 -17.91 -43.51 -23.38
CA GLY E 141 -19.08 -43.75 -24.23
C GLY E 141 -19.98 -42.50 -24.30
N GLY E 142 -21.16 -42.60 -24.90
CA GLY E 142 -21.94 -41.37 -25.10
C GLY E 142 -23.43 -41.29 -24.87
N THR E 143 -24.15 -42.40 -24.97
CA THR E 143 -25.62 -42.37 -24.80
C THR E 143 -26.09 -42.02 -23.37
N GLY E 144 -25.16 -41.63 -22.52
CA GLY E 144 -25.50 -41.31 -21.16
C GLY E 144 -24.45 -40.41 -20.60
N SER E 145 -23.30 -40.35 -21.25
CA SER E 145 -22.27 -39.47 -20.79
C SER E 145 -22.45 -38.15 -21.49
N GLY E 146 -23.14 -38.21 -22.61
CA GLY E 146 -23.38 -37.05 -23.46
C GLY E 146 -24.81 -36.57 -23.39
N MET E 147 -25.76 -37.49 -23.34
CA MET E 147 -27.15 -37.10 -23.17
C MET E 147 -27.32 -36.76 -21.69
N GLY E 148 -26.69 -37.55 -20.83
CA GLY E 148 -26.73 -37.34 -19.39
C GLY E 148 -26.28 -35.94 -19.03
N THR E 149 -25.02 -35.59 -19.33
CA THR E 149 -24.54 -34.27 -19.01
C THR E 149 -25.45 -33.21 -19.60
N LEU E 150 -26.18 -33.58 -20.66
CA LEU E 150 -27.17 -32.67 -21.24
C LEU E 150 -28.41 -32.62 -20.37
N LEU E 151 -28.98 -33.80 -20.10
CA LEU E 151 -30.16 -33.92 -19.29
C LEU E 151 -30.00 -33.06 -18.07
N ILE E 152 -28.83 -33.12 -17.43
CA ILE E 152 -28.59 -32.32 -16.22
C ILE E 152 -28.44 -30.83 -16.49
N SER E 153 -27.83 -30.50 -17.61
CA SER E 153 -27.69 -29.08 -17.98
C SER E 153 -29.07 -28.45 -18.16
N LYS E 154 -30.06 -29.31 -18.43
CA LYS E 154 -31.42 -28.88 -18.66
C LYS E 154 -32.30 -29.06 -17.43
N ILE E 155 -31.83 -29.81 -16.45
CA ILE E 155 -32.60 -29.96 -15.21
C ILE E 155 -32.37 -28.66 -14.44
N ARG E 156 -31.11 -28.28 -14.23
CA ARG E 156 -30.81 -26.97 -13.67
C ARG E 156 -31.35 -26.09 -14.76
N GLU E 157 -32.01 -24.99 -14.44
CA GLU E 157 -32.66 -24.12 -15.44
C GLU E 157 -34.14 -24.31 -15.19
N GLU E 158 -34.56 -25.57 -15.08
CA GLU E 158 -35.95 -25.85 -14.75
C GLU E 158 -36.04 -26.11 -13.26
N TYR E 159 -34.89 -26.40 -12.65
CA TYR E 159 -34.78 -26.73 -11.23
C TYR E 159 -33.46 -26.24 -10.60
N PRO E 160 -33.19 -24.93 -10.62
CA PRO E 160 -31.95 -24.38 -10.03
C PRO E 160 -32.01 -24.68 -8.53
N ASP E 161 -33.21 -24.43 -8.05
CA ASP E 161 -33.75 -24.74 -6.75
C ASP E 161 -33.11 -25.92 -6.05
N ARG E 162 -33.57 -27.10 -6.46
CA ARG E 162 -33.20 -28.41 -5.94
C ARG E 162 -31.81 -28.82 -6.36
N ILE E 163 -31.26 -29.87 -5.74
CA ILE E 163 -29.89 -30.30 -6.03
C ILE E 163 -29.68 -31.52 -6.93
N MET E 164 -28.54 -31.49 -7.61
CA MET E 164 -28.11 -32.48 -8.59
C MET E 164 -27.07 -33.52 -8.11
N ASN E 165 -27.47 -34.79 -8.11
CA ASN E 165 -26.63 -35.83 -7.59
C ASN E 165 -26.35 -36.87 -8.63
N THR E 166 -25.09 -37.28 -8.77
CA THR E 166 -24.80 -38.31 -9.75
C THR E 166 -23.81 -39.33 -9.25
N PHE E 167 -23.97 -40.53 -9.79
CA PHE E 167 -23.05 -41.62 -9.59
C PHE E 167 -22.51 -41.75 -11.00
N SER E 168 -21.24 -41.45 -11.21
CA SER E 168 -20.67 -41.56 -12.54
C SER E 168 -19.45 -42.52 -12.61
N VAL E 169 -19.54 -43.54 -13.46
CA VAL E 169 -18.45 -44.49 -13.62
C VAL E 169 -17.40 -43.91 -14.55
N VAL E 170 -16.26 -43.54 -14.00
CA VAL E 170 -15.13 -43.03 -14.77
C VAL E 170 -14.35 -44.25 -15.37
N PRO E 171 -14.11 -44.25 -16.68
CA PRO E 171 -13.54 -45.42 -17.36
C PRO E 171 -12.00 -45.49 -17.40
N SER E 172 -11.49 -46.67 -17.72
CA SER E 172 -10.06 -46.96 -17.70
C SER E 172 -9.56 -47.60 -18.96
N PRO E 173 -8.24 -47.73 -19.09
CA PRO E 173 -7.63 -48.41 -20.26
C PRO E 173 -7.88 -49.91 -20.25
N LYS E 174 -8.03 -50.54 -19.08
CA LYS E 174 -8.34 -51.96 -19.01
C LYS E 174 -9.83 -52.06 -18.80
N VAL E 175 -10.47 -53.03 -19.44
CA VAL E 175 -11.93 -53.21 -19.39
C VAL E 175 -12.69 -51.96 -19.89
N SER E 176 -12.58 -51.80 -21.22
CA SER E 176 -13.08 -50.69 -22.01
C SER E 176 -13.40 -51.18 -23.42
N ASP E 177 -14.44 -50.63 -24.04
CA ASP E 177 -14.84 -51.03 -25.41
C ASP E 177 -14.36 -50.07 -26.51
N THR E 178 -14.01 -48.84 -26.12
CA THR E 178 -13.59 -47.75 -27.04
C THR E 178 -12.24 -47.04 -26.82
N VAL E 179 -11.56 -46.74 -27.92
CA VAL E 179 -10.34 -45.97 -27.88
C VAL E 179 -10.59 -44.53 -27.47
N VAL E 180 -11.80 -44.03 -27.75
CA VAL E 180 -12.18 -42.63 -27.51
C VAL E 180 -12.56 -42.21 -26.08
N GLU E 181 -12.85 -43.18 -25.20
CA GLU E 181 -13.28 -42.90 -23.81
C GLU E 181 -12.71 -41.63 -23.16
N PRO E 182 -11.38 -41.46 -23.15
CA PRO E 182 -10.75 -40.24 -22.69
C PRO E 182 -11.40 -38.93 -23.23
N TYR E 183 -11.84 -38.92 -24.48
CA TYR E 183 -12.51 -37.77 -25.12
C TYR E 183 -13.87 -37.62 -24.46
N ASN E 184 -14.62 -38.70 -24.43
CA ASN E 184 -15.93 -38.72 -23.82
C ASN E 184 -15.84 -38.35 -22.35
N ALA E 185 -14.83 -38.86 -21.67
CA ALA E 185 -14.67 -38.61 -20.24
C ALA E 185 -14.43 -37.16 -19.94
N THR E 186 -13.38 -36.61 -20.53
CA THR E 186 -13.00 -35.24 -20.31
C THR E 186 -14.13 -34.29 -20.62
N LEU E 187 -14.85 -34.59 -21.70
CA LEU E 187 -15.94 -33.74 -22.15
C LEU E 187 -17.09 -33.62 -21.18
N SER E 188 -17.26 -34.66 -20.36
CA SER E 188 -18.31 -34.72 -19.33
C SER E 188 -17.82 -34.15 -17.99
N VAL E 189 -16.64 -34.58 -17.54
CA VAL E 189 -16.02 -34.11 -16.31
C VAL E 189 -16.23 -32.59 -16.19
N HIS E 190 -15.94 -31.89 -17.28
CA HIS E 190 -16.13 -30.44 -17.40
C HIS E 190 -17.60 -30.07 -17.08
N GLN E 191 -18.53 -30.70 -17.77
CA GLN E 191 -19.93 -30.48 -17.55
C GLN E 191 -20.29 -30.74 -16.08
N LEU E 192 -19.89 -31.89 -15.52
CA LEU E 192 -20.24 -32.22 -14.12
C LEU E 192 -19.78 -31.12 -13.20
N VAL E 193 -18.51 -30.73 -13.30
CA VAL E 193 -17.97 -29.65 -12.49
C VAL E 193 -18.95 -28.47 -12.37
N GLU E 194 -19.58 -28.10 -13.48
CA GLU E 194 -20.43 -26.90 -13.49
C GLU E 194 -21.84 -27.03 -12.96
N ASN E 195 -22.55 -28.10 -13.34
CA ASN E 195 -23.95 -28.22 -12.91
C ASN E 195 -24.35 -29.30 -11.89
N THR E 196 -23.43 -29.79 -11.07
CA THR E 196 -23.87 -30.73 -10.03
C THR E 196 -23.31 -30.35 -8.66
N ASP E 197 -24.05 -30.72 -7.64
CA ASP E 197 -23.70 -30.40 -6.28
C ASP E 197 -22.77 -31.47 -5.67
N GLU E 198 -23.07 -32.74 -5.87
CA GLU E 198 -22.17 -33.81 -5.46
C GLU E 198 -22.10 -34.89 -6.53
N THR E 199 -20.90 -35.41 -6.78
CA THR E 199 -20.77 -36.53 -7.72
C THR E 199 -19.88 -37.59 -7.10
N TYR E 200 -20.38 -38.83 -7.14
CA TYR E 200 -19.67 -39.98 -6.63
C TYR E 200 -18.91 -40.55 -7.79
N CYS E 201 -17.64 -40.91 -7.57
CA CYS E 201 -16.83 -41.46 -8.64
C CYS E 201 -16.68 -42.93 -8.45
N ILE E 202 -17.14 -43.66 -9.42
CA ILE E 202 -16.97 -45.07 -9.37
C ILE E 202 -16.01 -45.32 -10.51
N ASP E 203 -14.73 -45.54 -10.19
CA ASP E 203 -13.72 -45.81 -11.21
C ASP E 203 -13.72 -47.28 -11.61
N ASN E 204 -13.76 -47.55 -12.90
CA ASN E 204 -13.77 -48.93 -13.33
C ASN E 204 -12.40 -49.60 -13.15
N GLU E 205 -11.34 -48.79 -13.17
CA GLU E 205 -9.98 -49.27 -12.93
C GLU E 205 -9.96 -49.80 -11.50
N ALA E 206 -10.47 -48.99 -10.57
CA ALA E 206 -10.54 -49.40 -9.18
C ALA E 206 -11.33 -50.69 -9.12
N LEU E 207 -12.52 -50.65 -9.70
CA LEU E 207 -13.44 -51.77 -9.74
C LEU E 207 -12.80 -53.08 -10.17
N TYR E 208 -12.17 -53.09 -11.34
CA TYR E 208 -11.48 -54.29 -11.80
C TYR E 208 -10.43 -54.78 -10.77
N ASP E 209 -9.66 -53.83 -10.23
CA ASP E 209 -8.62 -54.12 -9.26
C ASP E 209 -9.17 -54.87 -8.04
N ILE E 210 -10.32 -54.45 -7.58
CA ILE E 210 -10.95 -55.08 -6.42
C ILE E 210 -11.33 -56.56 -6.68
N CYS E 211 -11.74 -56.88 -7.90
CA CYS E 211 -12.19 -58.23 -8.22
C CYS E 211 -11.08 -59.24 -8.39
N PHE E 212 -10.03 -58.82 -9.09
CA PHE E 212 -8.90 -59.68 -9.41
C PHE E 212 -7.71 -59.48 -8.45
N ARG E 213 -7.33 -58.21 -8.22
CA ARG E 213 -6.20 -57.90 -7.31
C ARG E 213 -6.48 -58.30 -5.85
N THR E 214 -7.76 -58.40 -5.46
CA THR E 214 -8.18 -58.84 -4.12
C THR E 214 -9.56 -59.51 -4.09
N LEU E 215 -9.67 -60.69 -4.72
CA LEU E 215 -10.91 -61.48 -4.76
C LEU E 215 -10.83 -62.75 -5.65
N LYS E 216 -9.62 -63.17 -6.05
CA LYS E 216 -9.37 -64.35 -6.91
C LYS E 216 -10.24 -64.50 -8.19
N LEU E 217 -11.11 -63.52 -8.46
CA LEU E 217 -12.02 -63.53 -9.61
C LEU E 217 -11.31 -63.15 -10.92
N THR E 218 -10.96 -64.18 -11.72
CA THR E 218 -10.25 -64.04 -13.01
C THR E 218 -10.96 -63.09 -13.99
N THR E 219 -11.71 -63.63 -14.95
CA THR E 219 -12.46 -62.79 -15.90
C THR E 219 -13.61 -62.01 -15.20
N PRO E 220 -13.42 -60.71 -14.95
CA PRO E 220 -14.46 -59.93 -14.28
C PRO E 220 -15.54 -59.53 -15.27
N THR E 221 -16.73 -60.11 -15.12
CA THR E 221 -17.86 -59.80 -15.98
C THR E 221 -18.20 -58.38 -15.72
N TYR E 222 -19.14 -57.88 -16.49
CA TYR E 222 -19.66 -56.58 -16.16
C TYR E 222 -20.53 -56.86 -14.92
N GLY E 223 -20.92 -58.13 -14.77
CA GLY E 223 -21.71 -58.64 -13.66
C GLY E 223 -21.02 -58.42 -12.33
N ASP E 224 -20.33 -59.44 -11.82
CA ASP E 224 -19.58 -59.28 -10.58
C ASP E 224 -18.58 -58.16 -10.86
N LEU E 225 -19.02 -56.95 -10.57
CA LEU E 225 -18.31 -55.71 -10.82
C LEU E 225 -19.41 -54.72 -10.56
N ASN E 226 -20.58 -54.98 -11.16
CA ASN E 226 -21.77 -54.17 -10.91
C ASN E 226 -22.17 -54.44 -9.48
N HIS E 227 -22.03 -55.70 -9.05
CA HIS E 227 -22.35 -56.15 -7.68
C HIS E 227 -21.64 -55.26 -6.65
N LEU E 228 -20.45 -54.76 -6.99
CA LEU E 228 -19.71 -53.85 -6.12
C LEU E 228 -20.39 -52.49 -6.06
N VAL E 229 -20.52 -51.85 -7.23
CA VAL E 229 -21.18 -50.56 -7.35
C VAL E 229 -22.57 -50.57 -6.72
N SER E 230 -23.34 -51.61 -7.05
CA SER E 230 -24.70 -51.80 -6.55
C SER E 230 -24.76 -51.88 -5.03
N ALA E 231 -23.79 -52.55 -4.41
CA ALA E 231 -23.77 -52.65 -2.95
C ALA E 231 -23.35 -51.30 -2.38
N THR E 232 -22.37 -50.67 -3.02
CA THR E 232 -21.88 -49.38 -2.57
C THR E 232 -22.99 -48.35 -2.58
N MET E 233 -23.73 -48.31 -3.68
CA MET E 233 -24.80 -47.36 -3.80
C MET E 233 -25.88 -47.48 -2.74
N SER E 234 -26.15 -48.68 -2.26
CA SER E 234 -27.14 -48.84 -1.19
C SER E 234 -26.56 -48.27 0.11
N GLY E 235 -25.27 -48.51 0.33
CA GLY E 235 -24.59 -48.01 1.50
C GLY E 235 -24.59 -46.50 1.56
N VAL E 236 -24.34 -45.88 0.43
CA VAL E 236 -24.28 -44.45 0.38
C VAL E 236 -25.62 -43.75 0.65
N THR E 237 -26.73 -44.41 0.32
CA THR E 237 -28.04 -43.78 0.50
C THR E 237 -28.75 -44.16 1.77
N THR E 238 -28.38 -45.29 2.36
CA THR E 238 -29.01 -45.76 3.60
C THR E 238 -29.67 -44.68 4.49
N CYS E 239 -28.86 -43.78 5.05
CA CYS E 239 -29.32 -42.71 5.92
C CYS E 239 -30.47 -41.87 5.32
N LEU E 240 -30.57 -41.73 4.00
CA LEU E 240 -31.76 -41.03 3.53
C LEU E 240 -32.96 -41.92 3.32
N ARG E 241 -32.78 -43.23 3.22
CA ARG E 241 -33.94 -44.12 3.02
C ARG E 241 -34.39 -44.92 4.24
N PHE E 242 -33.96 -44.60 5.45
CA PHE E 242 -34.25 -45.59 6.49
C PHE E 242 -34.72 -45.33 7.93
N PRO E 243 -33.84 -44.75 8.75
CA PRO E 243 -34.06 -44.73 10.20
C PRO E 243 -34.87 -43.59 10.74
N GLY E 244 -34.15 -42.83 11.56
CA GLY E 244 -34.63 -41.72 12.33
C GLY E 244 -33.46 -41.50 13.27
N GLN E 245 -32.33 -41.17 12.67
CA GLN E 245 -31.09 -40.83 13.38
C GLN E 245 -30.73 -39.44 12.82
N LEU E 246 -30.40 -39.43 11.53
CA LEU E 246 -30.12 -38.18 10.83
C LEU E 246 -31.46 -37.72 10.30
N ASN E 247 -31.69 -38.11 9.04
CA ASN E 247 -32.86 -37.80 8.16
C ASN E 247 -32.37 -37.53 6.72
N ALA E 248 -31.23 -36.81 6.64
CA ALA E 248 -30.50 -36.49 5.41
C ALA E 248 -31.20 -35.66 4.32
N ASP E 249 -31.14 -34.35 4.48
CA ASP E 249 -31.71 -33.48 3.48
C ASP E 249 -31.04 -33.61 2.12
N LEU E 250 -29.98 -34.42 2.01
CA LEU E 250 -29.18 -34.59 0.78
C LEU E 250 -28.58 -33.25 0.39
N ARG E 251 -29.13 -32.19 0.95
CA ARG E 251 -28.65 -30.83 0.82
C ARG E 251 -27.80 -30.66 2.07
N LYS E 252 -28.24 -31.24 3.16
CA LYS E 252 -27.44 -31.16 4.38
C LYS E 252 -26.16 -31.88 4.04
N LEU E 253 -26.30 -33.03 3.38
CA LEU E 253 -25.15 -33.82 2.97
C LEU E 253 -24.23 -32.99 2.11
N ALA E 254 -24.80 -32.20 1.20
CA ALA E 254 -23.97 -31.39 0.36
C ALA E 254 -23.33 -30.30 1.19
N VAL E 255 -24.10 -29.39 1.76
CA VAL E 255 -23.53 -28.29 2.54
C VAL E 255 -22.42 -28.72 3.50
N ASN E 256 -22.44 -29.97 3.90
CA ASN E 256 -21.48 -30.47 4.87
C ASN E 256 -20.28 -31.24 4.34
N MET E 257 -20.36 -31.71 3.10
CA MET E 257 -19.30 -32.49 2.55
C MET E 257 -18.48 -31.70 1.59
N VAL E 258 -19.08 -30.69 0.96
CA VAL E 258 -18.35 -29.92 -0.03
C VAL E 258 -17.97 -28.53 0.41
N PRO E 259 -16.76 -28.37 0.89
CA PRO E 259 -16.30 -27.08 1.35
C PRO E 259 -16.14 -26.12 0.20
N PHE E 260 -15.73 -26.60 -0.96
CA PHE E 260 -15.54 -25.68 -2.05
C PHE E 260 -16.43 -25.89 -3.27
N PRO E 261 -16.93 -24.77 -3.80
CA PRO E 261 -17.95 -24.76 -4.83
C PRO E 261 -17.73 -25.84 -5.85
N ARG E 262 -16.52 -25.94 -6.41
CA ARG E 262 -16.20 -26.89 -7.50
C ARG E 262 -16.53 -28.38 -7.26
N LEU E 263 -17.83 -28.55 -6.93
CA LEU E 263 -18.64 -29.78 -6.61
C LEU E 263 -17.97 -31.03 -6.03
N HIS E 264 -16.69 -30.88 -5.76
CA HIS E 264 -15.87 -31.93 -5.28
C HIS E 264 -16.45 -33.36 -5.30
N PHE E 265 -15.60 -34.19 -5.85
CA PHE E 265 -15.94 -35.55 -6.15
C PHE E 265 -15.48 -36.48 -5.05
N PHE E 266 -16.43 -37.30 -4.66
CA PHE E 266 -16.28 -38.24 -3.58
C PHE E 266 -15.75 -39.58 -4.01
N MET E 267 -14.80 -40.13 -3.26
CA MET E 267 -14.42 -41.50 -3.55
C MET E 267 -15.02 -42.36 -2.44
N PRO E 268 -15.85 -43.33 -2.86
CA PRO E 268 -16.57 -44.22 -1.95
C PRO E 268 -15.78 -45.46 -1.63
N GLY E 269 -16.15 -46.15 -0.55
CA GLY E 269 -15.46 -47.37 -0.15
C GLY E 269 -16.42 -48.24 0.64
N PHE E 270 -16.28 -49.56 0.50
CA PHE E 270 -17.18 -50.49 1.16
C PHE E 270 -16.43 -51.40 2.13
N ALA E 271 -17.16 -51.99 3.10
CA ALA E 271 -16.53 -52.84 4.13
C ALA E 271 -16.24 -54.27 3.66
N PRO E 272 -17.15 -55.23 3.87
CA PRO E 272 -16.91 -56.61 3.42
C PRO E 272 -17.32 -56.79 1.94
N LEU E 273 -16.73 -57.72 1.17
CA LEU E 273 -17.07 -57.78 -0.27
C LEU E 273 -16.91 -59.10 -1.02
N THR E 274 -17.54 -59.13 -2.22
CA THR E 274 -17.52 -60.24 -3.24
C THR E 274 -18.86 -61.00 -3.45
N SER E 275 -19.04 -61.55 -4.66
CA SER E 275 -20.23 -62.33 -5.05
C SER E 275 -19.89 -63.77 -5.43
N LEU E 284 -15.60 -60.01 10.70
CA LEU E 284 -15.90 -58.60 10.52
C LEU E 284 -16.07 -57.98 11.89
N THR E 285 -14.96 -57.84 12.61
CA THR E 285 -14.96 -57.41 14.01
C THR E 285 -15.35 -55.95 14.39
N VAL E 286 -15.15 -55.01 13.46
CA VAL E 286 -15.42 -53.56 13.62
C VAL E 286 -14.08 -52.82 13.54
N PRO E 287 -13.15 -53.05 14.49
CA PRO E 287 -11.79 -52.53 14.30
C PRO E 287 -11.36 -53.09 12.96
N GLU E 288 -11.73 -54.34 12.69
CA GLU E 288 -11.43 -55.04 11.44
C GLU E 288 -12.16 -54.40 10.26
N LEU E 289 -13.34 -53.87 10.55
CA LEU E 289 -14.18 -53.21 9.56
C LEU E 289 -13.67 -51.80 9.17
N THR E 290 -13.25 -51.02 10.15
CA THR E 290 -12.71 -49.69 9.90
C THR E 290 -11.38 -49.79 9.15
N GLN E 291 -10.46 -50.60 9.68
CA GLN E 291 -9.13 -50.78 9.08
C GLN E 291 -9.24 -51.03 7.59
N GLN E 292 -10.33 -51.69 7.19
CA GLN E 292 -10.59 -52.05 5.80
C GLN E 292 -11.25 -50.93 5.00
N MET E 293 -12.24 -50.29 5.59
CA MET E 293 -13.01 -49.22 4.95
C MET E 293 -12.20 -47.93 4.72
N PHE E 294 -10.99 -47.90 5.26
CA PHE E 294 -10.12 -46.74 5.14
C PHE E 294 -8.85 -47.13 4.40
N ASP E 295 -8.92 -48.26 3.70
CA ASP E 295 -7.78 -48.78 2.96
C ASP E 295 -7.90 -48.50 1.47
N ALA E 296 -6.81 -48.04 0.85
CA ALA E 296 -6.77 -47.76 -0.58
C ALA E 296 -7.31 -48.96 -1.33
N LYS E 297 -6.73 -50.11 -1.01
CA LYS E 297 -7.10 -51.41 -1.55
C LYS E 297 -8.61 -51.67 -1.49
N ASN E 298 -9.36 -50.73 -0.92
CA ASN E 298 -10.81 -50.85 -0.75
C ASN E 298 -11.66 -49.61 -1.17
N MET E 299 -11.04 -48.68 -1.91
CA MET E 299 -11.72 -47.48 -2.41
C MET E 299 -12.38 -47.84 -3.73
N MET E 300 -13.42 -47.09 -4.08
CA MET E 300 -14.14 -47.37 -5.31
C MET E 300 -13.56 -46.58 -6.47
N ALA E 301 -12.56 -45.75 -6.17
CA ALA E 301 -11.90 -44.99 -7.23
C ALA E 301 -10.40 -45.27 -7.20
N ALA E 302 -9.80 -45.35 -8.38
CA ALA E 302 -8.36 -45.60 -8.47
C ALA E 302 -7.61 -44.38 -7.97
N CYS E 303 -7.28 -44.46 -6.68
CA CYS E 303 -6.57 -43.41 -5.99
C CYS E 303 -5.90 -44.13 -4.85
N ASP E 304 -5.48 -43.36 -3.87
CA ASP E 304 -4.82 -43.88 -2.69
C ASP E 304 -4.68 -42.73 -1.74
N PRO E 305 -5.65 -42.58 -0.85
CA PRO E 305 -5.60 -41.51 0.16
C PRO E 305 -4.34 -41.76 0.99
N ARG E 306 -3.30 -41.01 0.67
CA ARG E 306 -2.00 -41.10 1.30
C ARG E 306 -1.36 -39.96 0.54
N HIS E 307 -1.44 -40.11 -0.79
CA HIS E 307 -0.96 -39.13 -1.73
C HIS E 307 -1.99 -38.04 -1.72
N GLY E 308 -2.41 -37.63 -0.52
CA GLY E 308 -3.42 -36.61 -0.43
C GLY E 308 -4.24 -36.72 0.82
N ARG E 309 -4.65 -35.54 1.28
CA ARG E 309 -5.40 -35.37 2.52
C ARG E 309 -6.88 -35.49 2.25
N TYR E 310 -7.66 -35.69 3.32
CA TYR E 310 -9.11 -35.75 3.24
C TYR E 310 -9.66 -34.37 3.59
N LEU E 311 -10.59 -33.85 2.79
CA LEU E 311 -11.20 -32.56 3.07
C LEU E 311 -12.23 -32.82 4.16
N THR E 312 -13.14 -33.75 3.88
CA THR E 312 -14.15 -34.18 4.81
C THR E 312 -14.50 -35.62 4.49
N VAL E 313 -14.84 -36.36 5.52
CA VAL E 313 -15.19 -37.75 5.39
C VAL E 313 -16.50 -38.04 6.07
N ALA E 314 -17.25 -38.96 5.50
CA ALA E 314 -18.53 -39.34 6.06
C ALA E 314 -18.65 -40.85 5.98
N ALA E 315 -18.86 -41.49 7.13
CA ALA E 315 -18.93 -42.95 7.18
C ALA E 315 -20.24 -43.41 7.76
N VAL E 316 -20.79 -44.47 7.20
CA VAL E 316 -22.06 -45.00 7.66
C VAL E 316 -22.01 -46.53 7.84
N PHE E 317 -22.10 -46.96 9.10
CA PHE E 317 -22.05 -48.39 9.46
C PHE E 317 -23.38 -49.06 9.29
N ARG E 318 -23.44 -50.35 9.60
CA ARG E 318 -24.69 -51.10 9.44
C ARG E 318 -24.70 -52.41 10.20
N GLY E 319 -25.81 -52.70 10.87
CA GLY E 319 -25.95 -53.92 11.64
C GLY E 319 -25.88 -53.74 13.14
N ARG E 320 -26.41 -54.73 13.87
CA ARG E 320 -26.40 -54.66 15.31
C ARG E 320 -24.97 -54.68 15.86
N MET E 321 -24.47 -53.51 16.22
CA MET E 321 -23.15 -53.36 16.85
C MET E 321 -23.19 -52.12 17.77
N SER E 322 -22.32 -52.09 18.78
CA SER E 322 -22.30 -50.98 19.74
C SER E 322 -21.50 -49.75 19.31
N MET E 323 -22.21 -48.62 19.13
CA MET E 323 -21.60 -47.33 18.75
C MET E 323 -20.41 -46.98 19.67
N LYS E 324 -20.50 -47.42 20.93
CA LYS E 324 -19.42 -47.24 21.89
C LYS E 324 -18.10 -47.65 21.25
N GLU E 325 -18.11 -48.77 20.52
CA GLU E 325 -16.92 -49.24 19.84
C GLU E 325 -16.61 -48.40 18.61
N VAL E 326 -17.64 -48.14 17.81
CA VAL E 326 -17.48 -47.37 16.56
C VAL E 326 -16.84 -46.00 16.79
N ASP E 327 -17.41 -45.19 17.68
CA ASP E 327 -16.91 -43.84 18.00
C ASP E 327 -15.45 -43.88 18.48
N GLU E 328 -15.09 -45.01 19.08
CA GLU E 328 -13.76 -45.27 19.62
C GLU E 328 -12.78 -45.61 18.52
N GLN E 329 -13.18 -46.52 17.64
CA GLN E 329 -12.33 -46.93 16.53
C GLN E 329 -12.20 -45.78 15.53
N MET E 330 -13.32 -45.09 15.29
CA MET E 330 -13.38 -43.95 14.35
C MET E 330 -12.47 -42.81 14.77
N LEU E 331 -12.15 -42.74 16.06
CA LEU E 331 -11.22 -41.73 16.56
C LEU E 331 -9.81 -42.31 16.38
N ASN E 332 -9.70 -43.62 16.54
CA ASN E 332 -8.42 -44.30 16.43
C ASN E 332 -7.86 -44.39 15.03
N VAL E 333 -8.66 -44.04 14.02
CA VAL E 333 -8.16 -44.04 12.64
C VAL E 333 -7.47 -42.70 12.39
N GLN E 334 -8.18 -41.62 12.69
CA GLN E 334 -7.69 -40.26 12.53
C GLN E 334 -6.83 -39.92 13.73
N ASN E 335 -5.86 -40.79 13.98
CA ASN E 335 -4.90 -40.68 15.05
C ASN E 335 -3.66 -41.44 14.61
N LYS E 336 -3.85 -42.71 14.28
CA LYS E 336 -2.79 -43.52 13.74
C LYS E 336 -2.53 -42.99 12.33
N ASN E 337 -3.44 -42.13 11.86
CA ASN E 337 -3.35 -41.47 10.56
C ASN E 337 -3.67 -39.96 10.63
N SER E 338 -3.65 -39.41 11.85
CA SER E 338 -4.01 -38.01 12.12
C SER E 338 -3.31 -36.92 11.29
N SER E 339 -2.41 -37.30 10.40
CA SER E 339 -1.76 -36.30 9.58
C SER E 339 -2.55 -36.08 8.29
N TYR E 340 -3.36 -37.08 7.91
CA TYR E 340 -4.12 -37.09 6.64
C TYR E 340 -5.54 -36.51 6.67
N PHE E 341 -5.82 -35.76 7.72
CA PHE E 341 -7.11 -35.13 7.86
C PHE E 341 -6.85 -33.65 8.04
N VAL E 342 -6.98 -32.93 6.93
CA VAL E 342 -6.83 -31.49 6.91
C VAL E 342 -7.20 -30.90 8.29
N GLU E 343 -6.32 -30.12 8.90
CA GLU E 343 -6.63 -29.58 10.22
C GLU E 343 -7.24 -28.18 10.19
N TRP E 344 -7.57 -27.65 9.02
CA TRP E 344 -8.23 -26.33 8.97
C TRP E 344 -9.76 -26.40 8.92
N ILE E 345 -10.29 -27.61 9.02
CA ILE E 345 -11.72 -27.88 9.08
C ILE E 345 -11.86 -28.77 10.32
N PRO E 346 -12.50 -28.27 11.36
CA PRO E 346 -12.66 -29.01 12.63
C PRO E 346 -13.28 -30.39 12.52
N ASN E 347 -14.32 -30.71 13.29
CA ASN E 347 -14.86 -32.07 13.27
C ASN E 347 -15.33 -32.44 11.91
N ASN E 348 -14.35 -32.80 11.07
CA ASN E 348 -14.53 -33.08 9.65
C ASN E 348 -14.70 -34.54 9.25
N VAL E 349 -15.06 -35.36 10.22
CA VAL E 349 -15.28 -36.76 9.94
C VAL E 349 -16.45 -37.21 10.82
N LYS E 350 -17.59 -37.43 10.18
CA LYS E 350 -18.81 -37.82 10.87
C LYS E 350 -19.27 -39.21 10.53
N THR E 351 -19.75 -39.92 11.55
CA THR E 351 -20.16 -41.30 11.43
C THR E 351 -21.57 -41.55 11.84
N ALA E 352 -22.27 -42.32 11.03
CA ALA E 352 -23.67 -42.64 11.23
C ALA E 352 -23.81 -44.15 11.33
N VAL E 353 -24.65 -44.63 12.25
CA VAL E 353 -24.87 -46.07 12.36
C VAL E 353 -26.33 -46.39 12.16
N CYS E 354 -26.62 -47.44 11.40
CA CYS E 354 -27.99 -47.91 11.18
C CYS E 354 -28.00 -49.40 11.45
N ASP E 355 -29.09 -49.93 12.00
CA ASP E 355 -29.11 -51.35 12.42
C ASP E 355 -29.85 -52.38 11.55
N ILE E 356 -30.08 -52.06 10.28
CA ILE E 356 -30.70 -53.02 9.37
C ILE E 356 -29.66 -53.54 8.35
N PRO E 357 -29.13 -54.73 8.63
CA PRO E 357 -28.12 -55.38 7.77
C PRO E 357 -28.46 -55.40 6.30
N PRO E 358 -27.44 -55.28 5.45
CA PRO E 358 -27.62 -55.39 3.99
C PRO E 358 -27.86 -56.86 3.55
N ARG E 359 -27.66 -57.14 2.25
CA ARG E 359 -27.76 -58.51 1.70
C ARG E 359 -26.82 -59.38 2.57
N GLY E 360 -26.87 -60.70 2.47
CA GLY E 360 -26.00 -61.53 3.32
C GLY E 360 -25.56 -60.76 4.57
N LEU E 361 -24.28 -60.38 4.60
CA LEU E 361 -23.63 -59.56 5.64
C LEU E 361 -24.30 -59.27 7.00
N LYS E 362 -23.68 -59.76 8.09
CA LYS E 362 -24.17 -59.52 9.44
C LYS E 362 -23.75 -58.11 9.87
N MET E 363 -22.58 -57.70 9.41
CA MET E 363 -21.99 -56.40 9.69
C MET E 363 -21.59 -55.76 8.38
N SER E 364 -21.60 -54.43 8.30
CA SER E 364 -21.21 -53.75 7.07
C SER E 364 -20.90 -52.28 7.33
N ALA E 365 -20.08 -51.69 6.47
CA ALA E 365 -19.77 -50.27 6.55
C ALA E 365 -19.51 -49.75 5.16
N THR E 366 -19.74 -48.46 4.99
CA THR E 366 -19.46 -47.83 3.72
C THR E 366 -18.85 -46.46 4.00
N PHE E 367 -18.21 -45.87 3.01
CA PHE E 367 -17.45 -44.66 3.27
C PHE E 367 -17.54 -43.66 2.14
N ILE E 368 -17.67 -42.39 2.50
CA ILE E 368 -17.73 -41.33 1.51
C ILE E 368 -16.58 -40.38 1.77
N GLY E 369 -15.73 -40.16 0.78
CA GLY E 369 -14.60 -39.29 1.01
C GLY E 369 -14.24 -38.21 0.02
N ASN E 370 -14.30 -36.97 0.49
CA ASN E 370 -13.89 -35.85 -0.32
C ASN E 370 -12.40 -35.68 -0.11
N SER E 371 -11.59 -36.36 -0.93
CA SER E 371 -10.14 -36.32 -0.75
C SER E 371 -9.38 -35.78 -1.94
N THR E 372 -8.41 -34.91 -1.67
CA THR E 372 -7.57 -34.27 -2.70
C THR E 372 -6.77 -35.25 -3.53
N ALA E 373 -6.84 -36.52 -3.15
CA ALA E 373 -6.15 -37.62 -3.82
C ALA E 373 -6.89 -37.95 -5.08
N ILE E 374 -8.17 -37.60 -5.10
CA ILE E 374 -9.02 -37.79 -6.26
C ILE E 374 -8.33 -37.11 -7.45
N GLN E 375 -7.49 -36.12 -7.17
CA GLN E 375 -6.72 -35.38 -8.16
C GLN E 375 -6.07 -36.41 -9.08
N GLU E 376 -5.53 -37.46 -8.47
CA GLU E 376 -4.85 -38.55 -9.15
C GLU E 376 -5.65 -39.13 -10.30
N LEU E 377 -6.96 -39.28 -10.07
CA LEU E 377 -7.88 -39.83 -11.05
C LEU E 377 -8.05 -38.89 -12.24
N PHE E 378 -8.33 -37.62 -11.97
CA PHE E 378 -8.51 -36.65 -13.04
C PHE E 378 -7.24 -36.53 -13.91
N LYS E 379 -6.10 -36.56 -13.25
CA LYS E 379 -4.81 -36.48 -13.90
C LYS E 379 -4.61 -37.60 -14.92
N ARG E 380 -5.01 -38.83 -14.56
CA ARG E 380 -4.79 -40.00 -15.44
C ARG E 380 -5.71 -40.09 -16.65
N ILE E 381 -6.89 -39.46 -16.60
CA ILE E 381 -7.75 -39.43 -17.78
C ILE E 381 -7.29 -38.26 -18.67
N SER E 382 -6.81 -37.18 -18.03
CA SER E 382 -6.30 -36.02 -18.74
C SER E 382 -4.93 -36.35 -19.40
N GLU E 383 -4.40 -37.50 -19.00
CA GLU E 383 -3.12 -38.03 -19.47
C GLU E 383 -3.25 -38.73 -20.81
N GLN E 384 -4.36 -39.45 -20.99
CA GLN E 384 -4.65 -40.13 -22.25
C GLN E 384 -5.40 -39.18 -23.17
N PHE E 385 -5.92 -38.10 -22.61
CA PHE E 385 -6.62 -37.12 -23.44
C PHE E 385 -5.59 -36.29 -24.24
N THR E 386 -4.78 -35.48 -23.54
CA THR E 386 -3.75 -34.62 -24.14
C THR E 386 -2.73 -35.46 -24.85
N ALA E 387 -2.77 -36.77 -24.58
CA ALA E 387 -1.89 -37.75 -25.21
C ALA E 387 -2.45 -38.18 -26.58
N MET E 388 -3.72 -37.86 -26.83
CA MET E 388 -4.37 -38.19 -28.09
C MET E 388 -4.74 -36.91 -28.83
N PHE E 389 -5.27 -35.93 -28.10
CA PHE E 389 -5.65 -34.66 -28.68
C PHE E 389 -4.43 -33.84 -29.09
N ARG E 390 -3.27 -34.40 -28.77
CA ARG E 390 -1.96 -33.87 -29.14
C ARG E 390 -2.02 -33.65 -30.65
N ARG E 391 -1.77 -34.73 -31.37
CA ARG E 391 -1.80 -34.76 -32.81
C ARG E 391 -3.23 -35.12 -33.21
N LYS E 392 -4.18 -34.28 -32.81
CA LYS E 392 -5.62 -34.46 -33.06
C LYS E 392 -5.98 -35.87 -33.55
N ALA E 393 -6.23 -36.79 -32.62
CA ALA E 393 -6.55 -38.18 -32.95
C ALA E 393 -7.93 -38.35 -33.60
N PHE E 394 -8.64 -39.39 -33.18
CA PHE E 394 -9.98 -39.72 -33.68
C PHE E 394 -10.96 -38.56 -33.69
N LEU E 395 -10.45 -37.37 -33.40
CA LEU E 395 -11.22 -36.14 -33.30
C LEU E 395 -12.21 -35.87 -34.42
N HIS E 396 -11.85 -36.21 -35.65
CA HIS E 396 -12.74 -35.96 -36.77
C HIS E 396 -14.13 -36.59 -36.63
N TRP E 397 -14.30 -37.50 -35.67
CA TRP E 397 -15.61 -38.14 -35.43
C TRP E 397 -16.59 -37.18 -34.78
N TYR E 398 -16.06 -36.19 -34.06
CA TYR E 398 -16.83 -35.16 -33.38
C TYR E 398 -16.92 -33.93 -34.28
N THR E 399 -15.78 -33.41 -34.73
CA THR E 399 -15.74 -32.27 -35.65
C THR E 399 -16.97 -32.43 -36.51
N GLY E 400 -17.11 -33.62 -37.08
CA GLY E 400 -18.19 -33.95 -37.99
C GLY E 400 -19.61 -33.83 -37.48
N GLU E 401 -19.83 -34.18 -36.21
CA GLU E 401 -21.18 -34.09 -35.65
C GLU E 401 -21.57 -32.67 -35.28
N GLY E 402 -20.67 -31.71 -35.55
CA GLY E 402 -20.96 -30.30 -35.34
C GLY E 402 -20.13 -29.52 -34.36
N MET E 403 -19.28 -30.21 -33.60
CA MET E 403 -18.47 -29.59 -32.56
C MET E 403 -17.30 -28.76 -33.06
N ASP E 404 -16.84 -27.83 -32.24
CA ASP E 404 -15.67 -27.05 -32.61
C ASP E 404 -14.38 -27.54 -31.97
N GLU E 405 -13.28 -27.38 -32.70
CA GLU E 405 -11.96 -27.79 -32.24
C GLU E 405 -11.59 -27.26 -30.87
N MET E 406 -11.88 -25.98 -30.63
CA MET E 406 -11.52 -25.33 -29.37
C MET E 406 -12.44 -25.67 -28.19
N GLU E 407 -13.53 -26.39 -28.44
CA GLU E 407 -14.44 -26.83 -27.37
C GLU E 407 -13.78 -28.01 -26.64
N PHE E 408 -12.73 -28.54 -27.25
CA PHE E 408 -11.92 -29.61 -26.66
C PHE E 408 -10.88 -28.94 -25.76
N THR E 409 -10.11 -27.98 -26.30
CA THR E 409 -9.12 -27.27 -25.48
C THR E 409 -9.79 -26.61 -24.26
N GLU E 410 -10.99 -26.04 -24.47
CA GLU E 410 -11.78 -25.39 -23.42
C GLU E 410 -12.18 -26.34 -22.31
N ALA E 411 -12.32 -27.62 -22.66
CA ALA E 411 -12.68 -28.65 -21.70
C ALA E 411 -11.42 -29.09 -20.97
N GLU E 412 -10.39 -29.39 -21.76
CA GLU E 412 -9.10 -29.79 -21.22
C GLU E 412 -8.60 -28.76 -20.19
N SER E 413 -8.65 -27.48 -20.60
CA SER E 413 -8.21 -26.36 -19.75
C SER E 413 -8.97 -26.27 -18.44
N ASN E 414 -10.30 -26.39 -18.50
CA ASN E 414 -11.11 -26.37 -17.29
C ASN E 414 -10.69 -27.52 -16.38
N MET E 415 -10.50 -28.69 -16.97
CA MET E 415 -10.16 -29.90 -16.24
C MET E 415 -8.86 -29.90 -15.46
N ASN E 416 -7.81 -29.38 -16.09
CA ASN E 416 -6.48 -29.30 -15.46
C ASN E 416 -6.46 -28.33 -14.27
N ASP E 417 -7.35 -27.35 -14.32
CA ASP E 417 -7.49 -26.40 -13.24
C ASP E 417 -7.96 -27.16 -12.03
N LEU E 418 -8.97 -28.02 -12.26
CA LEU E 418 -9.56 -28.83 -11.21
C LEU E 418 -8.49 -29.62 -10.47
N VAL E 419 -7.44 -29.99 -11.21
CA VAL E 419 -6.29 -30.70 -10.66
C VAL E 419 -5.44 -29.67 -9.93
N SER E 420 -5.28 -28.51 -10.54
CA SER E 420 -4.47 -27.41 -9.99
C SER E 420 -5.12 -26.71 -8.79
N GLU E 421 -6.31 -27.15 -8.43
CA GLU E 421 -7.05 -26.61 -7.31
C GLU E 421 -6.98 -27.60 -6.17
N TYR E 422 -7.28 -28.85 -6.48
CA TYR E 422 -7.18 -29.94 -5.51
C TYR E 422 -5.76 -29.98 -4.92
N GLN E 423 -4.77 -29.74 -5.81
CA GLN E 423 -3.34 -29.76 -5.47
C GLN E 423 -2.95 -28.47 -4.74
N GLN E 424 -3.87 -27.51 -4.75
CA GLN E 424 -3.68 -26.24 -4.07
C GLN E 424 -4.10 -26.37 -2.61
N TYR E 425 -5.00 -27.32 -2.37
CA TYR E 425 -5.53 -27.48 -1.02
C TYR E 425 -4.82 -28.56 -0.22
N GLN E 426 -3.60 -28.87 -0.58
CA GLN E 426 -2.85 -29.72 0.31
C GLN E 426 -1.90 -28.69 0.94
N ASP E 427 -2.56 -27.69 1.54
CA ASP E 427 -1.96 -26.50 2.15
C ASP E 427 -1.58 -26.63 3.65
N ALA E 428 -2.17 -25.79 4.52
CA ALA E 428 -1.87 -25.81 5.97
C ALA E 428 -2.77 -24.86 6.75
#